data_2AW0
#
_entry.id   2AW0
#
_cell.length_a   1.000
_cell.length_b   1.000
_cell.length_c   1.000
_cell.angle_alpha   90.00
_cell.angle_beta   90.00
_cell.angle_gamma   90.00
#
_symmetry.space_group_name_H-M   'P 1'
#
loop_
_entity.id
_entity.type
_entity.pdbx_description
1 polymer 'MENKES COPPER-TRANSPORTING ATPASE'
2 non-polymer 'SILVER ION'
#
_entity_poly.entity_id   1
_entity_poly.type   'polypeptide(L)'
_entity_poly.pdbx_seq_one_letter_code
;LTQETVINIDGMTCNSCVQSIEGVISKKPGVKSIRVSLANSNGTVEYDPLLTSPETLRGAIEDMGFDATLSD
;
_entity_poly.pdbx_strand_id   A
#
# COMPACT_ATOMS: atom_id res chain seq x y z
N LEU A 1 7.69 -10.55 14.82
CA LEU A 1 6.76 -11.11 13.82
C LEU A 1 6.22 -10.02 12.91
N THR A 2 5.77 -10.42 11.71
CA THR A 2 5.22 -9.53 10.70
C THR A 2 3.69 -9.58 10.73
N GLN A 3 3.07 -8.55 10.14
CA GLN A 3 1.64 -8.41 9.98
C GLN A 3 1.34 -8.10 8.51
N GLU A 4 0.06 -8.08 8.14
CA GLU A 4 -0.39 -7.74 6.80
C GLU A 4 -1.62 -6.82 6.89
N THR A 5 -1.70 -5.84 6.01
CA THR A 5 -2.78 -4.85 5.96
C THR A 5 -3.31 -4.74 4.54
N VAL A 6 -4.64 -4.70 4.41
CA VAL A 6 -5.35 -4.44 3.17
C VAL A 6 -5.81 -2.98 3.23
N ILE A 7 -5.14 -2.12 2.44
CA ILE A 7 -5.47 -0.71 2.34
C ILE A 7 -6.29 -0.55 1.06
N ASN A 8 -7.51 -0.03 1.18
CA ASN A 8 -8.36 0.33 0.05
C ASN A 8 -7.82 1.62 -0.55
N ILE A 9 -7.53 1.60 -1.86
CA ILE A 9 -6.92 2.69 -2.59
C ILE A 9 -7.86 3.05 -3.74
N ASP A 10 -8.67 4.10 -3.56
CA ASP A 10 -9.62 4.53 -4.57
C ASP A 10 -9.06 5.73 -5.33
N GLY A 11 -9.50 5.87 -6.59
CA GLY A 11 -8.99 6.85 -7.53
C GLY A 11 -7.86 6.29 -8.41
N MET A 12 -7.72 4.96 -8.47
CA MET A 12 -6.76 4.29 -9.33
C MET A 12 -7.34 4.25 -10.75
N THR A 13 -6.76 5.02 -11.66
CA THR A 13 -7.28 5.19 -13.02
C THR A 13 -6.83 4.07 -13.95
N CYS A 14 -5.57 3.61 -13.82
CA CYS A 14 -4.99 2.60 -14.69
C CYS A 14 -3.81 1.92 -13.98
N ASN A 15 -3.17 0.95 -14.67
CA ASN A 15 -2.13 0.10 -14.10
C ASN A 15 -0.82 0.84 -13.81
N SER A 16 -0.63 2.06 -14.31
CA SER A 16 0.50 2.89 -13.91
C SER A 16 0.46 3.15 -12.39
N CYS A 17 -0.75 3.32 -11.84
CA CYS A 17 -0.97 3.46 -10.42
C CYS A 17 -0.44 2.22 -9.69
N VAL A 18 -0.88 1.03 -10.13
CA VAL A 18 -0.45 -0.24 -9.55
C VAL A 18 1.08 -0.32 -9.49
N GLN A 19 1.73 -0.13 -10.64
CA GLN A 19 3.18 -0.20 -10.80
C GLN A 19 3.89 0.78 -9.87
N SER A 20 3.51 2.06 -9.92
CA SER A 20 4.14 3.10 -9.12
C SER A 20 3.99 2.82 -7.62
N ILE A 21 2.77 2.51 -7.18
CA ILE A 21 2.46 2.26 -5.78
C ILE A 21 3.30 1.09 -5.25
N GLU A 22 3.23 -0.08 -5.91
CA GLU A 22 4.00 -1.24 -5.45
C GLU A 22 5.50 -0.97 -5.48
N GLY A 23 5.98 -0.24 -6.51
CA GLY A 23 7.37 0.16 -6.65
C GLY A 23 7.84 0.95 -5.44
N VAL A 24 7.13 2.02 -5.09
CA VAL A 24 7.44 2.88 -3.95
C VAL A 24 7.38 2.07 -2.65
N ILE A 25 6.26 1.40 -2.39
CA ILE A 25 6.01 0.72 -1.12
C ILE A 25 7.01 -0.40 -0.88
N SER A 26 7.37 -1.17 -1.91
CA SER A 26 8.33 -2.28 -1.78
C SER A 26 9.68 -1.83 -1.20
N LYS A 27 10.04 -0.55 -1.34
CA LYS A 27 11.30 0.00 -0.88
C LYS A 27 11.22 0.52 0.55
N LYS A 28 10.02 0.61 1.15
CA LYS A 28 9.83 1.08 2.51
C LYS A 28 10.38 0.03 3.50
N PRO A 29 11.03 0.47 4.59
CA PRO A 29 11.64 -0.43 5.56
C PRO A 29 10.55 -1.23 6.27
N GLY A 30 10.75 -2.55 6.37
CA GLY A 30 9.81 -3.47 6.99
C GLY A 30 8.94 -4.20 5.97
N VAL A 31 8.69 -3.61 4.79
CA VAL A 31 7.84 -4.21 3.78
C VAL A 31 8.51 -5.45 3.20
N LYS A 32 7.71 -6.51 2.98
CA LYS A 32 8.14 -7.76 2.38
C LYS A 32 7.33 -7.99 1.10
N SER A 33 6.33 -8.89 1.15
CA SER A 33 5.50 -9.18 -0.02
C SER A 33 4.43 -8.10 -0.18
N ILE A 34 4.01 -7.87 -1.44
CA ILE A 34 3.04 -6.83 -1.77
C ILE A 34 2.24 -7.25 -3.00
N ARG A 35 0.93 -6.97 -2.96
CA ARG A 35 -0.03 -7.27 -4.03
C ARG A 35 -0.98 -6.08 -4.18
N VAL A 36 -0.70 -5.19 -5.14
CA VAL A 36 -1.54 -4.04 -5.48
C VAL A 36 -2.38 -4.40 -6.71
N SER A 37 -3.64 -3.94 -6.73
CA SER A 37 -4.61 -4.27 -7.77
C SER A 37 -5.43 -3.05 -8.16
N LEU A 38 -5.55 -2.81 -9.47
CA LEU A 38 -6.45 -1.85 -10.08
C LEU A 38 -7.89 -2.34 -9.92
N ALA A 39 -8.13 -3.58 -10.34
CA ALA A 39 -9.45 -4.22 -10.35
C ALA A 39 -10.11 -4.19 -8.97
N ASN A 40 -9.36 -4.57 -7.92
CA ASN A 40 -9.86 -4.56 -6.55
C ASN A 40 -9.62 -3.21 -5.88
N SER A 41 -8.88 -2.30 -6.54
CA SER A 41 -8.64 -0.93 -6.10
C SER A 41 -8.09 -0.91 -4.68
N ASN A 42 -6.96 -1.60 -4.46
CA ASN A 42 -6.40 -1.80 -3.13
C ASN A 42 -4.93 -2.19 -3.18
N GLY A 43 -4.31 -2.24 -2.00
CA GLY A 43 -2.92 -2.63 -1.77
C GLY A 43 -2.84 -3.53 -0.55
N THR A 44 -2.49 -4.81 -0.77
CA THR A 44 -2.32 -5.81 0.26
C THR A 44 -0.82 -5.92 0.52
N VAL A 45 -0.37 -5.34 1.64
CA VAL A 45 1.04 -5.16 1.97
C VAL A 45 1.38 -5.96 3.22
N GLU A 46 2.37 -6.86 3.13
CA GLU A 46 2.96 -7.53 4.28
C GLU A 46 4.12 -6.68 4.78
N TYR A 47 4.19 -6.45 6.09
CA TYR A 47 5.12 -5.50 6.68
C TYR A 47 5.53 -5.89 8.10
N ASP A 48 6.62 -5.30 8.59
CA ASP A 48 7.10 -5.42 9.96
C ASP A 48 6.62 -4.21 10.79
N PRO A 49 5.76 -4.42 11.81
CA PRO A 49 5.25 -3.37 12.70
C PRO A 49 6.29 -2.40 13.27
N LEU A 50 7.48 -2.90 13.62
CA LEU A 50 8.50 -2.09 14.28
C LEU A 50 9.09 -1.05 13.31
N LEU A 51 9.12 -1.36 12.01
CA LEU A 51 9.78 -0.54 10.99
C LEU A 51 8.77 0.32 10.22
N THR A 52 7.53 -0.16 10.04
CA THR A 52 6.46 0.61 9.41
C THR A 52 5.10 0.16 9.95
N SER A 53 4.04 0.89 9.59
CA SER A 53 2.69 0.66 10.11
C SER A 53 1.65 0.87 8.99
N PRO A 54 0.40 0.41 9.18
CA PRO A 54 -0.69 0.67 8.25
C PRO A 54 -0.87 2.17 7.98
N GLU A 55 -0.72 3.00 9.02
CA GLU A 55 -0.83 4.45 8.91
C GLU A 55 0.31 5.05 8.09
N THR A 56 1.54 4.54 8.24
CA THR A 56 2.67 4.99 7.44
C THR A 56 2.41 4.69 5.96
N LEU A 57 2.02 3.45 5.66
CA LEU A 57 1.75 2.98 4.31
C LEU A 57 0.60 3.79 3.68
N ARG A 58 -0.53 3.87 4.38
CA ARG A 58 -1.69 4.67 4.00
C ARG A 58 -1.27 6.11 3.72
N GLY A 59 -0.45 6.68 4.61
CA GLY A 59 0.11 8.03 4.49
C GLY A 59 0.85 8.20 3.17
N ALA A 60 1.80 7.31 2.86
CA ALA A 60 2.58 7.37 1.63
C ALA A 60 1.69 7.31 0.39
N ILE A 61 0.70 6.41 0.37
CA ILE A 61 -0.25 6.30 -0.73
C ILE A 61 -1.02 7.61 -0.90
N GLU A 62 -1.48 8.19 0.21
CA GLU A 62 -2.19 9.46 0.23
C GLU A 62 -1.29 10.58 -0.30
N ASP A 63 0.00 10.57 0.06
CA ASP A 63 1.00 11.53 -0.40
C ASP A 63 1.20 11.44 -1.90
N MET A 64 1.24 10.21 -2.46
CA MET A 64 1.30 10.01 -3.90
C MET A 64 0.08 10.64 -4.58
N GLY A 65 -1.12 10.40 -4.02
CA GLY A 65 -2.34 11.10 -4.42
C GLY A 65 -3.46 10.13 -4.76
N PHE A 66 -3.90 9.35 -3.76
CA PHE A 66 -5.06 8.47 -3.87
C PHE A 66 -5.85 8.50 -2.55
N ASP A 67 -7.13 8.13 -2.62
CA ASP A 67 -7.96 8.02 -1.44
C ASP A 67 -7.60 6.72 -0.72
N ALA A 68 -6.68 6.82 0.25
CA ALA A 68 -6.12 5.69 0.97
C ALA A 68 -6.83 5.57 2.32
N THR A 69 -7.45 4.42 2.57
CA THR A 69 -8.13 4.12 3.83
C THR A 69 -8.02 2.62 4.11
N LEU A 70 -7.97 2.22 5.38
CA LEU A 70 -7.83 0.83 5.76
C LEU A 70 -9.13 0.07 5.46
N SER A 71 -9.02 -1.24 5.21
CA SER A 71 -10.18 -2.13 5.11
C SER A 71 -10.98 -2.12 6.41
N ASP A 72 -10.28 -2.08 7.55
CA ASP A 72 -10.85 -1.98 8.88
C ASP A 72 -9.84 -1.26 9.78
N LEU A 1 8.40 -10.80 13.85
CA LEU A 1 7.04 -10.25 14.06
C LEU A 1 6.60 -9.45 12.83
N THR A 2 5.65 -10.01 12.07
CA THR A 2 5.11 -9.41 10.85
C THR A 2 3.58 -9.51 10.86
N GLN A 3 2.94 -8.65 10.07
CA GLN A 3 1.50 -8.61 9.87
C GLN A 3 1.20 -8.30 8.39
N GLU A 4 -0.07 -8.37 8.01
CA GLU A 4 -0.57 -7.96 6.70
C GLU A 4 -1.66 -6.92 6.90
N THR A 5 -1.70 -5.90 6.03
CA THR A 5 -2.70 -4.86 6.02
C THR A 5 -3.27 -4.69 4.61
N VAL A 6 -4.60 -4.67 4.51
CA VAL A 6 -5.33 -4.40 3.29
C VAL A 6 -5.79 -2.94 3.35
N ILE A 7 -5.10 -2.09 2.59
CA ILE A 7 -5.44 -0.68 2.47
C ILE A 7 -6.22 -0.51 1.17
N ASN A 8 -7.42 0.08 1.24
CA ASN A 8 -8.21 0.41 0.06
C ASN A 8 -7.57 1.62 -0.61
N ILE A 9 -7.33 1.53 -1.92
CA ILE A 9 -6.67 2.55 -2.72
C ILE A 9 -7.57 2.83 -3.91
N ASP A 10 -8.48 3.79 -3.76
CA ASP A 10 -9.41 4.18 -4.83
C ASP A 10 -8.88 5.43 -5.53
N GLY A 11 -9.39 5.68 -6.73
CA GLY A 11 -8.95 6.77 -7.58
C GLY A 11 -7.68 6.43 -8.36
N MET A 12 -7.37 5.14 -8.55
CA MET A 12 -6.31 4.70 -9.45
C MET A 12 -6.84 4.72 -10.87
N THR A 13 -6.09 5.36 -11.78
CA THR A 13 -6.53 5.58 -13.15
C THR A 13 -6.25 4.36 -14.02
N CYS A 14 -5.03 3.81 -13.91
CA CYS A 14 -4.54 2.76 -14.80
C CYS A 14 -3.30 2.09 -14.21
N ASN A 15 -2.80 1.05 -14.90
CA ASN A 15 -1.71 0.19 -14.44
C ASN A 15 -0.47 0.97 -14.00
N SER A 16 -0.14 2.08 -14.66
CA SER A 16 0.99 2.93 -14.27
C SER A 16 0.94 3.27 -12.78
N CYS A 17 -0.25 3.57 -12.26
CA CYS A 17 -0.46 3.85 -10.84
C CYS A 17 -0.16 2.61 -10.00
N VAL A 18 -0.72 1.45 -10.39
CA VAL A 18 -0.49 0.17 -9.71
C VAL A 18 1.01 -0.09 -9.56
N GLN A 19 1.75 -0.04 -10.67
CA GLN A 19 3.18 -0.28 -10.70
C GLN A 19 3.95 0.74 -9.86
N SER A 20 3.59 2.02 -9.95
CA SER A 20 4.23 3.10 -9.20
C SER A 20 4.10 2.84 -7.69
N ILE A 21 2.87 2.64 -7.22
CA ILE A 21 2.55 2.37 -5.83
C ILE A 21 3.35 1.15 -5.34
N GLU A 22 3.25 0.04 -6.08
CA GLU A 22 3.92 -1.21 -5.78
C GLU A 22 5.42 -0.98 -5.60
N GLY A 23 6.07 -0.38 -6.60
CA GLY A 23 7.49 -0.10 -6.61
C GLY A 23 7.93 0.73 -5.41
N VAL A 24 7.28 1.88 -5.20
CA VAL A 24 7.60 2.81 -4.13
C VAL A 24 7.48 2.12 -2.75
N ILE A 25 6.36 1.45 -2.49
CA ILE A 25 6.07 0.85 -1.20
C ILE A 25 6.99 -0.34 -0.92
N SER A 26 7.26 -1.19 -1.93
CA SER A 26 8.10 -2.37 -1.77
C SER A 26 9.50 -2.05 -1.24
N LYS A 27 9.98 -0.81 -1.46
CA LYS A 27 11.32 -0.38 -1.08
C LYS A 27 11.36 0.20 0.35
N LYS A 28 10.21 0.39 1.01
CA LYS A 28 10.18 0.91 2.37
C LYS A 28 10.70 -0.15 3.36
N PRO A 29 11.46 0.27 4.38
CA PRO A 29 11.96 -0.64 5.41
C PRO A 29 10.77 -1.16 6.21
N GLY A 30 10.70 -2.49 6.36
CA GLY A 30 9.59 -3.17 7.02
C GLY A 30 8.73 -3.92 6.02
N VAL A 31 8.49 -3.35 4.83
CA VAL A 31 7.69 -3.98 3.80
C VAL A 31 8.45 -5.17 3.21
N LYS A 32 7.73 -6.28 2.99
CA LYS A 32 8.27 -7.49 2.38
C LYS A 32 7.57 -7.70 1.04
N SER A 33 6.54 -8.55 0.98
CA SER A 33 5.76 -8.77 -0.23
C SER A 33 4.57 -7.80 -0.28
N ILE A 34 4.08 -7.52 -1.48
CA ILE A 34 2.98 -6.58 -1.72
C ILE A 34 2.20 -7.01 -2.97
N ARG A 35 0.88 -6.83 -2.94
CA ARG A 35 -0.01 -7.03 -4.09
C ARG A 35 -0.91 -5.80 -4.23
N VAL A 36 -0.65 -4.96 -5.23
CA VAL A 36 -1.51 -3.83 -5.59
C VAL A 36 -2.39 -4.26 -6.76
N SER A 37 -3.69 -3.92 -6.72
CA SER A 37 -4.67 -4.32 -7.72
C SER A 37 -5.61 -3.16 -8.04
N LEU A 38 -5.73 -2.83 -9.33
CA LEU A 38 -6.72 -1.90 -9.85
C LEU A 38 -8.12 -2.50 -9.75
N ALA A 39 -8.26 -3.78 -10.15
CA ALA A 39 -9.52 -4.51 -10.14
C ALA A 39 -10.18 -4.46 -8.77
N ASN A 40 -9.40 -4.72 -7.71
CA ASN A 40 -9.88 -4.67 -6.33
C ASN A 40 -9.72 -3.26 -5.73
N SER A 41 -8.97 -2.37 -6.39
CA SER A 41 -8.70 -1.00 -5.94
C SER A 41 -8.13 -1.00 -4.52
N ASN A 42 -7.01 -1.71 -4.32
CA ASN A 42 -6.42 -1.89 -3.02
C ASN A 42 -4.92 -2.20 -3.10
N GLY A 43 -4.29 -2.24 -1.93
CA GLY A 43 -2.91 -2.61 -1.70
C GLY A 43 -2.86 -3.54 -0.48
N THR A 44 -2.54 -4.81 -0.72
CA THR A 44 -2.40 -5.83 0.31
C THR A 44 -0.91 -5.97 0.59
N VAL A 45 -0.44 -5.36 1.69
CA VAL A 45 0.96 -5.19 2.01
C VAL A 45 1.31 -6.07 3.22
N GLU A 46 2.32 -6.93 3.08
CA GLU A 46 2.93 -7.66 4.20
C GLU A 46 4.08 -6.80 4.71
N TYR A 47 4.09 -6.54 6.03
CA TYR A 47 4.98 -5.57 6.64
C TYR A 47 5.39 -5.98 8.05
N ASP A 48 6.40 -5.30 8.59
CA ASP A 48 6.89 -5.45 9.96
C ASP A 48 6.44 -4.24 10.80
N PRO A 49 5.52 -4.43 11.76
CA PRO A 49 5.04 -3.38 12.67
C PRO A 49 6.10 -2.48 13.29
N LEU A 50 7.26 -3.03 13.65
CA LEU A 50 8.31 -2.27 14.32
C LEU A 50 8.95 -1.25 13.37
N LEU A 51 8.99 -1.55 12.06
CA LEU A 51 9.70 -0.76 11.07
C LEU A 51 8.75 0.15 10.28
N THR A 52 7.50 -0.27 10.06
CA THR A 52 6.46 0.55 9.43
C THR A 52 5.09 0.15 9.97
N SER A 53 4.04 0.93 9.66
CA SER A 53 2.69 0.72 10.16
C SER A 53 1.66 0.91 9.04
N PRO A 54 0.42 0.42 9.21
CA PRO A 54 -0.68 0.69 8.28
C PRO A 54 -0.87 2.18 8.03
N GLU A 55 -0.72 3.00 9.08
CA GLU A 55 -0.89 4.44 9.02
C GLU A 55 0.23 5.09 8.19
N THR A 56 1.47 4.63 8.35
CA THR A 56 2.60 5.10 7.55
C THR A 56 2.34 4.83 6.06
N LEU A 57 1.97 3.59 5.74
CA LEU A 57 1.68 3.15 4.39
C LEU A 57 0.53 3.97 3.78
N ARG A 58 -0.58 4.09 4.52
CA ARG A 58 -1.74 4.91 4.16
C ARG A 58 -1.30 6.34 3.84
N GLY A 59 -0.48 6.94 4.72
CA GLY A 59 0.06 8.28 4.56
C GLY A 59 0.83 8.43 3.25
N ALA A 60 1.71 7.46 2.94
CA ALA A 60 2.50 7.47 1.72
C ALA A 60 1.61 7.39 0.48
N ILE A 61 0.60 6.52 0.48
CA ILE A 61 -0.35 6.38 -0.62
C ILE A 61 -1.11 7.69 -0.83
N GLU A 62 -1.57 8.30 0.27
CA GLU A 62 -2.26 9.59 0.25
C GLU A 62 -1.35 10.67 -0.34
N ASP A 63 -0.06 10.67 0.03
CA ASP A 63 0.93 11.60 -0.47
C ASP A 63 1.13 11.43 -1.99
N MET A 64 1.22 10.18 -2.47
CA MET A 64 1.29 9.90 -3.90
C MET A 64 0.05 10.41 -4.62
N GLY A 65 -1.13 10.32 -3.98
CA GLY A 65 -2.36 10.96 -4.44
C GLY A 65 -3.43 9.95 -4.80
N PHE A 66 -3.84 9.12 -3.83
CA PHE A 66 -4.94 8.19 -3.96
C PHE A 66 -5.74 8.16 -2.66
N ASP A 67 -7.01 7.72 -2.75
CA ASP A 67 -7.91 7.64 -1.60
C ASP A 67 -7.51 6.43 -0.75
N ALA A 68 -6.68 6.68 0.28
CA ALA A 68 -6.07 5.67 1.11
C ALA A 68 -6.84 5.53 2.42
N THR A 69 -7.52 4.39 2.64
CA THR A 69 -8.28 4.10 3.85
C THR A 69 -8.12 2.63 4.21
N LEU A 70 -7.84 2.34 5.49
CA LEU A 70 -7.66 0.98 5.99
C LEU A 70 -8.98 0.19 5.89
N SER A 71 -8.87 -1.13 5.71
CA SER A 71 -10.00 -2.04 5.74
C SER A 71 -10.59 -2.13 7.16
N ASP A 72 -9.72 -2.46 8.13
CA ASP A 72 -10.07 -2.66 9.54
C ASP A 72 -11.01 -3.86 9.69
N LEU A 1 5.88 -8.05 14.94
CA LEU A 1 6.97 -8.71 14.19
C LEU A 1 6.63 -8.85 12.72
N THR A 2 5.48 -9.48 12.42
CA THR A 2 4.97 -9.67 11.07
C THR A 2 3.45 -9.47 11.07
N GLN A 3 2.95 -8.59 10.20
CA GLN A 3 1.52 -8.36 9.99
C GLN A 3 1.27 -8.13 8.50
N GLU A 4 -0.01 -8.07 8.11
CA GLU A 4 -0.45 -7.74 6.77
C GLU A 4 -1.68 -6.85 6.86
N THR A 5 -1.77 -5.86 5.97
CA THR A 5 -2.86 -4.90 5.91
C THR A 5 -3.37 -4.79 4.47
N VAL A 6 -4.71 -4.72 4.34
CA VAL A 6 -5.41 -4.51 3.08
C VAL A 6 -5.94 -3.07 3.12
N ILE A 7 -5.23 -2.17 2.43
CA ILE A 7 -5.56 -0.76 2.37
C ILE A 7 -6.27 -0.52 1.03
N ASN A 8 -7.55 -0.14 1.07
CA ASN A 8 -8.30 0.26 -0.11
C ASN A 8 -7.71 1.56 -0.66
N ILE A 9 -7.33 1.54 -1.94
CA ILE A 9 -6.75 2.68 -2.65
C ILE A 9 -7.76 3.08 -3.71
N ASP A 10 -8.53 4.14 -3.44
CA ASP A 10 -9.59 4.62 -4.30
C ASP A 10 -9.09 5.81 -5.12
N GLY A 11 -9.59 5.91 -6.35
CA GLY A 11 -9.24 6.97 -7.29
C GLY A 11 -7.98 6.65 -8.10
N MET A 12 -7.68 5.36 -8.32
CA MET A 12 -6.63 4.95 -9.25
C MET A 12 -7.18 5.01 -10.68
N THR A 13 -6.38 5.56 -11.60
CA THR A 13 -6.79 5.81 -12.98
C THR A 13 -6.57 4.55 -13.82
N CYS A 14 -5.40 3.92 -13.70
CA CYS A 14 -5.02 2.76 -14.51
C CYS A 14 -3.87 2.01 -13.84
N ASN A 15 -3.38 0.95 -14.49
CA ASN A 15 -2.35 0.06 -13.97
C ASN A 15 -1.02 0.78 -13.70
N SER A 16 -0.75 1.91 -14.37
CA SER A 16 0.43 2.73 -14.11
C SER A 16 0.48 3.18 -12.64
N CYS A 17 -0.69 3.50 -12.05
CA CYS A 17 -0.78 3.88 -10.65
C CYS A 17 -0.36 2.70 -9.76
N VAL A 18 -0.96 1.53 -9.99
CA VAL A 18 -0.65 0.28 -9.29
C VAL A 18 0.86 0.01 -9.33
N GLN A 19 1.44 0.08 -10.52
CA GLN A 19 2.87 -0.12 -10.76
C GLN A 19 3.71 0.86 -9.92
N SER A 20 3.36 2.14 -9.95
CA SER A 20 4.07 3.18 -9.22
C SER A 20 4.01 2.94 -7.70
N ILE A 21 2.80 2.75 -7.17
CA ILE A 21 2.54 2.51 -5.75
C ILE A 21 3.35 1.32 -5.27
N GLU A 22 3.20 0.17 -5.92
CA GLU A 22 3.90 -1.06 -5.57
C GLU A 22 5.41 -0.85 -5.67
N GLY A 23 5.87 -0.23 -6.77
CA GLY A 23 7.27 0.08 -7.04
C GLY A 23 7.92 0.83 -5.88
N VAL A 24 7.26 1.89 -5.38
CA VAL A 24 7.75 2.67 -4.25
C VAL A 24 7.73 1.83 -2.98
N ILE A 25 6.53 1.40 -2.56
CA ILE A 25 6.30 0.79 -1.25
C ILE A 25 7.14 -0.48 -1.05
N SER A 26 7.31 -1.31 -2.10
CA SER A 26 8.12 -2.53 -2.05
C SER A 26 9.52 -2.29 -1.46
N LYS A 27 10.11 -1.11 -1.71
CA LYS A 27 11.48 -0.80 -1.30
C LYS A 27 11.54 -0.18 0.10
N LYS A 28 10.40 0.28 0.65
CA LYS A 28 10.38 0.96 1.93
C LYS A 28 10.66 -0.02 3.08
N PRO A 29 11.38 0.42 4.13
CA PRO A 29 11.80 -0.46 5.22
C PRO A 29 10.60 -1.01 5.97
N GLY A 30 10.65 -2.30 6.29
CA GLY A 30 9.58 -3.01 6.97
C GLY A 30 8.74 -3.83 5.99
N VAL A 31 8.53 -3.32 4.76
CA VAL A 31 7.69 -3.98 3.77
C VAL A 31 8.37 -5.27 3.30
N LYS A 32 7.62 -6.38 3.35
CA LYS A 32 8.05 -7.69 2.90
C LYS A 32 7.48 -7.94 1.50
N SER A 33 6.42 -8.74 1.38
CA SER A 33 5.70 -8.95 0.12
C SER A 33 4.61 -7.88 -0.02
N ILE A 34 4.24 -7.57 -1.27
CA ILE A 34 3.22 -6.58 -1.57
C ILE A 34 2.50 -6.95 -2.87
N ARG A 35 1.17 -6.85 -2.87
CA ARG A 35 0.30 -7.14 -4.00
C ARG A 35 -0.74 -6.03 -4.13
N VAL A 36 -0.51 -5.09 -5.06
CA VAL A 36 -1.44 -4.00 -5.36
C VAL A 36 -2.26 -4.38 -6.61
N SER A 37 -3.56 -4.08 -6.60
CA SER A 37 -4.50 -4.48 -7.63
C SER A 37 -5.42 -3.32 -8.03
N LEU A 38 -5.57 -3.10 -9.34
CA LEU A 38 -6.49 -2.13 -9.91
C LEU A 38 -7.92 -2.65 -9.75
N ALA A 39 -8.15 -3.90 -10.16
CA ALA A 39 -9.45 -4.56 -10.15
C ALA A 39 -10.09 -4.54 -8.76
N ASN A 40 -9.31 -4.85 -7.73
CA ASN A 40 -9.77 -4.83 -6.34
C ASN A 40 -9.57 -3.45 -5.71
N SER A 41 -8.86 -2.54 -6.38
CA SER A 41 -8.65 -1.16 -5.99
C SER A 41 -8.07 -1.08 -4.57
N ASN A 42 -6.96 -1.81 -4.34
CA ASN A 42 -6.39 -1.95 -3.01
C ASN A 42 -4.92 -2.33 -3.07
N GLY A 43 -4.27 -2.28 -1.90
CA GLY A 43 -2.89 -2.64 -1.66
C GLY A 43 -2.83 -3.62 -0.50
N THR A 44 -2.44 -4.87 -0.78
CA THR A 44 -2.28 -5.92 0.21
C THR A 44 -0.80 -5.97 0.55
N VAL A 45 -0.41 -5.24 1.60
CA VAL A 45 0.97 -5.02 1.99
C VAL A 45 1.29 -5.86 3.22
N GLU A 46 2.27 -6.77 3.12
CA GLU A 46 2.83 -7.49 4.25
C GLU A 46 3.99 -6.64 4.78
N TYR A 47 4.06 -6.45 6.10
CA TYR A 47 4.98 -5.51 6.71
C TYR A 47 5.41 -5.94 8.11
N ASP A 48 6.45 -5.28 8.63
CA ASP A 48 6.94 -5.41 10.00
C ASP A 48 6.47 -4.19 10.80
N PRO A 49 5.57 -4.37 11.80
CA PRO A 49 5.12 -3.35 12.73
C PRO A 49 6.23 -2.46 13.31
N LEU A 50 7.41 -3.04 13.56
CA LEU A 50 8.53 -2.34 14.15
C LEU A 50 9.07 -1.23 13.24
N LEU A 51 9.07 -1.48 11.92
CA LEU A 51 9.69 -0.60 10.93
C LEU A 51 8.67 0.30 10.23
N THR A 52 7.43 -0.18 10.02
CA THR A 52 6.36 0.60 9.41
C THR A 52 5.00 0.16 9.98
N SER A 53 3.91 0.82 9.57
CA SER A 53 2.58 0.60 10.09
C SER A 53 1.53 0.84 9.00
N PRO A 54 0.28 0.38 9.17
CA PRO A 54 -0.82 0.67 8.26
C PRO A 54 -0.99 2.16 8.02
N GLU A 55 -0.86 2.98 9.07
CA GLU A 55 -1.00 4.42 9.01
C GLU A 55 0.13 5.06 8.19
N THR A 56 1.36 4.56 8.35
CA THR A 56 2.51 5.03 7.56
C THR A 56 2.27 4.77 6.08
N LEU A 57 1.88 3.53 5.74
CA LEU A 57 1.61 3.10 4.38
C LEU A 57 0.47 3.93 3.77
N ARG A 58 -0.63 4.06 4.50
CA ARG A 58 -1.77 4.89 4.13
C ARG A 58 -1.30 6.32 3.82
N GLY A 59 -0.51 6.91 4.72
CA GLY A 59 0.06 8.25 4.58
C GLY A 59 0.89 8.38 3.30
N ALA A 60 1.72 7.37 3.00
CA ALA A 60 2.54 7.35 1.80
C ALA A 60 1.67 7.36 0.53
N ILE A 61 0.57 6.59 0.54
CA ILE A 61 -0.35 6.53 -0.58
C ILE A 61 -1.07 7.86 -0.76
N GLU A 62 -1.47 8.52 0.35
CA GLU A 62 -2.02 9.86 0.30
C GLU A 62 -1.01 10.84 -0.30
N ASP A 63 0.27 10.74 0.09
CA ASP A 63 1.33 11.59 -0.44
C ASP A 63 1.49 11.40 -1.96
N MET A 64 1.47 10.14 -2.43
CA MET A 64 1.49 9.84 -3.86
C MET A 64 0.25 10.39 -4.57
N GLY A 65 -0.90 10.43 -3.88
CA GLY A 65 -2.10 11.12 -4.33
C GLY A 65 -3.24 10.18 -4.67
N PHE A 66 -3.64 9.33 -3.71
CA PHE A 66 -4.82 8.48 -3.82
C PHE A 66 -5.55 8.43 -2.49
N ASP A 67 -6.87 8.24 -2.53
CA ASP A 67 -7.69 8.16 -1.31
C ASP A 67 -7.47 6.80 -0.67
N ALA A 68 -6.61 6.77 0.36
CA ALA A 68 -6.19 5.55 1.05
C ALA A 68 -6.98 5.42 2.35
N THR A 69 -7.59 4.25 2.56
CA THR A 69 -8.30 3.91 3.78
C THR A 69 -8.20 2.39 3.99
N LEU A 70 -8.61 1.90 5.16
CA LEU A 70 -8.54 0.49 5.49
C LEU A 70 -9.60 -0.29 4.71
N SER A 71 -9.50 -1.63 4.74
CA SER A 71 -10.47 -2.55 4.15
C SER A 71 -11.90 -2.21 4.55
N ASP A 72 -12.11 -2.02 5.87
CA ASP A 72 -13.35 -1.53 6.43
C ASP A 72 -13.37 -0.01 6.32
N LEU A 1 9.49 -9.68 12.20
CA LEU A 1 8.05 -9.77 12.51
C LEU A 1 7.21 -9.53 11.25
N THR A 2 6.15 -10.32 11.06
CA THR A 2 5.27 -10.28 9.90
C THR A 2 3.84 -10.00 10.35
N GLN A 3 3.31 -8.83 9.96
CA GLN A 3 1.91 -8.48 10.09
C GLN A 3 1.42 -8.05 8.71
N GLU A 4 0.13 -8.27 8.42
CA GLU A 4 -0.47 -7.99 7.13
C GLU A 4 -1.59 -6.97 7.28
N THR A 5 -1.80 -6.15 6.24
CA THR A 5 -2.86 -5.18 6.16
C THR A 5 -3.34 -5.07 4.71
N VAL A 6 -4.64 -4.80 4.55
CA VAL A 6 -5.26 -4.49 3.27
C VAL A 6 -5.72 -3.04 3.35
N ILE A 7 -5.29 -2.22 2.38
CA ILE A 7 -5.61 -0.80 2.31
C ILE A 7 -6.33 -0.59 0.98
N ASN A 8 -7.48 0.12 1.00
CA ASN A 8 -8.19 0.51 -0.21
C ASN A 8 -7.51 1.76 -0.77
N ILE A 9 -7.06 1.68 -2.03
CA ILE A 9 -6.52 2.79 -2.79
C ILE A 9 -7.55 3.12 -3.86
N ASP A 10 -8.42 4.10 -3.58
CA ASP A 10 -9.49 4.50 -4.47
C ASP A 10 -9.07 5.74 -5.25
N GLY A 11 -9.54 5.85 -6.50
CA GLY A 11 -9.27 6.96 -7.38
C GLY A 11 -7.96 6.80 -8.14
N MET A 12 -7.67 5.58 -8.63
CA MET A 12 -6.56 5.35 -9.55
C MET A 12 -7.00 5.78 -10.95
N THR A 13 -6.07 6.36 -11.72
CA THR A 13 -6.32 6.81 -13.09
C THR A 13 -6.17 5.65 -14.07
N CYS A 14 -5.12 4.83 -13.89
CA CYS A 14 -4.79 3.71 -14.78
C CYS A 14 -3.82 2.77 -14.05
N ASN A 15 -3.41 1.69 -14.74
CA ASN A 15 -2.55 0.65 -14.20
C ASN A 15 -1.17 1.16 -13.79
N SER A 16 -0.68 2.25 -14.37
CA SER A 16 0.57 2.88 -13.98
C SER A 16 0.61 3.17 -12.47
N CYS A 17 -0.54 3.54 -11.89
CA CYS A 17 -0.67 3.76 -10.46
C CYS A 17 -0.27 2.51 -9.67
N VAL A 18 -0.82 1.34 -10.05
CA VAL A 18 -0.51 0.06 -9.42
C VAL A 18 1.01 -0.13 -9.34
N GLN A 19 1.69 0.05 -10.49
CA GLN A 19 3.12 -0.09 -10.60
C GLN A 19 3.83 0.88 -9.65
N SER A 20 3.50 2.18 -9.71
CA SER A 20 4.11 3.20 -8.87
C SER A 20 3.98 2.85 -7.38
N ILE A 21 2.77 2.46 -6.95
CA ILE A 21 2.46 2.14 -5.56
C ILE A 21 3.34 0.98 -5.09
N GLU A 22 3.26 -0.18 -5.75
CA GLU A 22 4.05 -1.35 -5.35
C GLU A 22 5.55 -1.06 -5.43
N GLY A 23 5.96 -0.26 -6.43
CA GLY A 23 7.35 0.14 -6.63
C GLY A 23 7.88 0.85 -5.39
N VAL A 24 7.26 1.96 -5.00
CA VAL A 24 7.64 2.71 -3.81
C VAL A 24 7.59 1.81 -2.57
N ILE A 25 6.41 1.24 -2.30
CA ILE A 25 6.13 0.53 -1.06
C ILE A 25 7.07 -0.65 -0.84
N SER A 26 7.37 -1.43 -1.90
CA SER A 26 8.29 -2.56 -1.81
C SER A 26 9.66 -2.17 -1.24
N LYS A 27 10.11 -0.93 -1.47
CA LYS A 27 11.41 -0.44 -1.02
C LYS A 27 11.35 0.18 0.38
N LYS A 28 10.15 0.43 0.94
CA LYS A 28 10.04 1.01 2.27
C LYS A 28 10.50 -0.01 3.32
N PRO A 29 11.19 0.43 4.38
CA PRO A 29 11.76 -0.45 5.39
C PRO A 29 10.64 -1.15 6.16
N GLY A 30 10.74 -2.47 6.30
CA GLY A 30 9.75 -3.30 6.95
C GLY A 30 8.92 -4.10 5.96
N VAL A 31 8.65 -3.54 4.77
CA VAL A 31 7.80 -4.19 3.77
C VAL A 31 8.48 -5.46 3.24
N LYS A 32 7.68 -6.52 3.05
CA LYS A 32 8.11 -7.82 2.58
C LYS A 32 7.33 -8.14 1.29
N SER A 33 6.34 -9.05 1.35
CA SER A 33 5.52 -9.39 0.20
C SER A 33 4.44 -8.32 -0.01
N ILE A 34 4.10 -8.04 -1.27
CA ILE A 34 3.10 -7.04 -1.62
C ILE A 34 2.41 -7.41 -2.94
N ARG A 35 1.11 -7.12 -3.03
CA ARG A 35 0.31 -7.17 -4.24
C ARG A 35 -0.63 -5.96 -4.24
N VAL A 36 -0.69 -5.23 -5.36
CA VAL A 36 -1.58 -4.10 -5.58
C VAL A 36 -2.42 -4.37 -6.83
N SER A 37 -3.68 -3.92 -6.85
CA SER A 37 -4.65 -4.21 -7.90
C SER A 37 -5.47 -2.97 -8.24
N LEU A 38 -5.60 -2.70 -9.54
CA LEU A 38 -6.50 -1.68 -10.09
C LEU A 38 -7.94 -2.18 -10.01
N ALA A 39 -8.18 -3.40 -10.50
CA ALA A 39 -9.49 -4.03 -10.55
C ALA A 39 -10.18 -4.01 -9.19
N ASN A 40 -9.44 -4.37 -8.13
CA ASN A 40 -9.94 -4.37 -6.76
C ASN A 40 -9.72 -3.03 -6.07
N SER A 41 -8.91 -2.14 -6.67
CA SER A 41 -8.60 -0.81 -6.14
C SER A 41 -8.09 -0.89 -4.71
N ASN A 42 -7.09 -1.75 -4.48
CA ASN A 42 -6.57 -2.01 -3.14
C ASN A 42 -5.11 -2.48 -3.20
N GLY A 43 -4.51 -2.61 -2.00
CA GLY A 43 -3.13 -2.97 -1.80
C GLY A 43 -3.02 -3.86 -0.56
N THR A 44 -2.61 -5.11 -0.76
CA THR A 44 -2.37 -6.10 0.28
C THR A 44 -0.87 -6.12 0.54
N VAL A 45 -0.46 -5.73 1.75
CA VAL A 45 0.94 -5.50 2.10
C VAL A 45 1.28 -6.28 3.37
N GLU A 46 2.37 -7.06 3.33
CA GLU A 46 3.00 -7.68 4.49
C GLU A 46 4.16 -6.79 4.90
N TYR A 47 4.27 -6.51 6.20
CA TYR A 47 5.22 -5.53 6.73
C TYR A 47 5.66 -5.89 8.14
N ASP A 48 6.72 -5.22 8.62
CA ASP A 48 7.22 -5.31 9.98
C ASP A 48 6.75 -4.07 10.77
N PRO A 49 5.87 -4.24 11.79
CA PRO A 49 5.40 -3.19 12.68
C PRO A 49 6.47 -2.21 13.18
N LEU A 50 7.66 -2.73 13.51
CA LEU A 50 8.74 -1.94 14.10
C LEU A 50 9.23 -0.85 13.15
N LEU A 51 9.23 -1.12 11.84
CA LEU A 51 9.81 -0.26 10.82
C LEU A 51 8.75 0.54 10.06
N THR A 52 7.53 0.00 9.92
CA THR A 52 6.42 0.71 9.26
C THR A 52 5.09 0.19 9.84
N SER A 53 3.99 0.91 9.57
CA SER A 53 2.66 0.59 10.08
C SER A 53 1.62 0.81 8.97
N PRO A 54 0.36 0.34 9.14
CA PRO A 54 -0.73 0.60 8.22
C PRO A 54 -0.93 2.10 7.96
N GLU A 55 -0.77 2.92 9.01
CA GLU A 55 -0.90 4.37 8.93
C GLU A 55 0.23 4.98 8.08
N THR A 56 1.46 4.46 8.21
CA THR A 56 2.59 4.91 7.41
C THR A 56 2.32 4.64 5.92
N LEU A 57 1.89 3.41 5.61
CA LEU A 57 1.56 2.98 4.26
C LEU A 57 0.43 3.85 3.69
N ARG A 58 -0.67 3.96 4.42
CA ARG A 58 -1.82 4.79 4.08
C ARG A 58 -1.38 6.24 3.79
N GLY A 59 -0.53 6.79 4.66
CA GLY A 59 0.00 8.14 4.53
C GLY A 59 0.75 8.33 3.21
N ALA A 60 1.65 7.40 2.87
CA ALA A 60 2.42 7.46 1.63
C ALA A 60 1.49 7.41 0.41
N ILE A 61 0.52 6.48 0.41
CA ILE A 61 -0.46 6.35 -0.66
C ILE A 61 -1.23 7.67 -0.82
N GLU A 62 -1.64 8.28 0.30
CA GLU A 62 -2.33 9.56 0.29
C GLU A 62 -1.45 10.65 -0.33
N ASP A 63 -0.16 10.67 0.03
CA ASP A 63 0.82 11.62 -0.47
C ASP A 63 1.01 11.50 -1.99
N MET A 64 1.02 10.27 -2.54
CA MET A 64 1.06 10.05 -3.98
C MET A 64 -0.10 10.79 -4.65
N GLY A 65 -1.32 10.62 -4.11
CA GLY A 65 -2.52 11.33 -4.55
C GLY A 65 -3.64 10.35 -4.86
N PHE A 66 -4.02 9.55 -3.85
CA PHE A 66 -5.12 8.59 -3.94
C PHE A 66 -5.89 8.62 -2.63
N ASP A 67 -7.19 8.29 -2.67
CA ASP A 67 -8.00 8.18 -1.46
C ASP A 67 -7.59 6.90 -0.73
N ALA A 68 -6.76 7.05 0.31
CA ALA A 68 -6.16 5.97 1.07
C ALA A 68 -6.94 5.75 2.37
N THR A 69 -7.46 4.54 2.58
CA THR A 69 -8.17 4.18 3.80
C THR A 69 -7.98 2.69 4.07
N LEU A 70 -7.86 2.31 5.35
CA LEU A 70 -7.68 0.92 5.75
C LEU A 70 -8.93 0.11 5.41
N SER A 71 -8.75 -1.08 4.82
CA SER A 71 -9.84 -1.99 4.49
C SER A 71 -10.09 -2.94 5.65
N ASP A 72 -10.14 -2.38 6.87
CA ASP A 72 -10.20 -3.11 8.13
C ASP A 72 -10.44 -2.11 9.26
N LEU A 1 8.99 -8.55 13.39
CA LEU A 1 7.71 -9.27 13.32
C LEU A 1 7.16 -9.30 11.90
N THR A 2 6.11 -10.09 11.67
CA THR A 2 5.53 -10.35 10.35
C THR A 2 4.00 -10.30 10.45
N GLN A 3 3.40 -9.18 10.02
CA GLN A 3 1.95 -8.97 10.00
C GLN A 3 1.53 -8.57 8.58
N GLU A 4 0.22 -8.55 8.34
CA GLU A 4 -0.39 -8.23 7.05
C GLU A 4 -1.50 -7.21 7.24
N THR A 5 -1.70 -6.35 6.23
CA THR A 5 -2.71 -5.29 6.24
C THR A 5 -3.24 -5.10 4.82
N VAL A 6 -4.51 -4.70 4.70
CA VAL A 6 -5.15 -4.37 3.44
C VAL A 6 -5.62 -2.92 3.53
N ILE A 7 -5.25 -2.11 2.54
CA ILE A 7 -5.56 -0.69 2.46
C ILE A 7 -6.32 -0.49 1.14
N ASN A 8 -7.49 0.14 1.19
CA ASN A 8 -8.24 0.55 0.01
C ASN A 8 -7.46 1.67 -0.68
N ILE A 9 -7.29 1.57 -2.00
CA ILE A 9 -6.59 2.56 -2.81
C ILE A 9 -7.50 2.86 -4.01
N ASP A 10 -8.37 3.85 -3.84
CA ASP A 10 -9.29 4.28 -4.90
C ASP A 10 -8.72 5.55 -5.56
N GLY A 11 -9.26 5.88 -6.74
CA GLY A 11 -8.77 6.97 -7.56
C GLY A 11 -7.57 6.56 -8.42
N MET A 12 -7.32 5.25 -8.59
CA MET A 12 -6.33 4.76 -9.54
C MET A 12 -6.94 4.79 -10.94
N THR A 13 -6.27 5.45 -11.87
CA THR A 13 -6.74 5.67 -13.22
C THR A 13 -6.41 4.48 -14.12
N CYS A 14 -5.20 3.91 -13.97
CA CYS A 14 -4.73 2.84 -14.85
C CYS A 14 -3.59 2.05 -14.18
N ASN A 15 -3.05 1.07 -14.90
CA ASN A 15 -1.99 0.16 -14.46
C ASN A 15 -0.72 0.88 -14.01
N SER A 16 -0.43 2.06 -14.56
CA SER A 16 0.71 2.88 -14.16
C SER A 16 0.66 3.16 -12.65
N CYS A 17 -0.53 3.44 -12.11
CA CYS A 17 -0.72 3.68 -10.68
C CYS A 17 -0.35 2.43 -9.89
N VAL A 18 -0.92 1.28 -10.27
CA VAL A 18 -0.66 -0.01 -9.63
C VAL A 18 0.84 -0.25 -9.52
N GLN A 19 1.54 -0.21 -10.67
CA GLN A 19 2.97 -0.47 -10.78
C GLN A 19 3.78 0.51 -9.93
N SER A 20 3.52 1.82 -10.06
CA SER A 20 4.28 2.84 -9.36
C SER A 20 4.15 2.69 -7.84
N ILE A 21 2.91 2.57 -7.34
CA ILE A 21 2.64 2.39 -5.92
C ILE A 21 3.37 1.15 -5.41
N GLU A 22 3.16 0.00 -6.08
CA GLU A 22 3.76 -1.27 -5.70
C GLU A 22 5.28 -1.13 -5.59
N GLY A 23 5.92 -0.56 -6.62
CA GLY A 23 7.35 -0.32 -6.66
C GLY A 23 7.84 0.55 -5.50
N VAL A 24 7.25 1.73 -5.33
CA VAL A 24 7.64 2.67 -4.28
C VAL A 24 7.48 2.05 -2.89
N ILE A 25 6.28 1.57 -2.59
CA ILE A 25 5.94 1.07 -1.26
C ILE A 25 6.75 -0.18 -0.91
N SER A 26 7.00 -1.09 -1.86
CA SER A 26 7.80 -2.28 -1.62
C SER A 26 9.20 -1.96 -1.06
N LYS A 27 9.75 -0.79 -1.42
CA LYS A 27 11.10 -0.39 -1.05
C LYS A 27 11.13 0.38 0.29
N LYS A 28 9.97 0.64 0.92
CA LYS A 28 9.91 1.30 2.21
C LYS A 28 10.38 0.32 3.30
N PRO A 29 11.38 0.68 4.12
CA PRO A 29 11.85 -0.14 5.23
C PRO A 29 10.70 -0.65 6.10
N GLY A 30 10.54 -1.98 6.16
CA GLY A 30 9.48 -2.63 6.90
C GLY A 30 8.57 -3.46 5.98
N VAL A 31 8.32 -2.97 4.76
CA VAL A 31 7.49 -3.68 3.79
C VAL A 31 8.26 -4.88 3.25
N LYS A 32 7.60 -6.05 3.26
CA LYS A 32 8.10 -7.29 2.68
C LYS A 32 7.61 -7.33 1.24
N SER A 33 6.59 -8.14 0.94
CA SER A 33 5.89 -8.19 -0.33
C SER A 33 4.69 -7.23 -0.28
N ILE A 34 4.21 -6.82 -1.47
CA ILE A 34 3.00 -6.03 -1.62
C ILE A 34 2.36 -6.35 -2.98
N ARG A 35 1.05 -6.57 -2.97
CA ARG A 35 0.23 -6.81 -4.16
C ARG A 35 -0.80 -5.70 -4.29
N VAL A 36 -0.60 -4.78 -5.25
CA VAL A 36 -1.55 -3.73 -5.58
C VAL A 36 -2.41 -4.20 -6.75
N SER A 37 -3.70 -3.81 -6.77
CA SER A 37 -4.66 -4.23 -7.78
C SER A 37 -5.63 -3.09 -8.11
N LEU A 38 -5.77 -2.79 -9.41
CA LEU A 38 -6.76 -1.84 -9.93
C LEU A 38 -8.16 -2.44 -9.83
N ALA A 39 -8.30 -3.71 -10.24
CA ALA A 39 -9.57 -4.44 -10.22
C ALA A 39 -10.24 -4.38 -8.85
N ASN A 40 -9.45 -4.61 -7.78
CA ASN A 40 -9.92 -4.56 -6.41
C ASN A 40 -9.78 -3.15 -5.82
N SER A 41 -8.98 -2.27 -6.45
CA SER A 41 -8.70 -0.92 -6.00
C SER A 41 -8.18 -0.94 -4.57
N ASN A 42 -7.07 -1.67 -4.35
CA ASN A 42 -6.50 -1.86 -3.03
C ASN A 42 -5.01 -2.20 -3.11
N GLY A 43 -4.37 -2.26 -1.93
CA GLY A 43 -3.00 -2.67 -1.71
C GLY A 43 -2.98 -3.65 -0.54
N THR A 44 -2.58 -4.89 -0.81
CA THR A 44 -2.44 -5.96 0.17
C THR A 44 -0.96 -6.04 0.52
N VAL A 45 -0.60 -5.49 1.68
CA VAL A 45 0.78 -5.28 2.10
C VAL A 45 1.14 -6.25 3.22
N GLU A 46 2.30 -6.92 3.08
CA GLU A 46 2.91 -7.70 4.14
C GLU A 46 4.04 -6.84 4.71
N TYR A 47 4.11 -6.68 6.03
CA TYR A 47 4.99 -5.71 6.66
C TYR A 47 5.46 -6.13 8.05
N ASP A 48 6.37 -5.32 8.63
CA ASP A 48 6.87 -5.43 9.98
C ASP A 48 6.44 -4.19 10.80
N PRO A 49 5.52 -4.34 11.77
CA PRO A 49 5.12 -3.32 12.74
C PRO A 49 6.26 -2.48 13.31
N LEU A 50 7.41 -3.11 13.58
CA LEU A 50 8.56 -2.46 14.19
C LEU A 50 9.13 -1.34 13.31
N LEU A 51 9.00 -1.48 11.98
CA LEU A 51 9.64 -0.60 11.00
C LEU A 51 8.62 0.28 10.27
N THR A 52 7.42 -0.24 9.99
CA THR A 52 6.33 0.53 9.37
C THR A 52 5.00 0.05 9.95
N SER A 53 3.89 0.75 9.64
CA SER A 53 2.57 0.45 10.19
C SER A 53 1.48 0.84 9.20
N PRO A 54 0.24 0.32 9.35
CA PRO A 54 -0.87 0.58 8.43
C PRO A 54 -1.08 2.06 8.12
N GLU A 55 -1.12 2.91 9.15
CA GLU A 55 -1.31 4.36 8.98
C GLU A 55 -0.13 5.02 8.28
N THR A 56 1.09 4.51 8.45
CA THR A 56 2.28 5.03 7.77
C THR A 56 2.17 4.73 6.27
N LEU A 57 1.85 3.47 5.95
CA LEU A 57 1.70 3.00 4.58
C LEU A 57 0.58 3.78 3.87
N ARG A 58 -0.57 3.90 4.54
CA ARG A 58 -1.70 4.72 4.11
C ARG A 58 -1.22 6.14 3.80
N GLY A 59 -0.45 6.75 4.72
CA GLY A 59 0.12 8.07 4.58
C GLY A 59 0.97 8.19 3.31
N ALA A 60 1.85 7.22 3.06
CA ALA A 60 2.72 7.20 1.89
C ALA A 60 1.89 7.15 0.60
N ILE A 61 0.91 6.26 0.52
CA ILE A 61 0.03 6.12 -0.64
C ILE A 61 -0.74 7.43 -0.86
N GLU A 62 -1.26 8.03 0.22
CA GLU A 62 -1.96 9.30 0.18
C GLU A 62 -1.05 10.41 -0.36
N ASP A 63 0.21 10.42 0.07
CA ASP A 63 1.21 11.38 -0.40
C ASP A 63 1.45 11.25 -1.91
N MET A 64 1.50 10.01 -2.43
CA MET A 64 1.58 9.78 -3.88
C MET A 64 0.37 10.39 -4.58
N GLY A 65 -0.83 10.25 -3.99
CA GLY A 65 -2.04 10.95 -4.43
C GLY A 65 -3.15 9.98 -4.78
N PHE A 66 -3.62 9.19 -3.80
CA PHE A 66 -4.75 8.28 -3.95
C PHE A 66 -5.60 8.29 -2.68
N ASP A 67 -6.85 7.85 -2.80
CA ASP A 67 -7.78 7.75 -1.69
C ASP A 67 -7.42 6.53 -0.86
N ALA A 68 -6.54 6.73 0.13
CA ALA A 68 -5.95 5.69 0.96
C ALA A 68 -6.70 5.60 2.29
N THR A 69 -7.38 4.48 2.55
CA THR A 69 -8.08 4.22 3.80
C THR A 69 -7.89 2.74 4.17
N LEU A 70 -7.87 2.42 5.47
CA LEU A 70 -7.67 1.05 5.93
C LEU A 70 -8.93 0.22 5.71
N SER A 71 -8.76 -1.07 5.38
CA SER A 71 -9.82 -2.07 5.34
C SER A 71 -9.54 -3.16 6.37
N ASP A 72 -8.28 -3.59 6.50
CA ASP A 72 -7.83 -4.56 7.49
C ASP A 72 -6.47 -4.11 8.03
N LEU A 1 7.00 -7.76 15.03
CA LEU A 1 7.77 -8.73 14.23
C LEU A 1 7.25 -8.77 12.79
N THR A 2 6.05 -9.32 12.58
CA THR A 2 5.36 -9.34 11.31
C THR A 2 3.87 -9.09 11.52
N GLN A 3 3.24 -8.36 10.57
CA GLN A 3 1.79 -8.20 10.48
C GLN A 3 1.41 -8.08 9.00
N GLU A 4 0.12 -8.26 8.72
CA GLU A 4 -0.47 -8.23 7.40
C GLU A 4 -1.62 -7.21 7.40
N THR A 5 -1.79 -6.49 6.29
CA THR A 5 -2.84 -5.48 6.16
C THR A 5 -3.30 -5.35 4.71
N VAL A 6 -4.44 -4.68 4.54
CA VAL A 6 -4.98 -4.26 3.25
C VAL A 6 -5.35 -2.79 3.41
N ILE A 7 -4.99 -1.98 2.40
CA ILE A 7 -5.37 -0.58 2.26
C ILE A 7 -6.27 -0.51 1.03
N ASN A 8 -7.46 0.07 1.17
CA ASN A 8 -8.34 0.35 0.03
C ASN A 8 -7.92 1.69 -0.56
N ILE A 9 -7.58 1.67 -1.85
CA ILE A 9 -6.96 2.77 -2.57
C ILE A 9 -7.87 3.14 -3.75
N ASP A 10 -8.72 4.16 -3.58
CA ASP A 10 -9.57 4.64 -4.65
C ASP A 10 -8.97 5.90 -5.29
N GLY A 11 -9.32 6.13 -6.56
CA GLY A 11 -8.73 7.15 -7.42
C GLY A 11 -7.65 6.57 -8.34
N MET A 12 -7.55 5.23 -8.43
CA MET A 12 -6.61 4.55 -9.32
C MET A 12 -7.20 4.54 -10.73
N THR A 13 -6.52 5.20 -11.66
CA THR A 13 -7.01 5.39 -13.03
C THR A 13 -6.66 4.19 -13.92
N CYS A 14 -5.40 3.73 -13.88
CA CYS A 14 -4.92 2.68 -14.78
C CYS A 14 -3.76 1.93 -14.13
N ASN A 15 -3.20 0.94 -14.86
CA ASN A 15 -2.13 0.06 -14.42
C ASN A 15 -0.85 0.82 -14.03
N SER A 16 -0.63 2.02 -14.57
CA SER A 16 0.48 2.88 -14.18
C SER A 16 0.47 3.14 -12.67
N CYS A 17 -0.72 3.35 -12.10
CA CYS A 17 -0.88 3.56 -10.66
C CYS A 17 -0.44 2.34 -9.88
N VAL A 18 -0.91 1.14 -10.31
CA VAL A 18 -0.55 -0.13 -9.70
C VAL A 18 0.98 -0.24 -9.62
N GLN A 19 1.65 -0.07 -10.76
CA GLN A 19 3.11 -0.15 -10.86
C GLN A 19 3.79 0.87 -9.95
N SER A 20 3.35 2.13 -9.98
CA SER A 20 3.94 3.22 -9.21
C SER A 20 3.85 2.94 -7.71
N ILE A 21 2.64 2.66 -7.21
CA ILE A 21 2.38 2.37 -5.81
C ILE A 21 3.23 1.18 -5.37
N GLU A 22 3.08 0.04 -6.07
CA GLU A 22 3.77 -1.19 -5.72
C GLU A 22 5.29 -0.97 -5.66
N GLY A 23 5.86 -0.34 -6.69
CA GLY A 23 7.27 -0.04 -6.79
C GLY A 23 7.77 0.77 -5.60
N VAL A 24 7.13 1.92 -5.32
CA VAL A 24 7.54 2.79 -4.24
C VAL A 24 7.40 2.10 -2.89
N ILE A 25 6.19 1.60 -2.58
CA ILE A 25 5.86 1.03 -1.28
C ILE A 25 6.70 -0.21 -0.97
N SER A 26 7.00 -1.07 -1.97
CA SER A 26 7.83 -2.25 -1.77
C SER A 26 9.19 -1.91 -1.15
N LYS A 27 9.75 -0.75 -1.49
CA LYS A 27 11.07 -0.33 -1.03
C LYS A 27 11.02 0.45 0.30
N LYS A 28 9.83 0.65 0.89
CA LYS A 28 9.72 1.29 2.19
C LYS A 28 10.20 0.31 3.28
N PRO A 29 10.87 0.80 4.33
CA PRO A 29 11.47 -0.05 5.35
C PRO A 29 10.38 -0.80 6.11
N GLY A 30 10.55 -2.13 6.20
CA GLY A 30 9.60 -3.01 6.87
C GLY A 30 8.78 -3.82 5.87
N VAL A 31 8.42 -3.23 4.72
CA VAL A 31 7.59 -3.90 3.73
C VAL A 31 8.35 -5.08 3.13
N LYS A 32 7.76 -6.28 3.22
CA LYS A 32 8.30 -7.50 2.66
C LYS A 32 7.64 -7.74 1.30
N SER A 33 6.59 -8.57 1.25
CA SER A 33 5.82 -8.81 0.04
C SER A 33 4.66 -7.81 -0.05
N ILE A 34 4.31 -7.42 -1.28
CA ILE A 34 3.22 -6.51 -1.58
C ILE A 34 2.65 -6.87 -2.95
N ARG A 35 1.32 -6.76 -3.09
CA ARG A 35 0.62 -6.84 -4.37
C ARG A 35 -0.50 -5.81 -4.41
N VAL A 36 -0.55 -5.03 -5.49
CA VAL A 36 -1.50 -3.95 -5.71
C VAL A 36 -2.40 -4.31 -6.90
N SER A 37 -3.66 -3.86 -6.87
CA SER A 37 -4.67 -4.20 -7.87
C SER A 37 -5.52 -2.97 -8.22
N LEU A 38 -5.66 -2.71 -9.52
CA LEU A 38 -6.59 -1.74 -10.08
C LEU A 38 -8.02 -2.26 -9.95
N ALA A 39 -8.23 -3.51 -10.39
CA ALA A 39 -9.54 -4.17 -10.40
C ALA A 39 -10.20 -4.13 -9.03
N ASN A 40 -9.44 -4.46 -7.97
CA ASN A 40 -9.93 -4.43 -6.60
C ASN A 40 -9.69 -3.07 -5.94
N SER A 41 -8.95 -2.17 -6.60
CA SER A 41 -8.66 -0.81 -6.14
C SER A 41 -8.11 -0.83 -4.72
N ASN A 42 -7.01 -1.55 -4.51
CA ASN A 42 -6.44 -1.77 -3.18
C ASN A 42 -5.00 -2.24 -3.26
N GLY A 43 -4.35 -2.31 -2.10
CA GLY A 43 -2.98 -2.77 -1.91
C GLY A 43 -2.92 -3.68 -0.69
N THR A 44 -2.53 -4.94 -0.89
CA THR A 44 -2.35 -5.93 0.15
C THR A 44 -0.86 -6.00 0.47
N VAL A 45 -0.50 -5.74 1.73
CA VAL A 45 0.88 -5.55 2.17
C VAL A 45 1.18 -6.44 3.38
N GLU A 46 2.36 -7.07 3.38
CA GLU A 46 2.93 -7.78 4.52
C GLU A 46 4.16 -6.99 4.94
N TYR A 47 4.28 -6.67 6.25
CA TYR A 47 5.26 -5.72 6.74
C TYR A 47 5.71 -6.03 8.17
N ASP A 48 6.76 -5.33 8.62
CA ASP A 48 7.28 -5.35 9.98
C ASP A 48 6.71 -4.16 10.77
N PRO A 49 5.90 -4.40 11.82
CA PRO A 49 5.38 -3.37 12.73
C PRO A 49 6.42 -2.37 13.21
N LEU A 50 7.63 -2.86 13.53
CA LEU A 50 8.70 -2.07 14.10
C LEU A 50 9.14 -0.93 13.18
N LEU A 51 9.07 -1.16 11.85
CA LEU A 51 9.57 -0.24 10.85
C LEU A 51 8.46 0.53 10.13
N THR A 52 7.25 -0.06 10.01
CA THR A 52 6.10 0.60 9.40
C THR A 52 4.80 0.05 9.96
N SER A 53 3.70 0.78 9.76
CA SER A 53 2.36 0.45 10.24
C SER A 53 1.33 0.69 9.11
N PRO A 54 0.09 0.18 9.24
CA PRO A 54 -0.98 0.46 8.28
C PRO A 54 -1.19 1.96 8.05
N GLU A 55 -1.06 2.77 9.12
CA GLU A 55 -1.21 4.22 9.08
C GLU A 55 -0.08 4.85 8.26
N THR A 56 1.15 4.36 8.42
CA THR A 56 2.30 4.83 7.66
C THR A 56 2.12 4.53 6.17
N LEU A 57 1.73 3.28 5.85
CA LEU A 57 1.50 2.83 4.49
C LEU A 57 0.40 3.67 3.84
N ARG A 58 -0.74 3.82 4.52
CA ARG A 58 -1.83 4.70 4.11
C ARG A 58 -1.29 6.10 3.80
N GLY A 59 -0.52 6.69 4.71
CA GLY A 59 0.09 8.00 4.56
C GLY A 59 0.94 8.10 3.29
N ALA A 60 1.79 7.10 3.05
CA ALA A 60 2.66 7.06 1.88
C ALA A 60 1.84 7.02 0.58
N ILE A 61 0.81 6.18 0.53
CA ILE A 61 -0.08 6.08 -0.61
C ILE A 61 -0.85 7.39 -0.81
N GLU A 62 -1.23 8.06 0.29
CA GLU A 62 -1.88 9.36 0.24
C GLU A 62 -0.94 10.40 -0.38
N ASP A 63 0.35 10.36 0.00
CA ASP A 63 1.38 11.22 -0.56
C ASP A 63 1.57 10.97 -2.06
N MET A 64 1.55 9.70 -2.49
CA MET A 64 1.58 9.35 -3.91
C MET A 64 0.43 10.02 -4.66
N GLY A 65 -0.76 10.08 -4.05
CA GLY A 65 -1.89 10.86 -4.52
C GLY A 65 -3.09 9.98 -4.83
N PHE A 66 -3.51 9.18 -3.84
CA PHE A 66 -4.70 8.34 -3.92
C PHE A 66 -5.41 8.36 -2.58
N ASP A 67 -6.75 8.33 -2.59
CA ASP A 67 -7.53 8.29 -1.36
C ASP A 67 -7.34 6.92 -0.72
N ALA A 68 -6.45 6.86 0.28
CA ALA A 68 -6.03 5.64 0.96
C ALA A 68 -6.79 5.53 2.27
N THR A 69 -7.41 4.37 2.52
CA THR A 69 -8.21 4.09 3.71
C THR A 69 -7.87 2.69 4.21
N LEU A 70 -7.86 2.50 5.54
CA LEU A 70 -7.54 1.21 6.15
C LEU A 70 -8.63 0.19 5.84
N SER A 71 -8.24 -1.07 5.68
CA SER A 71 -9.15 -2.19 5.46
C SER A 71 -8.64 -3.41 6.22
N ASP A 72 -8.29 -3.21 7.50
CA ASP A 72 -7.68 -4.20 8.37
C ASP A 72 -7.83 -3.73 9.82
N LEU A 1 7.86 -10.28 14.92
CA LEU A 1 7.00 -10.93 13.91
C LEU A 1 6.41 -9.89 12.95
N THR A 2 6.13 -10.32 11.72
CA THR A 2 5.59 -9.48 10.65
C THR A 2 4.08 -9.69 10.55
N GLN A 3 3.39 -8.76 9.86
CA GLN A 3 1.94 -8.76 9.68
C GLN A 3 1.60 -8.40 8.24
N GLU A 4 0.32 -8.54 7.88
CA GLU A 4 -0.23 -8.10 6.61
C GLU A 4 -1.41 -7.16 6.86
N THR A 5 -1.68 -6.27 5.89
CA THR A 5 -2.71 -5.25 5.99
C THR A 5 -3.30 -4.98 4.60
N VAL A 6 -4.63 -4.83 4.54
CA VAL A 6 -5.38 -4.49 3.34
C VAL A 6 -5.81 -3.03 3.47
N ILE A 7 -5.25 -2.17 2.61
CA ILE A 7 -5.55 -0.74 2.57
C ILE A 7 -6.25 -0.48 1.24
N ASN A 8 -7.43 0.14 1.28
CA ASN A 8 -8.20 0.51 0.09
C ASN A 8 -7.48 1.67 -0.60
N ILE A 9 -7.37 1.61 -1.92
CA ILE A 9 -6.71 2.60 -2.76
C ILE A 9 -7.68 2.97 -3.88
N ASP A 10 -8.50 3.99 -3.65
CA ASP A 10 -9.51 4.43 -4.60
C ASP A 10 -8.99 5.66 -5.36
N GLY A 11 -9.51 5.84 -6.58
CA GLY A 11 -9.15 6.96 -7.44
C GLY A 11 -7.80 6.76 -8.11
N MET A 12 -7.55 5.56 -8.64
CA MET A 12 -6.40 5.31 -9.50
C MET A 12 -6.71 5.80 -10.91
N THR A 13 -5.67 6.17 -11.66
CA THR A 13 -5.78 6.66 -13.03
C THR A 13 -5.85 5.49 -14.00
N CYS A 14 -4.89 4.57 -13.92
CA CYS A 14 -4.74 3.43 -14.81
C CYS A 14 -3.79 2.41 -14.15
N ASN A 15 -3.51 1.30 -14.86
CA ASN A 15 -2.69 0.21 -14.36
C ASN A 15 -1.25 0.64 -14.01
N SER A 16 -0.74 1.71 -14.63
CA SER A 16 0.57 2.25 -14.29
C SER A 16 0.69 2.56 -12.80
N CYS A 17 -0.40 3.03 -12.18
CA CYS A 17 -0.44 3.33 -10.75
C CYS A 17 -0.19 2.08 -9.92
N VAL A 18 -0.77 0.94 -10.31
CA VAL A 18 -0.57 -0.35 -9.63
C VAL A 18 0.93 -0.63 -9.51
N GLN A 19 1.63 -0.61 -10.65
CA GLN A 19 3.07 -0.83 -10.72
C GLN A 19 3.84 0.20 -9.88
N SER A 20 3.48 1.49 -9.99
CA SER A 20 4.15 2.57 -9.28
C SER A 20 4.09 2.37 -7.77
N ILE A 21 2.89 2.16 -7.22
CA ILE A 21 2.65 1.97 -5.80
C ILE A 21 3.49 0.80 -5.29
N GLU A 22 3.42 -0.36 -5.96
CA GLU A 22 4.19 -1.54 -5.62
C GLU A 22 5.69 -1.21 -5.57
N GLY A 23 6.23 -0.68 -6.67
CA GLY A 23 7.63 -0.33 -6.80
C GLY A 23 8.12 0.56 -5.66
N VAL A 24 7.46 1.71 -5.47
CA VAL A 24 7.84 2.70 -4.47
C VAL A 24 7.78 2.09 -3.06
N ILE A 25 6.61 1.57 -2.66
CA ILE A 25 6.35 1.15 -1.29
C ILE A 25 7.15 -0.09 -0.91
N SER A 26 7.40 -1.02 -1.85
CA SER A 26 8.16 -2.24 -1.59
C SER A 26 9.53 -1.98 -0.94
N LYS A 27 10.15 -0.82 -1.24
CA LYS A 27 11.49 -0.49 -0.78
C LYS A 27 11.47 0.24 0.58
N LYS A 28 10.30 0.57 1.12
CA LYS A 28 10.20 1.32 2.37
C LYS A 28 10.51 0.39 3.55
N PRO A 29 11.11 0.93 4.65
CA PRO A 29 11.43 0.17 5.85
C PRO A 29 10.29 -0.74 6.32
N GLY A 30 10.61 -2.02 6.53
CA GLY A 30 9.67 -3.01 7.04
C GLY A 30 8.89 -3.73 5.95
N VAL A 31 8.62 -3.08 4.81
CA VAL A 31 7.81 -3.65 3.75
C VAL A 31 8.56 -4.80 3.08
N LYS A 32 7.85 -5.90 2.83
CA LYS A 32 8.35 -7.06 2.12
C LYS A 32 7.56 -7.21 0.81
N SER A 33 6.58 -8.12 0.75
CA SER A 33 5.73 -8.28 -0.43
C SER A 33 4.62 -7.24 -0.44
N ILE A 34 4.16 -6.87 -1.63
CA ILE A 34 3.05 -5.94 -1.82
C ILE A 34 2.33 -6.29 -3.13
N ARG A 35 1.00 -6.38 -3.06
CA ARG A 35 0.13 -6.80 -4.15
C ARG A 35 -1.00 -5.78 -4.27
N VAL A 36 -0.90 -4.89 -5.27
CA VAL A 36 -1.88 -3.86 -5.55
C VAL A 36 -2.75 -4.31 -6.73
N SER A 37 -4.02 -3.86 -6.74
CA SER A 37 -4.98 -4.21 -7.77
C SER A 37 -5.83 -2.98 -8.12
N LEU A 38 -5.93 -2.68 -9.42
CA LEU A 38 -6.83 -1.67 -9.96
C LEU A 38 -8.26 -2.17 -9.86
N ALA A 39 -8.50 -3.40 -10.31
CA ALA A 39 -9.82 -4.04 -10.31
C ALA A 39 -10.48 -4.00 -8.94
N ASN A 40 -9.73 -4.36 -7.89
CA ASN A 40 -10.23 -4.35 -6.53
C ASN A 40 -9.99 -3.00 -5.84
N SER A 41 -9.19 -2.11 -6.45
CA SER A 41 -8.88 -0.78 -5.95
C SER A 41 -8.36 -0.84 -4.51
N ASN A 42 -7.29 -1.61 -4.30
CA ASN A 42 -6.72 -1.85 -2.98
C ASN A 42 -5.25 -2.27 -3.09
N GLY A 43 -4.59 -2.31 -1.93
CA GLY A 43 -3.20 -2.67 -1.75
C GLY A 43 -3.05 -3.58 -0.55
N THR A 44 -2.62 -4.83 -0.79
CA THR A 44 -2.36 -5.82 0.24
C THR A 44 -0.85 -5.83 0.50
N VAL A 45 -0.43 -5.27 1.63
CA VAL A 45 0.96 -5.05 1.98
C VAL A 45 1.35 -6.00 3.10
N GLU A 46 2.55 -6.60 3.01
CA GLU A 46 3.18 -7.37 4.07
C GLU A 46 4.31 -6.52 4.62
N TYR A 47 4.37 -6.36 5.95
CA TYR A 47 5.24 -5.39 6.59
C TYR A 47 5.68 -5.83 8.00
N ASP A 48 6.71 -5.17 8.52
CA ASP A 48 7.18 -5.28 9.89
C ASP A 48 6.61 -4.12 10.74
N PRO A 49 5.73 -4.41 11.72
CA PRO A 49 5.21 -3.44 12.68
C PRO A 49 6.27 -2.51 13.30
N LEU A 50 7.47 -3.04 13.56
CA LEU A 50 8.54 -2.30 14.20
C LEU A 50 9.01 -1.12 13.35
N LEU A 51 8.99 -1.26 12.02
CA LEU A 51 9.56 -0.31 11.09
C LEU A 51 8.49 0.52 10.36
N THR A 52 7.28 -0.02 10.18
CA THR A 52 6.16 0.69 9.57
C THR A 52 4.83 0.15 10.11
N SER A 53 3.71 0.76 9.71
CA SER A 53 2.38 0.46 10.20
C SER A 53 1.35 0.70 9.08
N PRO A 54 0.12 0.17 9.20
CA PRO A 54 -0.96 0.46 8.25
C PRO A 54 -1.20 1.96 8.08
N GLU A 55 -1.07 2.74 9.17
CA GLU A 55 -1.25 4.18 9.18
C GLU A 55 -0.14 4.86 8.37
N THR A 56 1.11 4.43 8.56
CA THR A 56 2.25 4.96 7.80
C THR A 56 2.08 4.66 6.31
N LEU A 57 1.70 3.42 5.98
CA LEU A 57 1.50 2.97 4.61
C LEU A 57 0.36 3.75 3.95
N ARG A 58 -0.77 3.92 4.65
CA ARG A 58 -1.87 4.77 4.23
C ARG A 58 -1.35 6.18 3.92
N GLY A 59 -0.52 6.73 4.82
CA GLY A 59 0.13 8.01 4.64
C GLY A 59 0.95 8.08 3.35
N ALA A 60 1.73 7.04 3.07
CA ALA A 60 2.57 6.96 1.87
C ALA A 60 1.70 6.96 0.60
N ILE A 61 0.67 6.11 0.57
CA ILE A 61 -0.26 6.01 -0.56
C ILE A 61 -0.95 7.36 -0.79
N GLU A 62 -1.40 8.00 0.30
CA GLU A 62 -2.01 9.32 0.27
C GLU A 62 -1.03 10.33 -0.35
N ASP A 63 0.22 10.33 0.11
CA ASP A 63 1.28 11.22 -0.37
C ASP A 63 1.51 11.04 -1.88
N MET A 64 1.53 9.79 -2.37
CA MET A 64 1.62 9.51 -3.81
C MET A 64 0.45 10.15 -4.57
N GLY A 65 -0.76 10.08 -4.00
CA GLY A 65 -1.92 10.82 -4.49
C GLY A 65 -3.08 9.89 -4.84
N PHE A 66 -3.56 9.13 -3.85
CA PHE A 66 -4.72 8.26 -3.98
C PHE A 66 -5.56 8.34 -2.71
N ASP A 67 -6.85 8.03 -2.80
CA ASP A 67 -7.75 7.99 -1.65
C ASP A 67 -7.45 6.72 -0.85
N ALA A 68 -6.62 6.88 0.19
CA ALA A 68 -6.11 5.79 1.01
C ALA A 68 -6.91 5.70 2.30
N THR A 69 -7.48 4.52 2.59
CA THR A 69 -8.18 4.26 3.85
C THR A 69 -8.06 2.78 4.21
N LEU A 70 -8.21 2.45 5.51
CA LEU A 70 -7.91 1.13 6.05
C LEU A 70 -9.07 0.13 5.89
N SER A 71 -8.70 -1.16 5.83
CA SER A 71 -9.60 -2.31 5.93
C SER A 71 -8.83 -3.37 6.72
N ASP A 72 -8.46 -3.01 7.96
CA ASP A 72 -7.57 -3.75 8.82
C ASP A 72 -7.66 -3.21 10.24
N LEU A 1 6.21 -7.82 14.95
CA LEU A 1 7.21 -8.62 14.20
C LEU A 1 6.77 -8.81 12.75
N THR A 2 5.61 -9.44 12.54
CA THR A 2 5.07 -9.75 11.22
C THR A 2 3.55 -9.51 11.23
N GLN A 3 3.06 -8.63 10.37
CA GLN A 3 1.64 -8.34 10.17
C GLN A 3 1.36 -8.15 8.69
N GLU A 4 0.07 -8.09 8.32
CA GLU A 4 -0.39 -7.80 6.97
C GLU A 4 -1.62 -6.89 7.07
N THR A 5 -1.75 -5.95 6.13
CA THR A 5 -2.85 -5.00 6.06
C THR A 5 -3.37 -4.91 4.63
N VAL A 6 -4.70 -4.78 4.50
CA VAL A 6 -5.41 -4.59 3.24
C VAL A 6 -5.90 -3.15 3.23
N ILE A 7 -5.26 -2.30 2.41
CA ILE A 7 -5.55 -0.88 2.31
C ILE A 7 -6.37 -0.66 1.05
N ASN A 8 -7.55 -0.05 1.17
CA ASN A 8 -8.33 0.41 0.03
C ASN A 8 -7.60 1.59 -0.60
N ILE A 9 -7.38 1.53 -1.92
CA ILE A 9 -6.70 2.53 -2.72
C ILE A 9 -7.65 2.85 -3.88
N ASP A 10 -8.56 3.80 -3.66
CA ASP A 10 -9.56 4.18 -4.64
C ASP A 10 -9.15 5.46 -5.36
N GLY A 11 -9.55 5.58 -6.63
CA GLY A 11 -9.31 6.74 -7.48
C GLY A 11 -8.03 6.60 -8.31
N MET A 12 -7.62 5.36 -8.62
CA MET A 12 -6.49 5.12 -9.53
C MET A 12 -6.96 5.27 -10.97
N THR A 13 -6.15 5.95 -11.79
CA THR A 13 -6.48 6.31 -13.16
C THR A 13 -6.17 5.16 -14.11
N CYS A 14 -4.98 4.57 -13.99
CA CYS A 14 -4.49 3.53 -14.88
C CYS A 14 -3.44 2.68 -14.15
N ASN A 15 -2.93 1.64 -14.83
CA ASN A 15 -1.99 0.67 -14.26
C ASN A 15 -0.67 1.31 -13.80
N SER A 16 -0.29 2.47 -14.36
CA SER A 16 0.88 3.22 -13.92
C SER A 16 0.82 3.50 -12.41
N CYS A 17 -0.39 3.76 -11.87
CA CYS A 17 -0.58 3.95 -10.45
C CYS A 17 -0.17 2.69 -9.70
N VAL A 18 -0.76 1.54 -10.05
CA VAL A 18 -0.47 0.24 -9.45
C VAL A 18 1.05 -0.02 -9.42
N GLN A 19 1.69 0.12 -10.59
CA GLN A 19 3.12 -0.09 -10.77
C GLN A 19 3.94 0.80 -9.83
N SER A 20 3.70 2.12 -9.88
CA SER A 20 4.47 3.10 -9.12
C SER A 20 4.30 2.87 -7.61
N ILE A 21 3.06 2.75 -7.14
CA ILE A 21 2.73 2.49 -5.75
C ILE A 21 3.50 1.26 -5.26
N GLU A 22 3.33 0.13 -5.96
CA GLU A 22 3.94 -1.14 -5.58
C GLU A 22 5.46 -0.98 -5.52
N GLY A 23 6.07 -0.44 -6.57
CA GLY A 23 7.50 -0.20 -6.67
C GLY A 23 8.05 0.58 -5.48
N VAL A 24 7.43 1.72 -5.15
CA VAL A 24 7.83 2.55 -4.02
C VAL A 24 7.72 1.77 -2.71
N ILE A 25 6.54 1.22 -2.42
CA ILE A 25 6.25 0.60 -1.15
C ILE A 25 7.14 -0.63 -0.90
N SER A 26 7.43 -1.43 -1.94
CA SER A 26 8.37 -2.54 -1.85
C SER A 26 9.72 -2.14 -1.24
N LYS A 27 10.15 -0.89 -1.48
CA LYS A 27 11.46 -0.40 -1.05
C LYS A 27 11.41 0.22 0.35
N LYS A 28 10.22 0.47 0.91
CA LYS A 28 10.12 1.03 2.26
C LYS A 28 10.54 -0.02 3.30
N PRO A 29 11.29 0.39 4.34
CA PRO A 29 11.79 -0.53 5.36
C PRO A 29 10.62 -1.14 6.13
N GLY A 30 10.66 -2.47 6.31
CA GLY A 30 9.61 -3.22 6.97
C GLY A 30 8.76 -4.01 5.99
N VAL A 31 8.54 -3.49 4.78
CA VAL A 31 7.71 -4.15 3.78
C VAL A 31 8.42 -5.40 3.26
N LYS A 32 7.66 -6.50 3.15
CA LYS A 32 8.13 -7.78 2.64
C LYS A 32 7.44 -8.03 1.29
N SER A 33 6.39 -8.86 1.27
CA SER A 33 5.60 -9.13 0.08
C SER A 33 4.50 -8.08 -0.06
N ILE A 34 4.16 -7.73 -1.30
CA ILE A 34 3.11 -6.77 -1.61
C ILE A 34 2.47 -7.09 -2.95
N ARG A 35 1.16 -6.87 -3.04
CA ARG A 35 0.40 -6.90 -4.28
C ARG A 35 -0.54 -5.69 -4.28
N VAL A 36 -0.63 -4.99 -5.41
CA VAL A 36 -1.52 -3.86 -5.64
C VAL A 36 -2.37 -4.19 -6.87
N SER A 37 -3.65 -3.78 -6.85
CA SER A 37 -4.62 -4.12 -7.89
C SER A 37 -5.56 -2.93 -8.13
N LEU A 38 -5.74 -2.56 -9.41
CA LEU A 38 -6.70 -1.53 -9.83
C LEU A 38 -8.11 -2.12 -9.83
N ALA A 39 -8.26 -3.34 -10.38
CA ALA A 39 -9.53 -4.05 -10.44
C ALA A 39 -10.20 -4.13 -9.06
N ASN A 40 -9.41 -4.49 -8.04
CA ASN A 40 -9.88 -4.56 -6.65
C ASN A 40 -9.70 -3.23 -5.92
N SER A 41 -8.99 -2.26 -6.52
CA SER A 41 -8.76 -0.91 -5.99
C SER A 41 -8.20 -0.97 -4.57
N ASN A 42 -7.09 -1.69 -4.40
CA ASN A 42 -6.51 -1.93 -3.08
C ASN A 42 -5.04 -2.35 -3.19
N GLY A 43 -4.38 -2.36 -2.02
CA GLY A 43 -3.01 -2.77 -1.82
C GLY A 43 -2.94 -3.66 -0.58
N THR A 44 -2.55 -4.92 -0.78
CA THR A 44 -2.35 -5.89 0.29
C THR A 44 -0.85 -5.95 0.54
N VAL A 45 -0.43 -5.42 1.71
CA VAL A 45 0.96 -5.22 2.06
C VAL A 45 1.30 -6.03 3.31
N GLU A 46 2.28 -6.93 3.22
CA GLU A 46 2.86 -7.63 4.36
C GLU A 46 4.02 -6.77 4.87
N TYR A 47 4.08 -6.52 6.18
CA TYR A 47 4.99 -5.54 6.77
C TYR A 47 5.40 -5.92 8.19
N ASP A 48 6.46 -5.27 8.69
CA ASP A 48 6.93 -5.35 10.05
C ASP A 48 6.46 -4.11 10.84
N PRO A 49 5.56 -4.27 11.83
CA PRO A 49 5.12 -3.21 12.74
C PRO A 49 6.22 -2.29 13.28
N LEU A 50 7.40 -2.86 13.61
CA LEU A 50 8.49 -2.11 14.19
C LEU A 50 9.06 -1.08 13.21
N LEU A 51 9.08 -1.39 11.91
CA LEU A 51 9.74 -0.58 10.89
C LEU A 51 8.74 0.28 10.10
N THR A 52 7.49 -0.16 9.95
CA THR A 52 6.44 0.62 9.30
C THR A 52 5.07 0.21 9.88
N SER A 53 4.01 0.91 9.48
CA SER A 53 2.67 0.74 10.04
C SER A 53 1.61 1.01 8.96
N PRO A 54 0.35 0.57 9.16
CA PRO A 54 -0.77 0.90 8.29
C PRO A 54 -0.94 2.41 8.10
N GLU A 55 -0.64 3.20 9.15
CA GLU A 55 -0.66 4.66 9.11
C GLU A 55 0.39 5.18 8.11
N THR A 56 1.63 4.69 8.22
CA THR A 56 2.71 5.10 7.33
C THR A 56 2.40 4.73 5.89
N LEU A 57 1.91 3.51 5.66
CA LEU A 57 1.54 3.01 4.35
C LEU A 57 0.44 3.88 3.73
N ARG A 58 -0.65 4.14 4.47
CA ARG A 58 -1.68 5.07 4.04
C ARG A 58 -1.08 6.44 3.73
N GLY A 59 -0.15 6.92 4.56
CA GLY A 59 0.60 8.15 4.35
C GLY A 59 1.24 8.19 2.96
N ALA A 60 1.89 7.09 2.54
CA ALA A 60 2.50 7.00 1.23
C ALA A 60 1.44 7.13 0.12
N ILE A 61 0.34 6.39 0.22
CA ILE A 61 -0.74 6.45 -0.76
C ILE A 61 -1.35 7.86 -0.84
N GLU A 62 -1.50 8.53 0.32
CA GLU A 62 -2.01 9.90 0.40
C GLU A 62 -1.05 10.86 -0.30
N ASP A 63 0.25 10.72 -0.06
CA ASP A 63 1.29 11.51 -0.69
C ASP A 63 1.26 11.34 -2.21
N MET A 64 1.14 10.10 -2.69
CA MET A 64 0.99 9.78 -4.11
C MET A 64 -0.27 10.45 -4.68
N GLY A 65 -1.39 10.37 -3.94
CA GLY A 65 -2.62 11.09 -4.23
C GLY A 65 -3.76 10.15 -4.60
N PHE A 66 -4.13 9.24 -3.69
CA PHE A 66 -5.30 8.37 -3.82
C PHE A 66 -6.01 8.25 -2.48
N ASP A 67 -7.28 7.81 -2.51
CA ASP A 67 -8.08 7.63 -1.30
C ASP A 67 -7.58 6.41 -0.54
N ALA A 68 -6.85 6.66 0.56
CA ALA A 68 -6.18 5.68 1.38
C ALA A 68 -6.97 5.43 2.66
N THR A 69 -7.58 4.25 2.81
CA THR A 69 -8.29 3.88 4.04
C THR A 69 -8.25 2.36 4.22
N LEU A 70 -8.17 1.89 5.48
CA LEU A 70 -8.02 0.47 5.77
C LEU A 70 -9.32 -0.30 5.53
N SER A 71 -9.17 -1.54 5.05
CA SER A 71 -10.24 -2.53 4.95
C SER A 71 -10.15 -3.44 6.17
N ASP A 72 -8.96 -3.99 6.42
CA ASP A 72 -8.64 -4.85 7.55
C ASP A 72 -7.12 -4.89 7.73
N LEU A 1 8.82 -10.31 13.51
CA LEU A 1 7.37 -10.02 13.56
C LEU A 1 6.88 -9.53 12.20
N THR A 2 5.72 -10.01 11.76
CA THR A 2 5.08 -9.61 10.52
C THR A 2 3.57 -9.47 10.73
N GLN A 3 2.94 -8.57 9.97
CA GLN A 3 1.51 -8.34 9.89
C GLN A 3 1.16 -8.02 8.44
N GLU A 4 -0.12 -8.13 8.09
CA GLU A 4 -0.65 -7.79 6.77
C GLU A 4 -1.74 -6.73 6.93
N THR A 5 -1.79 -5.78 5.98
CA THR A 5 -2.81 -4.73 5.93
C THR A 5 -3.35 -4.63 4.51
N VAL A 6 -4.68 -4.56 4.40
CA VAL A 6 -5.39 -4.29 3.15
C VAL A 6 -5.79 -2.82 3.19
N ILE A 7 -5.13 -2.01 2.35
CA ILE A 7 -5.40 -0.59 2.22
C ILE A 7 -6.27 -0.42 0.99
N ASN A 8 -7.49 0.09 1.17
CA ASN A 8 -8.41 0.38 0.09
C ASN A 8 -7.93 1.65 -0.62
N ILE A 9 -7.37 1.50 -1.82
CA ILE A 9 -6.76 2.57 -2.59
C ILE A 9 -7.65 2.80 -3.80
N ASP A 10 -8.54 3.79 -3.69
CA ASP A 10 -9.52 4.09 -4.72
C ASP A 10 -9.04 5.27 -5.56
N GLY A 11 -9.47 5.29 -6.82
CA GLY A 11 -9.10 6.30 -7.80
C GLY A 11 -7.78 5.97 -8.50
N MET A 12 -7.50 4.69 -8.76
CA MET A 12 -6.39 4.30 -9.60
C MET A 12 -6.82 4.46 -11.06
N THR A 13 -5.95 5.07 -11.88
CA THR A 13 -6.26 5.41 -13.26
C THR A 13 -6.02 4.21 -14.18
N CYS A 14 -4.83 3.59 -14.09
CA CYS A 14 -4.42 2.50 -14.98
C CYS A 14 -3.25 1.73 -14.34
N ASN A 15 -2.68 0.79 -15.10
CA ASN A 15 -1.59 -0.09 -14.67
C ASN A 15 -0.37 0.66 -14.13
N SER A 16 -0.07 1.86 -14.66
CA SER A 16 1.07 2.65 -14.22
C SER A 16 0.95 2.98 -12.73
N CYS A 17 -0.26 3.32 -12.27
CA CYS A 17 -0.51 3.63 -10.86
C CYS A 17 -0.22 2.39 -10.01
N VAL A 18 -0.78 1.23 -10.39
CA VAL A 18 -0.55 -0.04 -9.70
C VAL A 18 0.94 -0.27 -9.50
N GLN A 19 1.72 -0.16 -10.60
CA GLN A 19 3.15 -0.37 -10.61
C GLN A 19 3.88 0.64 -9.71
N SER A 20 3.48 1.92 -9.77
CA SER A 20 4.09 2.97 -8.97
C SER A 20 3.88 2.73 -7.47
N ILE A 21 2.63 2.45 -7.08
CA ILE A 21 2.22 2.21 -5.71
C ILE A 21 3.08 1.08 -5.12
N GLU A 22 3.05 -0.12 -5.74
CA GLU A 22 3.83 -1.24 -5.23
C GLU A 22 5.32 -0.94 -5.23
N GLY A 23 5.82 -0.33 -6.32
CA GLY A 23 7.23 0.01 -6.49
C GLY A 23 7.75 0.86 -5.34
N VAL A 24 7.09 1.99 -5.05
CA VAL A 24 7.45 2.90 -3.98
C VAL A 24 7.41 2.16 -2.63
N ILE A 25 6.29 1.49 -2.33
CA ILE A 25 6.09 0.84 -1.04
C ILE A 25 7.12 -0.26 -0.78
N SER A 26 7.58 -0.98 -1.82
CA SER A 26 8.61 -1.99 -1.71
C SER A 26 9.92 -1.44 -1.10
N LYS A 27 10.14 -0.11 -1.17
CA LYS A 27 11.35 0.52 -0.65
C LYS A 27 11.19 0.91 0.83
N LYS A 28 9.97 0.90 1.37
CA LYS A 28 9.72 1.25 2.76
C LYS A 28 10.26 0.12 3.66
N PRO A 29 10.99 0.45 4.74
CA PRO A 29 11.60 -0.55 5.60
C PRO A 29 10.50 -1.34 6.31
N GLY A 30 10.70 -2.67 6.43
CA GLY A 30 9.72 -3.57 7.01
C GLY A 30 8.90 -4.29 5.96
N VAL A 31 8.63 -3.66 4.80
CA VAL A 31 7.81 -4.25 3.75
C VAL A 31 8.52 -5.46 3.15
N LYS A 32 7.77 -6.54 2.93
CA LYS A 32 8.24 -7.78 2.32
C LYS A 32 7.49 -7.99 1.00
N SER A 33 6.43 -8.80 1.01
CA SER A 33 5.61 -9.05 -0.17
C SER A 33 4.47 -8.03 -0.25
N ILE A 34 4.08 -7.67 -1.48
CA ILE A 34 3.06 -6.67 -1.74
C ILE A 34 2.32 -6.99 -3.04
N ARG A 35 0.97 -6.95 -3.00
CA ARG A 35 0.11 -7.17 -4.15
C ARG A 35 -0.87 -6.00 -4.25
N VAL A 36 -0.72 -5.15 -5.29
CA VAL A 36 -1.60 -4.03 -5.56
C VAL A 36 -2.47 -4.36 -6.77
N SER A 37 -3.72 -3.91 -6.76
CA SER A 37 -4.72 -4.21 -7.80
C SER A 37 -5.63 -3.00 -8.04
N LEU A 38 -5.82 -2.64 -9.31
CA LEU A 38 -6.80 -1.68 -9.76
C LEU A 38 -8.19 -2.30 -9.71
N ALA A 39 -8.33 -3.53 -10.21
CA ALA A 39 -9.58 -4.28 -10.23
C ALA A 39 -10.24 -4.32 -8.85
N ASN A 40 -9.45 -4.64 -7.81
CA ASN A 40 -9.92 -4.67 -6.43
C ASN A 40 -9.75 -3.31 -5.75
N SER A 41 -9.04 -2.36 -6.38
CA SER A 41 -8.78 -1.01 -5.87
C SER A 41 -8.20 -1.07 -4.46
N ASN A 42 -7.09 -1.79 -4.31
CA ASN A 42 -6.48 -2.01 -3.00
C ASN A 42 -4.99 -2.35 -3.11
N GLY A 43 -4.34 -2.34 -1.94
CA GLY A 43 -2.95 -2.70 -1.74
C GLY A 43 -2.86 -3.63 -0.54
N THR A 44 -2.54 -4.90 -0.78
CA THR A 44 -2.39 -5.92 0.25
C THR A 44 -0.89 -6.06 0.53
N VAL A 45 -0.45 -5.40 1.61
CA VAL A 45 0.95 -5.23 1.95
C VAL A 45 1.28 -6.07 3.19
N GLU A 46 2.32 -6.90 3.11
CA GLU A 46 2.90 -7.60 4.25
C GLU A 46 4.12 -6.81 4.70
N TYR A 47 4.19 -6.52 6.01
CA TYR A 47 5.17 -5.59 6.57
C TYR A 47 5.52 -5.99 8.01
N ASP A 48 6.62 -5.44 8.52
CA ASP A 48 7.05 -5.57 9.91
C ASP A 48 6.56 -4.35 10.71
N PRO A 49 5.65 -4.52 11.69
CA PRO A 49 5.19 -3.49 12.60
C PRO A 49 6.32 -2.64 13.22
N LEU A 50 7.45 -3.27 13.52
CA LEU A 50 8.58 -2.63 14.18
C LEU A 50 9.18 -1.51 13.33
N LEU A 51 9.16 -1.65 12.00
CA LEU A 51 9.80 -0.71 11.08
C LEU A 51 8.76 0.25 10.48
N THR A 52 7.58 -0.23 10.11
CA THR A 52 6.52 0.58 9.50
C THR A 52 5.14 0.14 10.00
N SER A 53 4.10 0.92 9.68
CA SER A 53 2.75 0.72 10.18
C SER A 53 1.73 0.94 9.05
N PRO A 54 0.48 0.45 9.18
CA PRO A 54 -0.61 0.74 8.27
C PRO A 54 -0.77 2.25 8.03
N GLU A 55 -0.63 3.04 9.09
CA GLU A 55 -0.74 4.49 9.06
C GLU A 55 0.34 5.08 8.15
N THR A 56 1.59 4.64 8.29
CA THR A 56 2.70 5.09 7.47
C THR A 56 2.46 4.77 5.99
N LEU A 57 2.11 3.51 5.71
CA LEU A 57 1.88 3.01 4.36
C LEU A 57 0.75 3.79 3.68
N ARG A 58 -0.39 3.92 4.37
CA ARG A 58 -1.52 4.74 3.93
C ARG A 58 -1.06 6.18 3.65
N GLY A 59 -0.33 6.78 4.58
CA GLY A 59 0.19 8.14 4.47
C GLY A 59 0.98 8.34 3.17
N ALA A 60 1.87 7.40 2.85
CA ALA A 60 2.68 7.45 1.64
C ALA A 60 1.81 7.49 0.39
N ILE A 61 0.85 6.56 0.26
CA ILE A 61 -0.03 6.49 -0.90
C ILE A 61 -0.96 7.71 -0.98
N GLU A 62 -1.44 8.20 0.16
CA GLU A 62 -2.25 9.40 0.24
C GLU A 62 -1.45 10.60 -0.30
N ASP A 63 -0.17 10.71 0.10
CA ASP A 63 0.74 11.74 -0.38
C ASP A 63 0.96 11.64 -1.89
N MET A 64 1.15 10.42 -2.42
CA MET A 64 1.27 10.19 -3.87
C MET A 64 0.03 10.73 -4.60
N GLY A 65 -1.17 10.45 -4.07
CA GLY A 65 -2.41 11.07 -4.52
C GLY A 65 -3.45 10.03 -4.91
N PHE A 66 -3.88 9.21 -3.95
CA PHE A 66 -5.00 8.28 -4.10
C PHE A 66 -5.82 8.28 -2.81
N ASP A 67 -7.09 7.87 -2.89
CA ASP A 67 -7.95 7.75 -1.73
C ASP A 67 -7.60 6.46 -0.99
N ALA A 68 -6.62 6.54 -0.09
CA ALA A 68 -6.08 5.41 0.65
C ALA A 68 -6.70 5.39 2.05
N THR A 69 -7.46 4.33 2.36
CA THR A 69 -8.15 4.14 3.64
C THR A 69 -8.01 2.69 4.09
N LEU A 70 -7.66 2.47 5.36
CA LEU A 70 -7.44 1.13 5.91
C LEU A 70 -8.75 0.35 6.00
N SER A 71 -8.68 -0.97 5.78
CA SER A 71 -9.78 -1.88 6.05
C SER A 71 -9.91 -2.05 7.57
N ASP A 72 -8.79 -2.35 8.22
CA ASP A 72 -8.65 -2.48 9.67
C ASP A 72 -8.79 -1.12 10.35
N LEU A 1 7.41 -10.32 15.34
CA LEU A 1 6.71 -10.98 14.22
C LEU A 1 6.24 -9.95 13.19
N THR A 2 6.04 -10.41 11.95
CA THR A 2 5.58 -9.59 10.83
C THR A 2 4.08 -9.79 10.64
N GLN A 3 3.41 -8.80 10.02
CA GLN A 3 1.96 -8.76 9.86
C GLN A 3 1.61 -8.39 8.43
N GLU A 4 0.37 -8.71 8.02
CA GLU A 4 -0.19 -8.33 6.74
C GLU A 4 -1.35 -7.37 6.99
N THR A 5 -1.54 -6.39 6.08
CA THR A 5 -2.64 -5.44 6.12
C THR A 5 -3.18 -5.22 4.71
N VAL A 6 -4.44 -4.81 4.62
CA VAL A 6 -5.12 -4.45 3.38
C VAL A 6 -5.57 -3.00 3.51
N ILE A 7 -5.27 -2.19 2.49
CA ILE A 7 -5.58 -0.77 2.45
C ILE A 7 -6.30 -0.53 1.11
N ASN A 8 -7.54 -0.03 1.16
CA ASN A 8 -8.28 0.32 -0.05
C ASN A 8 -7.73 1.64 -0.59
N ILE A 9 -7.50 1.69 -1.91
CA ILE A 9 -6.90 2.81 -2.59
C ILE A 9 -7.85 3.25 -3.71
N ASP A 10 -8.45 4.43 -3.56
CA ASP A 10 -9.28 5.05 -4.57
C ASP A 10 -8.46 6.11 -5.30
N GLY A 11 -8.81 6.38 -6.55
CA GLY A 11 -8.09 7.30 -7.43
C GLY A 11 -7.10 6.59 -8.35
N MET A 12 -7.04 5.24 -8.31
CA MET A 12 -6.21 4.48 -9.22
C MET A 12 -6.95 4.36 -10.55
N THR A 13 -6.51 5.16 -11.54
CA THR A 13 -7.19 5.29 -12.82
C THR A 13 -6.78 4.17 -13.79
N CYS A 14 -5.55 3.66 -13.69
CA CYS A 14 -5.06 2.61 -14.59
C CYS A 14 -3.88 1.87 -13.96
N ASN A 15 -3.35 0.88 -14.69
CA ASN A 15 -2.29 -0.02 -14.23
C ASN A 15 -1.00 0.71 -13.87
N SER A 16 -0.74 1.90 -14.44
CA SER A 16 0.39 2.73 -14.09
C SER A 16 0.40 3.05 -12.59
N CYS A 17 -0.77 3.33 -12.02
CA CYS A 17 -0.92 3.60 -10.59
C CYS A 17 -0.52 2.35 -9.79
N VAL A 18 -1.11 1.20 -10.14
CA VAL A 18 -0.83 -0.08 -9.51
C VAL A 18 0.68 -0.33 -9.46
N GLN A 19 1.33 -0.26 -10.63
CA GLN A 19 2.75 -0.50 -10.80
C GLN A 19 3.58 0.45 -9.93
N SER A 20 3.34 1.76 -10.05
CA SER A 20 4.10 2.77 -9.33
C SER A 20 3.98 2.60 -7.82
N ILE A 21 2.75 2.50 -7.30
CA ILE A 21 2.49 2.31 -5.87
C ILE A 21 3.22 1.06 -5.39
N GLU A 22 2.99 -0.08 -6.03
CA GLU A 22 3.57 -1.37 -5.65
C GLU A 22 5.10 -1.24 -5.55
N GLY A 23 5.74 -0.74 -6.62
CA GLY A 23 7.18 -0.58 -6.70
C GLY A 23 7.72 0.32 -5.58
N VAL A 24 7.19 1.54 -5.47
CA VAL A 24 7.66 2.55 -4.51
C VAL A 24 7.51 2.06 -3.08
N ILE A 25 6.30 1.63 -2.70
CA ILE A 25 6.00 1.21 -1.34
C ILE A 25 6.82 -0.01 -0.93
N SER A 26 7.16 -0.90 -1.88
CA SER A 26 8.02 -2.06 -1.61
C SER A 26 9.36 -1.67 -0.98
N LYS A 27 9.85 -0.45 -1.21
CA LYS A 27 11.15 0.01 -0.74
C LYS A 27 11.09 0.63 0.65
N LYS A 28 9.89 0.80 1.22
CA LYS A 28 9.73 1.39 2.54
C LYS A 28 10.22 0.41 3.61
N PRO A 29 10.83 0.90 4.70
CA PRO A 29 11.43 0.06 5.73
C PRO A 29 10.35 -0.78 6.41
N GLY A 30 10.57 -2.10 6.47
CA GLY A 30 9.63 -3.04 7.06
C GLY A 30 8.86 -3.81 6.00
N VAL A 31 8.55 -3.16 4.85
CA VAL A 31 7.76 -3.78 3.78
C VAL A 31 8.57 -4.89 3.11
N LYS A 32 7.89 -6.00 2.79
CA LYS A 32 8.47 -7.16 2.13
C LYS A 32 7.73 -7.37 0.81
N SER A 33 6.75 -8.28 0.76
CA SER A 33 5.92 -8.50 -0.41
C SER A 33 4.76 -7.52 -0.40
N ILE A 34 4.32 -7.10 -1.59
CA ILE A 34 3.21 -6.18 -1.77
C ILE A 34 2.52 -6.47 -3.10
N ARG A 35 1.18 -6.52 -3.08
CA ARG A 35 0.34 -6.84 -4.22
C ARG A 35 -0.78 -5.80 -4.30
N VAL A 36 -0.72 -4.93 -5.31
CA VAL A 36 -1.69 -3.88 -5.57
C VAL A 36 -2.57 -4.32 -6.75
N SER A 37 -3.86 -3.93 -6.74
CA SER A 37 -4.85 -4.34 -7.72
C SER A 37 -5.77 -3.18 -8.08
N LEU A 38 -5.91 -2.92 -9.40
CA LEU A 38 -6.87 -1.97 -9.95
C LEU A 38 -8.29 -2.52 -9.77
N ALA A 39 -8.49 -3.78 -10.17
CA ALA A 39 -9.77 -4.47 -10.12
C ALA A 39 -10.41 -4.41 -8.74
N ASN A 40 -9.61 -4.69 -7.70
CA ASN A 40 -10.05 -4.65 -6.31
C ASN A 40 -9.87 -3.26 -5.70
N SER A 41 -9.14 -2.36 -6.37
CA SER A 41 -8.88 -0.99 -5.95
C SER A 41 -8.30 -0.96 -4.53
N ASN A 42 -7.21 -1.71 -4.32
CA ASN A 42 -6.60 -1.86 -3.00
C ASN A 42 -5.14 -2.31 -3.11
N GLY A 43 -4.47 -2.33 -1.96
CA GLY A 43 -3.09 -2.76 -1.79
C GLY A 43 -2.98 -3.65 -0.56
N THR A 44 -2.54 -4.90 -0.78
CA THR A 44 -2.26 -5.88 0.27
C THR A 44 -0.76 -5.86 0.51
N VAL A 45 -0.34 -5.50 1.74
CA VAL A 45 1.06 -5.25 2.07
C VAL A 45 1.48 -6.17 3.23
N GLU A 46 2.59 -6.90 3.06
CA GLU A 46 3.27 -7.64 4.12
C GLU A 46 4.37 -6.74 4.67
N TYR A 47 4.40 -6.52 5.99
CA TYR A 47 5.25 -5.53 6.61
C TYR A 47 5.66 -5.93 8.03
N ASP A 48 6.69 -5.25 8.56
CA ASP A 48 7.13 -5.35 9.94
C ASP A 48 6.55 -4.21 10.78
N PRO A 49 5.68 -4.49 11.77
CA PRO A 49 5.10 -3.51 12.70
C PRO A 49 6.08 -2.50 13.29
N LEU A 50 7.27 -2.95 13.70
CA LEU A 50 8.24 -2.11 14.39
C LEU A 50 8.82 -1.02 13.48
N LEU A 51 8.87 -1.29 12.16
CA LEU A 51 9.49 -0.39 11.18
C LEU A 51 8.44 0.44 10.44
N THR A 52 7.21 -0.08 10.25
CA THR A 52 6.12 0.65 9.63
C THR A 52 4.77 0.11 10.11
N SER A 53 3.70 0.88 9.91
CA SER A 53 2.34 0.54 10.35
C SER A 53 1.36 0.72 9.18
N PRO A 54 0.14 0.15 9.26
CA PRO A 54 -0.90 0.37 8.27
C PRO A 54 -1.16 1.86 8.01
N GLU A 55 -1.15 2.67 9.08
CA GLU A 55 -1.35 4.11 9.00
C GLU A 55 -0.21 4.80 8.25
N THR A 56 1.05 4.39 8.49
CA THR A 56 2.20 4.91 7.77
C THR A 56 2.08 4.61 6.28
N LEU A 57 1.77 3.35 5.94
CA LEU A 57 1.62 2.88 4.57
C LEU A 57 0.50 3.64 3.86
N ARG A 58 -0.67 3.76 4.51
CA ARG A 58 -1.78 4.58 4.05
C ARG A 58 -1.31 6.00 3.74
N GLY A 59 -0.60 6.62 4.68
CA GLY A 59 -0.05 7.96 4.53
C GLY A 59 0.86 8.08 3.30
N ALA A 60 1.75 7.12 3.10
CA ALA A 60 2.68 7.09 1.97
C ALA A 60 1.93 7.02 0.65
N ILE A 61 0.99 6.07 0.52
CA ILE A 61 0.18 5.89 -0.68
C ILE A 61 -0.61 7.17 -0.97
N GLU A 62 -1.25 7.73 0.07
CA GLU A 62 -2.00 8.98 -0.03
C GLU A 62 -1.12 10.10 -0.58
N ASP A 63 0.08 10.26 -0.01
CA ASP A 63 1.06 11.27 -0.38
C ASP A 63 1.47 11.19 -1.85
N MET A 64 1.61 9.97 -2.41
CA MET A 64 1.91 9.80 -3.83
C MET A 64 0.85 10.49 -4.70
N GLY A 65 -0.42 10.44 -4.27
CA GLY A 65 -1.51 11.19 -4.88
C GLY A 65 -2.73 10.30 -5.09
N PHE A 66 -3.21 9.68 -4.00
CA PHE A 66 -4.38 8.81 -4.01
C PHE A 66 -5.23 9.06 -2.76
N ASP A 67 -6.39 8.40 -2.70
CA ASP A 67 -7.31 8.45 -1.57
C ASP A 67 -7.26 7.08 -0.89
N ALA A 68 -6.33 6.93 0.06
CA ALA A 68 -6.04 5.67 0.72
C ALA A 68 -6.73 5.61 2.08
N THR A 69 -7.31 4.45 2.43
CA THR A 69 -7.98 4.21 3.69
C THR A 69 -7.82 2.73 4.06
N LEU A 70 -7.76 2.43 5.37
CA LEU A 70 -7.55 1.07 5.85
C LEU A 70 -8.73 0.17 5.50
N SER A 71 -8.45 -1.13 5.36
CA SER A 71 -9.43 -2.18 5.18
C SER A 71 -9.01 -3.39 6.01
N ASP A 72 -8.48 -3.12 7.21
CA ASP A 72 -7.85 -4.10 8.09
C ASP A 72 -7.59 -3.43 9.43
N LEU A 1 9.02 -8.28 14.16
CA LEU A 1 7.61 -8.72 14.09
C LEU A 1 7.16 -8.88 12.63
N THR A 2 6.03 -9.55 12.42
CA THR A 2 5.46 -9.80 11.10
C THR A 2 3.93 -9.65 11.17
N GLN A 3 3.35 -8.85 10.28
CA GLN A 3 1.91 -8.64 10.15
C GLN A 3 1.56 -8.42 8.67
N GLU A 4 0.25 -8.39 8.38
CA GLU A 4 -0.29 -8.08 7.06
C GLU A 4 -1.48 -7.13 7.24
N THR A 5 -1.62 -6.19 6.30
CA THR A 5 -2.71 -5.22 6.25
C THR A 5 -3.23 -5.13 4.82
N VAL A 6 -4.51 -4.73 4.69
CA VAL A 6 -5.14 -4.43 3.42
C VAL A 6 -5.62 -2.98 3.52
N ILE A 7 -5.39 -2.21 2.46
CA ILE A 7 -5.69 -0.78 2.39
C ILE A 7 -6.46 -0.53 1.10
N ASN A 8 -7.65 0.08 1.19
CA ASN A 8 -8.42 0.53 0.04
C ASN A 8 -7.66 1.67 -0.62
N ILE A 9 -7.48 1.62 -1.95
CA ILE A 9 -6.82 2.66 -2.72
C ILE A 9 -7.75 3.01 -3.89
N ASP A 10 -8.51 4.10 -3.74
CA ASP A 10 -9.38 4.62 -4.79
C ASP A 10 -8.67 5.78 -5.49
N GLY A 11 -8.99 5.98 -6.76
CA GLY A 11 -8.33 6.94 -7.63
C GLY A 11 -7.27 6.29 -8.53
N MET A 12 -7.13 4.96 -8.49
CA MET A 12 -6.22 4.24 -9.37
C MET A 12 -6.89 4.12 -10.73
N THR A 13 -6.37 4.88 -11.70
CA THR A 13 -6.97 5.06 -13.02
C THR A 13 -6.55 3.92 -13.95
N CYS A 14 -5.29 3.48 -13.86
CA CYS A 14 -4.77 2.43 -14.73
C CYS A 14 -3.57 1.73 -14.08
N ASN A 15 -2.98 0.76 -14.79
CA ASN A 15 -1.86 -0.06 -14.36
C ASN A 15 -0.64 0.77 -13.92
N SER A 16 -0.44 1.95 -14.52
CA SER A 16 0.64 2.86 -14.14
C SER A 16 0.60 3.18 -12.64
N CYS A 17 -0.60 3.41 -12.10
CA CYS A 17 -0.78 3.69 -10.68
C CYS A 17 -0.34 2.49 -9.85
N VAL A 18 -0.89 1.30 -10.16
CA VAL A 18 -0.58 0.05 -9.50
C VAL A 18 0.94 -0.16 -9.40
N GLN A 19 1.61 -0.09 -10.55
CA GLN A 19 3.04 -0.30 -10.68
C GLN A 19 3.84 0.73 -9.86
N SER A 20 3.54 2.02 -10.02
CA SER A 20 4.25 3.09 -9.35
C SER A 20 4.12 2.98 -7.83
N ILE A 21 2.88 2.86 -7.32
CA ILE A 21 2.59 2.68 -5.91
C ILE A 21 3.40 1.51 -5.37
N GLU A 22 3.22 0.33 -5.95
CA GLU A 22 3.89 -0.89 -5.51
C GLU A 22 5.42 -0.69 -5.48
N GLY A 23 5.98 -0.09 -6.53
CA GLY A 23 7.39 0.22 -6.63
C GLY A 23 7.89 1.04 -5.43
N VAL A 24 7.24 2.17 -5.14
CA VAL A 24 7.64 3.06 -4.06
C VAL A 24 7.46 2.38 -2.70
N ILE A 25 6.26 1.87 -2.41
CA ILE A 25 5.92 1.28 -1.12
C ILE A 25 6.82 0.08 -0.81
N SER A 26 7.12 -0.78 -1.80
CA SER A 26 7.97 -1.95 -1.60
C SER A 26 9.36 -1.61 -1.04
N LYS A 27 9.85 -0.39 -1.29
CA LYS A 27 11.18 0.05 -0.87
C LYS A 27 11.16 0.68 0.53
N LYS A 28 9.98 0.86 1.14
CA LYS A 28 9.87 1.40 2.49
C LYS A 28 10.31 0.33 3.49
N PRO A 29 11.28 0.62 4.39
CA PRO A 29 11.73 -0.30 5.42
C PRO A 29 10.56 -0.92 6.19
N GLY A 30 10.53 -2.26 6.22
CA GLY A 30 9.50 -3.03 6.90
C GLY A 30 8.67 -3.86 5.91
N VAL A 31 8.38 -3.30 4.73
CA VAL A 31 7.55 -3.98 3.74
C VAL A 31 8.28 -5.20 3.19
N LYS A 32 7.60 -6.36 3.23
CA LYS A 32 8.08 -7.62 2.68
C LYS A 32 7.45 -7.80 1.30
N SER A 33 6.42 -8.65 1.17
CA SER A 33 5.70 -8.83 -0.08
C SER A 33 4.53 -7.85 -0.17
N ILE A 34 4.10 -7.55 -1.40
CA ILE A 34 3.02 -6.63 -1.69
C ILE A 34 2.31 -7.03 -2.98
N ARG A 35 0.98 -6.84 -3.03
CA ARG A 35 0.17 -7.03 -4.22
C ARG A 35 -0.88 -5.90 -4.28
N VAL A 36 -0.71 -4.98 -5.22
CA VAL A 36 -1.65 -3.90 -5.52
C VAL A 36 -2.51 -4.32 -6.71
N SER A 37 -3.81 -3.98 -6.69
CA SER A 37 -4.78 -4.42 -7.68
C SER A 37 -5.68 -3.25 -8.12
N LEU A 38 -5.73 -3.02 -9.44
CA LEU A 38 -6.65 -2.09 -10.07
C LEU A 38 -8.09 -2.58 -9.86
N ALA A 39 -8.35 -3.82 -10.29
CA ALA A 39 -9.66 -4.45 -10.25
C ALA A 39 -10.32 -4.35 -8.87
N ASN A 40 -9.57 -4.67 -7.81
CA ASN A 40 -10.06 -4.63 -6.44
C ASN A 40 -9.85 -3.25 -5.80
N SER A 41 -9.09 -2.35 -6.46
CA SER A 41 -8.84 -0.98 -6.03
C SER A 41 -8.32 -0.96 -4.59
N ASN A 42 -7.23 -1.71 -4.34
CA ASN A 42 -6.66 -1.88 -3.02
C ASN A 42 -5.20 -2.32 -3.10
N GLY A 43 -4.55 -2.38 -1.93
CA GLY A 43 -3.19 -2.82 -1.75
C GLY A 43 -3.11 -3.75 -0.54
N THR A 44 -2.69 -5.00 -0.77
CA THR A 44 -2.43 -5.99 0.26
C THR A 44 -0.93 -5.99 0.51
N VAL A 45 -0.52 -5.62 1.73
CA VAL A 45 0.87 -5.36 2.08
C VAL A 45 1.25 -6.17 3.31
N GLU A 46 2.29 -7.03 3.20
CA GLU A 46 2.91 -7.70 4.32
C GLU A 46 4.03 -6.79 4.81
N TYR A 47 4.14 -6.59 6.14
CA TYR A 47 5.04 -5.62 6.72
C TYR A 47 5.52 -6.04 8.12
N ASP A 48 6.54 -5.32 8.62
CA ASP A 48 7.05 -5.43 9.98
C ASP A 48 6.55 -4.23 10.80
N PRO A 49 5.65 -4.43 11.79
CA PRO A 49 5.21 -3.44 12.75
C PRO A 49 6.32 -2.55 13.33
N LEU A 50 7.51 -3.12 13.59
CA LEU A 50 8.62 -2.41 14.18
C LEU A 50 9.12 -1.28 13.28
N LEU A 51 9.10 -1.50 11.95
CA LEU A 51 9.71 -0.60 10.98
C LEU A 51 8.67 0.27 10.26
N THR A 52 7.43 -0.21 10.10
CA THR A 52 6.34 0.56 9.50
C THR A 52 5.00 0.11 10.08
N SER A 53 3.92 0.81 9.73
CA SER A 53 2.57 0.56 10.24
C SER A 53 1.55 0.76 9.10
N PRO A 54 0.31 0.26 9.24
CA PRO A 54 -0.76 0.49 8.27
C PRO A 54 -0.96 1.98 7.99
N GLU A 55 -0.90 2.81 9.03
CA GLU A 55 -1.06 4.25 8.94
C GLU A 55 0.08 4.88 8.12
N THR A 56 1.32 4.43 8.33
CA THR A 56 2.47 4.91 7.57
C THR A 56 2.32 4.56 6.08
N LEU A 57 1.98 3.30 5.79
CA LEU A 57 1.80 2.80 4.44
C LEU A 57 0.68 3.56 3.72
N ARG A 58 -0.47 3.70 4.39
CA ARG A 58 -1.58 4.54 3.93
C ARG A 58 -1.08 5.94 3.62
N GLY A 59 -0.31 6.54 4.54
CA GLY A 59 0.26 7.88 4.40
C GLY A 59 1.09 8.01 3.13
N ALA A 60 1.96 7.04 2.85
CA ALA A 60 2.80 7.03 1.65
C ALA A 60 1.95 7.03 0.39
N ILE A 61 0.96 6.12 0.32
CA ILE A 61 0.06 6.00 -0.83
C ILE A 61 -0.74 7.31 -1.00
N GLU A 62 -1.21 7.89 0.11
CA GLU A 62 -1.97 9.12 0.14
C GLU A 62 -1.14 10.28 -0.42
N ASP A 63 0.13 10.36 -0.01
CA ASP A 63 1.08 11.36 -0.49
C ASP A 63 1.27 11.27 -2.01
N MET A 64 1.31 10.04 -2.56
CA MET A 64 1.39 9.83 -4.00
C MET A 64 0.12 10.27 -4.75
N GLY A 65 -0.95 10.64 -4.03
CA GLY A 65 -2.13 11.28 -4.61
C GLY A 65 -3.21 10.25 -4.93
N PHE A 66 -3.64 9.49 -3.90
CA PHE A 66 -4.74 8.54 -3.99
C PHE A 66 -5.57 8.60 -2.72
N ASP A 67 -6.84 8.19 -2.82
CA ASP A 67 -7.74 8.10 -1.68
C ASP A 67 -7.46 6.79 -0.95
N ALA A 68 -6.50 6.85 0.00
CA ALA A 68 -6.00 5.69 0.72
C ALA A 68 -6.67 5.62 2.10
N THR A 69 -7.34 4.50 2.39
CA THR A 69 -8.07 4.27 3.63
C THR A 69 -7.93 2.81 4.02
N LEU A 70 -7.70 2.51 5.31
CA LEU A 70 -7.47 1.16 5.79
C LEU A 70 -8.71 0.28 5.58
N SER A 71 -8.49 -0.96 5.12
CA SER A 71 -9.53 -1.99 5.09
C SER A 71 -9.46 -2.76 6.41
N ASP A 72 -8.26 -3.23 6.76
CA ASP A 72 -7.97 -3.99 7.97
C ASP A 72 -6.46 -4.02 8.18
N LEU A 1 6.27 -8.34 14.65
CA LEU A 1 7.40 -8.71 13.78
C LEU A 1 6.95 -8.98 12.34
N THR A 2 5.82 -9.66 12.17
CA THR A 2 5.23 -9.96 10.86
C THR A 2 3.72 -9.73 10.93
N GLN A 3 3.19 -8.87 10.04
CA GLN A 3 1.76 -8.69 9.83
C GLN A 3 1.50 -8.42 8.35
N GLU A 4 0.21 -8.45 7.97
CA GLU A 4 -0.26 -8.09 6.65
C GLU A 4 -1.57 -7.31 6.81
N THR A 5 -1.74 -6.26 6.00
CA THR A 5 -2.89 -5.37 6.06
C THR A 5 -3.37 -5.06 4.64
N VAL A 6 -4.70 -4.99 4.47
CA VAL A 6 -5.34 -4.52 3.26
C VAL A 6 -5.76 -3.08 3.49
N ILE A 7 -5.47 -2.21 2.51
CA ILE A 7 -5.82 -0.80 2.52
C ILE A 7 -6.49 -0.54 1.17
N ASN A 8 -7.76 -0.11 1.18
CA ASN A 8 -8.48 0.23 -0.04
C ASN A 8 -7.94 1.54 -0.59
N ILE A 9 -7.65 1.58 -1.90
CA ILE A 9 -7.03 2.69 -2.60
C ILE A 9 -8.01 3.14 -3.70
N ASP A 10 -8.58 4.33 -3.54
CA ASP A 10 -9.44 4.97 -4.52
C ASP A 10 -8.64 6.03 -5.28
N GLY A 11 -9.00 6.25 -6.55
CA GLY A 11 -8.33 7.17 -7.48
C GLY A 11 -7.35 6.45 -8.40
N MET A 12 -7.42 5.12 -8.49
CA MET A 12 -6.57 4.31 -9.35
C MET A 12 -7.10 4.41 -10.77
N THR A 13 -6.38 5.12 -11.65
CA THR A 13 -6.83 5.49 -12.98
C THR A 13 -6.59 4.36 -13.98
N CYS A 14 -5.38 3.78 -13.98
CA CYS A 14 -4.99 2.72 -14.89
C CYS A 14 -3.87 1.90 -14.23
N ASN A 15 -3.42 0.83 -14.91
CA ASN A 15 -2.44 -0.11 -14.38
C ASN A 15 -1.08 0.54 -14.05
N SER A 16 -0.77 1.70 -14.65
CA SER A 16 0.41 2.47 -14.31
C SER A 16 0.46 2.78 -12.80
N CYS A 17 -0.70 3.04 -12.18
CA CYS A 17 -0.79 3.30 -10.75
C CYS A 17 -0.40 2.06 -9.96
N VAL A 18 -0.88 0.87 -10.36
CA VAL A 18 -0.54 -0.39 -9.73
C VAL A 18 0.98 -0.55 -9.68
N GLN A 19 1.62 -0.40 -10.85
CA GLN A 19 3.07 -0.49 -11.01
C GLN A 19 3.78 0.52 -10.11
N SER A 20 3.37 1.79 -10.17
CA SER A 20 3.99 2.87 -9.43
C SER A 20 3.94 2.62 -7.92
N ILE A 21 2.73 2.48 -7.37
CA ILE A 21 2.47 2.26 -5.96
C ILE A 21 3.30 1.06 -5.47
N GLU A 22 3.19 -0.09 -6.15
CA GLU A 22 3.86 -1.32 -5.75
C GLU A 22 5.38 -1.13 -5.76
N GLY A 23 5.94 -0.70 -6.90
CA GLY A 23 7.36 -0.55 -7.12
C GLY A 23 8.02 0.44 -6.16
N VAL A 24 7.34 1.55 -5.85
CA VAL A 24 7.86 2.57 -4.95
C VAL A 24 7.80 2.07 -3.51
N ILE A 25 6.61 1.69 -3.04
CA ILE A 25 6.38 1.38 -1.64
C ILE A 25 7.11 0.10 -1.21
N SER A 26 7.33 -0.85 -2.13
CA SER A 26 8.13 -2.06 -1.86
C SER A 26 9.52 -1.72 -1.30
N LYS A 27 10.07 -0.55 -1.66
CA LYS A 27 11.41 -0.15 -1.27
C LYS A 27 11.42 0.60 0.05
N LYS A 28 10.26 1.09 0.52
CA LYS A 28 10.16 1.80 1.79
C LYS A 28 10.34 0.81 2.96
N PRO A 29 11.03 1.21 4.04
CA PRO A 29 11.44 0.31 5.11
C PRO A 29 10.23 -0.27 5.82
N GLY A 30 10.32 -1.56 6.17
CA GLY A 30 9.25 -2.30 6.81
C GLY A 30 8.44 -3.11 5.82
N VAL A 31 8.28 -2.63 4.57
CA VAL A 31 7.47 -3.30 3.57
C VAL A 31 8.20 -4.53 3.03
N LYS A 32 7.45 -5.60 2.77
CA LYS A 32 7.95 -6.88 2.30
C LYS A 32 7.30 -7.15 0.93
N SER A 33 6.39 -8.11 0.85
CA SER A 33 5.66 -8.46 -0.36
C SER A 33 4.37 -7.63 -0.41
N ILE A 34 4.43 -6.49 -1.11
CA ILE A 34 3.29 -5.63 -1.38
C ILE A 34 2.62 -6.07 -2.69
N ARG A 35 1.29 -6.19 -2.66
CA ARG A 35 0.48 -6.73 -3.74
C ARG A 35 -0.65 -5.74 -4.04
N VAL A 36 -0.47 -4.90 -5.06
CA VAL A 36 -1.43 -3.86 -5.44
C VAL A 36 -2.34 -4.36 -6.56
N SER A 37 -3.60 -3.90 -6.58
CA SER A 37 -4.59 -4.28 -7.58
C SER A 37 -5.55 -3.13 -7.83
N LEU A 38 -5.72 -2.74 -9.10
CA LEU A 38 -6.73 -1.80 -9.55
C LEU A 38 -8.10 -2.47 -9.53
N ALA A 39 -8.18 -3.73 -10.00
CA ALA A 39 -9.40 -4.53 -10.06
C ALA A 39 -10.07 -4.61 -8.69
N ASN A 40 -9.29 -4.90 -7.63
CA ASN A 40 -9.78 -4.94 -6.26
C ASN A 40 -9.66 -3.56 -5.58
N SER A 41 -9.05 -2.57 -6.26
CA SER A 41 -8.93 -1.19 -5.85
C SER A 41 -8.30 -1.09 -4.45
N ASN A 42 -7.14 -1.71 -4.26
CA ASN A 42 -6.52 -1.85 -2.96
C ASN A 42 -5.03 -2.18 -3.05
N GLY A 43 -4.38 -2.15 -1.89
CA GLY A 43 -3.01 -2.54 -1.65
C GLY A 43 -2.99 -3.51 -0.48
N THR A 44 -2.56 -4.76 -0.74
CA THR A 44 -2.41 -5.81 0.26
C THR A 44 -0.93 -5.85 0.62
N VAL A 45 -0.57 -5.13 1.68
CA VAL A 45 0.81 -4.87 2.07
C VAL A 45 1.22 -5.81 3.19
N GLU A 46 2.26 -6.63 2.96
CA GLU A 46 2.90 -7.43 3.99
C GLU A 46 4.01 -6.57 4.58
N TYR A 47 4.10 -6.49 5.92
CA TYR A 47 4.97 -5.54 6.59
C TYR A 47 5.49 -6.03 7.95
N ASP A 48 6.42 -5.26 8.53
CA ASP A 48 6.93 -5.42 9.89
C ASP A 48 6.37 -4.29 10.77
N PRO A 49 5.48 -4.60 11.73
CA PRO A 49 4.97 -3.67 12.74
C PRO A 49 6.03 -2.78 13.39
N LEU A 50 7.23 -3.32 13.64
CA LEU A 50 8.32 -2.63 14.30
C LEU A 50 8.83 -1.44 13.45
N LEU A 51 8.80 -1.58 12.13
CA LEU A 51 9.37 -0.62 11.19
C LEU A 51 8.32 0.29 10.57
N THR A 52 7.10 -0.22 10.34
CA THR A 52 6.00 0.54 9.74
C THR A 52 4.66 0.05 10.28
N SER A 53 3.58 0.77 9.99
CA SER A 53 2.23 0.48 10.48
C SER A 53 1.20 0.75 9.37
N PRO A 54 -0.03 0.23 9.46
CA PRO A 54 -1.09 0.49 8.50
C PRO A 54 -1.28 1.99 8.21
N GLU A 55 -1.25 2.82 9.26
CA GLU A 55 -1.40 4.26 9.14
C GLU A 55 -0.23 4.89 8.38
N THR A 56 1.01 4.42 8.62
CA THR A 56 2.19 4.89 7.90
C THR A 56 2.06 4.56 6.41
N LEU A 57 1.65 3.33 6.10
CA LEU A 57 1.50 2.83 4.73
C LEU A 57 0.39 3.59 4.00
N ARG A 58 -0.74 3.83 4.66
CA ARG A 58 -1.80 4.70 4.18
C ARG A 58 -1.22 6.07 3.86
N GLY A 59 -0.44 6.64 4.78
CA GLY A 59 0.26 7.90 4.61
C GLY A 59 1.14 7.91 3.36
N ALA A 60 1.89 6.82 3.12
CA ALA A 60 2.77 6.68 1.97
C ALA A 60 1.96 6.73 0.66
N ILE A 61 0.83 6.02 0.60
CA ILE A 61 -0.04 6.00 -0.56
C ILE A 61 -0.62 7.40 -0.80
N GLU A 62 -1.06 8.08 0.26
CA GLU A 62 -1.57 9.45 0.20
C GLU A 62 -0.50 10.42 -0.28
N ASP A 63 0.76 10.24 0.16
CA ASP A 63 1.89 11.05 -0.26
C ASP A 63 2.10 10.93 -1.78
N MET A 64 2.01 9.71 -2.33
CA MET A 64 2.05 9.50 -3.76
C MET A 64 0.88 10.20 -4.45
N GLY A 65 -0.34 10.02 -3.92
CA GLY A 65 -1.52 10.78 -4.33
C GLY A 65 -2.69 9.88 -4.69
N PHE A 66 -3.16 9.07 -3.72
CA PHE A 66 -4.38 8.29 -3.84
C PHE A 66 -5.13 8.32 -2.52
N ASP A 67 -6.47 8.21 -2.59
CA ASP A 67 -7.34 8.24 -1.43
C ASP A 67 -7.32 6.86 -0.76
N ALA A 68 -6.43 6.70 0.23
CA ALA A 68 -6.19 5.43 0.91
C ALA A 68 -6.95 5.38 2.23
N THR A 69 -7.63 4.27 2.50
CA THR A 69 -8.42 4.03 3.70
C THR A 69 -8.19 2.59 4.16
N LEU A 70 -7.92 2.41 5.46
CA LEU A 70 -7.64 1.10 6.04
C LEU A 70 -8.84 0.17 5.88
N SER A 71 -8.60 -1.05 5.40
CA SER A 71 -9.59 -2.13 5.39
C SER A 71 -9.39 -2.96 6.65
N ASP A 72 -8.11 -3.28 6.96
CA ASP A 72 -7.68 -3.92 8.19
C ASP A 72 -6.99 -2.87 9.07
N LEU A 1 6.50 -10.21 14.55
CA LEU A 1 7.61 -10.15 13.59
C LEU A 1 7.18 -9.48 12.29
N THR A 2 6.14 -10.04 11.64
CA THR A 2 5.56 -9.52 10.41
C THR A 2 4.04 -9.65 10.45
N GLN A 3 3.36 -8.78 9.71
CA GLN A 3 1.90 -8.74 9.55
C GLN A 3 1.57 -8.37 8.11
N GLU A 4 0.31 -8.58 7.73
CA GLU A 4 -0.26 -8.18 6.46
C GLU A 4 -1.43 -7.22 6.70
N THR A 5 -1.59 -6.22 5.84
CA THR A 5 -2.69 -5.27 5.91
C THR A 5 -3.18 -4.92 4.51
N VAL A 6 -4.50 -4.81 4.36
CA VAL A 6 -5.18 -4.38 3.16
C VAL A 6 -5.54 -2.91 3.34
N ILE A 7 -4.99 -2.05 2.49
CA ILE A 7 -5.29 -0.62 2.41
C ILE A 7 -6.22 -0.44 1.21
N ASN A 8 -7.34 0.28 1.39
CA ASN A 8 -8.19 0.70 0.27
C ASN A 8 -7.45 1.80 -0.48
N ILE A 9 -7.27 1.64 -1.78
CA ILE A 9 -6.56 2.58 -2.65
C ILE A 9 -7.49 2.89 -3.81
N ASP A 10 -8.32 3.92 -3.65
CA ASP A 10 -9.27 4.35 -4.67
C ASP A 10 -8.70 5.56 -5.41
N GLY A 11 -9.22 5.81 -6.63
CA GLY A 11 -8.77 6.88 -7.50
C GLY A 11 -7.55 6.49 -8.33
N MET A 12 -7.30 5.19 -8.52
CA MET A 12 -6.30 4.73 -9.48
C MET A 12 -6.91 4.78 -10.88
N THR A 13 -6.20 5.42 -11.81
CA THR A 13 -6.68 5.66 -13.16
C THR A 13 -6.43 4.45 -14.06
N CYS A 14 -5.25 3.82 -13.96
CA CYS A 14 -4.85 2.74 -14.85
C CYS A 14 -3.73 1.91 -14.22
N ASN A 15 -3.28 0.88 -14.95
CA ASN A 15 -2.24 -0.06 -14.54
C ASN A 15 -0.92 0.62 -14.13
N SER A 16 -0.60 1.77 -14.71
CA SER A 16 0.58 2.55 -14.36
C SER A 16 0.62 2.85 -12.86
N CYS A 17 -0.53 3.16 -12.27
CA CYS A 17 -0.63 3.43 -10.84
C CYS A 17 -0.27 2.17 -10.04
N VAL A 18 -0.87 1.02 -10.41
CA VAL A 18 -0.62 -0.27 -9.77
C VAL A 18 0.89 -0.55 -9.75
N GLN A 19 1.53 -0.43 -10.93
CA GLN A 19 2.96 -0.62 -11.12
C GLN A 19 3.80 0.32 -10.26
N SER A 20 3.45 1.62 -10.25
CA SER A 20 4.18 2.63 -9.48
C SER A 20 4.11 2.32 -7.99
N ILE A 21 2.91 2.07 -7.47
CA ILE A 21 2.68 1.83 -6.05
C ILE A 21 3.46 0.60 -5.60
N GLU A 22 3.26 -0.56 -6.24
CA GLU A 22 3.92 -1.79 -5.82
C GLU A 22 5.45 -1.61 -5.82
N GLY A 23 5.99 -1.00 -6.89
CA GLY A 23 7.41 -0.75 -7.03
C GLY A 23 7.95 0.10 -5.87
N VAL A 24 7.42 1.33 -5.72
CA VAL A 24 7.87 2.29 -4.73
C VAL A 24 7.72 1.74 -3.31
N ILE A 25 6.49 1.33 -2.95
CA ILE A 25 6.15 0.97 -1.58
C ILE A 25 6.94 -0.26 -1.12
N SER A 26 7.25 -1.21 -2.01
CA SER A 26 8.05 -2.39 -1.67
C SER A 26 9.36 -2.04 -0.96
N LYS A 27 10.00 -0.90 -1.32
CA LYS A 27 11.29 -0.52 -0.77
C LYS A 27 11.18 0.32 0.50
N LYS A 28 9.96 0.71 0.92
CA LYS A 28 9.78 1.53 2.11
C LYS A 28 10.14 0.72 3.36
N PRO A 29 10.67 1.36 4.43
CA PRO A 29 11.00 0.72 5.69
C PRO A 29 9.89 -0.21 6.19
N GLY A 30 10.26 -1.42 6.59
CA GLY A 30 9.34 -2.41 7.13
C GLY A 30 8.69 -3.25 6.04
N VAL A 31 8.32 -2.64 4.90
CA VAL A 31 7.64 -3.34 3.82
C VAL A 31 8.57 -4.36 3.18
N LYS A 32 8.00 -5.51 2.78
CA LYS A 32 8.68 -6.57 2.05
C LYS A 32 7.99 -6.70 0.70
N SER A 33 7.03 -7.64 0.58
CA SER A 33 6.22 -7.83 -0.62
C SER A 33 4.95 -6.97 -0.53
N ILE A 34 4.37 -6.67 -1.69
CA ILE A 34 3.11 -5.94 -1.81
C ILE A 34 2.40 -6.40 -3.09
N ARG A 35 1.06 -6.47 -3.05
CA ARG A 35 0.23 -6.81 -4.19
C ARG A 35 -0.89 -5.78 -4.32
N VAL A 36 -0.81 -4.91 -5.33
CA VAL A 36 -1.77 -3.87 -5.62
C VAL A 36 -2.74 -4.37 -6.71
N SER A 37 -3.99 -3.89 -6.69
CA SER A 37 -5.00 -4.30 -7.66
C SER A 37 -5.93 -3.12 -7.97
N LEU A 38 -6.02 -2.76 -9.26
CA LEU A 38 -6.97 -1.78 -9.78
C LEU A 38 -8.39 -2.31 -9.65
N ALA A 39 -8.60 -3.57 -10.06
CA ALA A 39 -9.89 -4.24 -10.03
C ALA A 39 -10.53 -4.18 -8.65
N ASN A 40 -9.73 -4.41 -7.60
CA ASN A 40 -10.19 -4.37 -6.22
C ASN A 40 -10.05 -2.95 -5.64
N SER A 41 -9.21 -2.11 -6.23
CA SER A 41 -8.86 -0.77 -5.76
C SER A 41 -8.31 -0.86 -4.34
N ASN A 42 -7.23 -1.63 -4.18
CA ASN A 42 -6.60 -1.87 -2.89
C ASN A 42 -5.11 -2.20 -3.04
N GLY A 43 -4.42 -2.24 -1.90
CA GLY A 43 -3.01 -2.60 -1.77
C GLY A 43 -2.85 -3.52 -0.57
N THR A 44 -2.44 -4.77 -0.84
CA THR A 44 -2.24 -5.80 0.18
C THR A 44 -0.74 -5.85 0.47
N VAL A 45 -0.34 -5.22 1.57
CA VAL A 45 1.05 -4.97 1.92
C VAL A 45 1.49 -5.95 3.01
N GLU A 46 2.66 -6.57 2.85
CA GLU A 46 3.30 -7.40 3.85
C GLU A 46 4.43 -6.58 4.46
N TYR A 47 4.45 -6.41 5.79
CA TYR A 47 5.31 -5.46 6.46
C TYR A 47 5.70 -5.91 7.88
N ASP A 48 6.64 -5.19 8.49
CA ASP A 48 7.05 -5.35 9.88
C ASP A 48 6.40 -4.26 10.74
N PRO A 49 5.47 -4.60 11.66
CA PRO A 49 4.88 -3.70 12.64
C PRO A 49 5.87 -2.76 13.33
N LEU A 50 7.06 -3.27 13.69
CA LEU A 50 8.08 -2.54 14.41
C LEU A 50 8.59 -1.33 13.60
N LEU A 51 8.67 -1.47 12.27
CA LEU A 51 9.27 -0.48 11.39
C LEU A 51 8.21 0.40 10.70
N THR A 52 7.00 -0.12 10.47
CA THR A 52 5.91 0.64 9.86
C THR A 52 4.56 0.08 10.31
N SER A 53 3.50 0.89 10.19
CA SER A 53 2.14 0.56 10.59
C SER A 53 1.18 0.77 9.39
N PRO A 54 -0.03 0.19 9.41
CA PRO A 54 -1.06 0.45 8.41
C PRO A 54 -1.30 1.94 8.19
N GLU A 55 -1.22 2.75 9.26
CA GLU A 55 -1.42 4.19 9.24
C GLU A 55 -0.28 4.87 8.47
N THR A 56 0.97 4.46 8.71
CA THR A 56 2.12 4.99 8.00
C THR A 56 2.03 4.65 6.50
N LEU A 57 1.67 3.40 6.19
CA LEU A 57 1.53 2.92 4.81
C LEU A 57 0.43 3.70 4.08
N ARG A 58 -0.75 3.82 4.71
CA ARG A 58 -1.83 4.68 4.25
C ARG A 58 -1.31 6.08 3.94
N GLY A 59 -0.52 6.65 4.87
CA GLY A 59 0.15 7.93 4.70
C GLY A 59 0.96 7.97 3.40
N ALA A 60 1.81 6.98 3.15
CA ALA A 60 2.63 6.90 1.95
C ALA A 60 1.79 6.87 0.68
N ILE A 61 0.70 6.08 0.65
CA ILE A 61 -0.21 6.04 -0.50
C ILE A 61 -0.84 7.41 -0.73
N GLU A 62 -1.28 8.08 0.34
CA GLU A 62 -1.81 9.43 0.28
C GLU A 62 -0.76 10.39 -0.31
N ASP A 63 0.49 10.27 0.15
CA ASP A 63 1.61 11.08 -0.34
C ASP A 63 1.83 10.88 -1.84
N MET A 64 1.74 9.64 -2.33
CA MET A 64 1.82 9.36 -3.77
C MET A 64 0.65 10.04 -4.51
N GLY A 65 -0.56 9.96 -3.95
CA GLY A 65 -1.72 10.72 -4.41
C GLY A 65 -2.88 9.81 -4.79
N PHE A 66 -3.39 9.03 -3.82
CA PHE A 66 -4.58 8.21 -3.98
C PHE A 66 -5.40 8.27 -2.69
N ASP A 67 -6.70 7.94 -2.78
CA ASP A 67 -7.59 7.91 -1.63
C ASP A 67 -7.27 6.67 -0.79
N ALA A 68 -6.48 6.89 0.27
CA ALA A 68 -5.93 5.86 1.13
C ALA A 68 -6.77 5.74 2.41
N THR A 69 -7.22 4.54 2.74
CA THR A 69 -8.00 4.24 3.95
C THR A 69 -7.70 2.80 4.39
N LEU A 70 -7.82 2.49 5.69
CA LEU A 70 -7.59 1.15 6.21
C LEU A 70 -8.77 0.26 5.84
N SER A 71 -8.52 -0.87 5.15
CA SER A 71 -9.54 -1.89 4.91
C SER A 71 -9.48 -2.91 6.05
N ASP A 72 -8.31 -3.56 6.21
CA ASP A 72 -8.02 -4.54 7.24
C ASP A 72 -6.52 -4.82 7.21
N LEU A 1 9.11 -8.24 14.06
CA LEU A 1 7.71 -8.70 13.99
C LEU A 1 7.22 -8.80 12.54
N THR A 2 6.08 -9.44 12.33
CA THR A 2 5.44 -9.58 11.02
C THR A 2 3.92 -9.42 11.17
N GLN A 3 3.31 -8.60 10.30
CA GLN A 3 1.87 -8.41 10.19
C GLN A 3 1.51 -8.18 8.72
N GLU A 4 0.21 -8.29 8.42
CA GLU A 4 -0.35 -8.09 7.09
C GLU A 4 -1.52 -7.11 7.20
N THR A 5 -1.77 -6.35 6.12
CA THR A 5 -2.86 -5.38 6.05
C THR A 5 -3.36 -5.25 4.61
N VAL A 6 -4.62 -4.86 4.46
CA VAL A 6 -5.25 -4.55 3.20
C VAL A 6 -5.79 -3.12 3.30
N ILE A 7 -5.39 -2.25 2.37
CA ILE A 7 -5.74 -0.84 2.36
C ILE A 7 -6.46 -0.56 1.05
N ASN A 8 -7.70 -0.05 1.12
CA ASN A 8 -8.46 0.38 -0.05
C ASN A 8 -7.78 1.63 -0.62
N ILE A 9 -7.54 1.65 -1.94
CA ILE A 9 -6.91 2.75 -2.63
C ILE A 9 -7.86 3.18 -3.76
N ASP A 10 -8.48 4.35 -3.60
CA ASP A 10 -9.37 4.92 -4.60
C ASP A 10 -8.62 5.98 -5.41
N GLY A 11 -9.01 6.15 -6.67
CA GLY A 11 -8.43 7.11 -7.59
C GLY A 11 -7.32 6.51 -8.46
N MET A 12 -7.18 5.18 -8.49
CA MET A 12 -6.24 4.52 -9.40
C MET A 12 -6.87 4.46 -10.78
N THR A 13 -6.23 5.12 -11.75
CA THR A 13 -6.76 5.31 -13.09
C THR A 13 -6.44 4.10 -13.96
N CYS A 14 -5.21 3.58 -13.87
CA CYS A 14 -4.76 2.48 -14.72
C CYS A 14 -3.60 1.73 -14.05
N ASN A 15 -3.08 0.71 -14.74
CA ASN A 15 -2.01 -0.16 -14.28
C ASN A 15 -0.72 0.59 -13.93
N SER A 16 -0.50 1.77 -14.53
CA SER A 16 0.64 2.63 -14.20
C SER A 16 0.64 2.99 -12.71
N CYS A 17 -0.54 3.35 -12.16
CA CYS A 17 -0.68 3.67 -10.75
C CYS A 17 -0.31 2.47 -9.90
N VAL A 18 -0.91 1.30 -10.20
CA VAL A 18 -0.65 0.05 -9.52
C VAL A 18 0.86 -0.21 -9.44
N GLN A 19 1.54 -0.16 -10.59
CA GLN A 19 2.97 -0.40 -10.72
C GLN A 19 3.76 0.58 -9.84
N SER A 20 3.49 1.88 -9.94
CA SER A 20 4.19 2.91 -9.18
C SER A 20 4.03 2.68 -7.68
N ILE A 21 2.79 2.57 -7.19
CA ILE A 21 2.47 2.37 -5.79
C ILE A 21 3.23 1.13 -5.27
N GLU A 22 3.03 -0.01 -5.93
CA GLU A 22 3.64 -1.28 -5.55
C GLU A 22 5.15 -1.16 -5.45
N GLY A 23 5.79 -0.66 -6.52
CA GLY A 23 7.23 -0.52 -6.63
C GLY A 23 7.82 0.35 -5.51
N VAL A 24 7.29 1.57 -5.34
CA VAL A 24 7.76 2.51 -4.33
C VAL A 24 7.62 1.91 -2.93
N ILE A 25 6.43 1.43 -2.59
CA ILE A 25 6.12 0.95 -1.24
C ILE A 25 6.97 -0.29 -0.90
N SER A 26 7.15 -1.20 -1.86
CA SER A 26 8.00 -2.38 -1.70
C SER A 26 9.40 -2.05 -1.14
N LYS A 27 9.94 -0.88 -1.51
CA LYS A 27 11.30 -0.49 -1.20
C LYS A 27 11.40 0.25 0.15
N LYS A 28 10.28 0.62 0.79
CA LYS A 28 10.33 1.27 2.08
C LYS A 28 10.71 0.26 3.17
N PRO A 29 11.59 0.62 4.12
CA PRO A 29 11.91 -0.21 5.28
C PRO A 29 10.66 -0.75 5.97
N GLY A 30 10.69 -2.03 6.33
CA GLY A 30 9.59 -2.72 6.98
C GLY A 30 8.78 -3.54 6.00
N VAL A 31 8.48 -2.99 4.81
CA VAL A 31 7.69 -3.68 3.80
C VAL A 31 8.49 -4.86 3.23
N LYS A 32 7.85 -6.02 3.13
CA LYS A 32 8.41 -7.22 2.54
C LYS A 32 7.75 -7.44 1.18
N SER A 33 6.73 -8.32 1.10
CA SER A 33 5.96 -8.56 -0.11
C SER A 33 4.76 -7.61 -0.15
N ILE A 34 4.35 -7.24 -1.37
CA ILE A 34 3.21 -6.37 -1.62
C ILE A 34 2.58 -6.72 -2.98
N ARG A 35 1.25 -6.63 -3.05
CA ARG A 35 0.47 -6.83 -4.26
C ARG A 35 -0.63 -5.77 -4.30
N VAL A 36 -0.62 -4.92 -5.33
CA VAL A 36 -1.61 -3.87 -5.55
C VAL A 36 -2.47 -4.29 -6.75
N SER A 37 -3.76 -3.91 -6.75
CA SER A 37 -4.73 -4.33 -7.75
C SER A 37 -5.66 -3.17 -8.12
N LEU A 38 -5.76 -2.89 -9.43
CA LEU A 38 -6.71 -1.95 -10.01
C LEU A 38 -8.14 -2.50 -9.84
N ALA A 39 -8.34 -3.76 -10.26
CA ALA A 39 -9.63 -4.45 -10.23
C ALA A 39 -10.27 -4.39 -8.86
N ASN A 40 -9.49 -4.69 -7.80
CA ASN A 40 -9.97 -4.67 -6.42
C ASN A 40 -9.80 -3.29 -5.79
N SER A 41 -9.08 -2.37 -6.45
CA SER A 41 -8.84 -1.01 -6.00
C SER A 41 -8.29 -0.98 -4.58
N ASN A 42 -7.18 -1.70 -4.36
CA ASN A 42 -6.58 -1.86 -3.05
C ASN A 42 -5.11 -2.25 -3.13
N GLY A 43 -4.44 -2.24 -1.97
CA GLY A 43 -3.06 -2.62 -1.77
C GLY A 43 -2.97 -3.59 -0.59
N THR A 44 -2.54 -4.82 -0.86
CA THR A 44 -2.34 -5.87 0.13
C THR A 44 -0.85 -5.91 0.44
N VAL A 45 -0.48 -5.52 1.67
CA VAL A 45 0.91 -5.32 2.08
C VAL A 45 1.24 -6.26 3.24
N GLU A 46 2.43 -6.89 3.19
CA GLU A 46 3.02 -7.63 4.27
C GLU A 46 4.22 -6.83 4.77
N TYR A 47 4.29 -6.58 6.08
CA TYR A 47 5.24 -5.63 6.66
C TYR A 47 5.65 -6.00 8.09
N ASP A 48 6.62 -5.25 8.63
CA ASP A 48 7.09 -5.34 10.00
C ASP A 48 6.55 -4.15 10.81
N PRO A 49 5.65 -4.37 11.79
CA PRO A 49 5.18 -3.37 12.74
C PRO A 49 6.26 -2.45 13.32
N LEU A 50 7.45 -3.00 13.61
CA LEU A 50 8.54 -2.25 14.22
C LEU A 50 9.03 -1.11 13.31
N LEU A 51 8.97 -1.30 11.99
CA LEU A 51 9.56 -0.41 11.00
C LEU A 51 8.50 0.42 10.26
N THR A 52 7.30 -0.12 10.06
CA THR A 52 6.20 0.59 9.40
C THR A 52 4.85 0.08 9.94
N SER A 53 3.75 0.70 9.52
CA SER A 53 2.41 0.42 10.02
C SER A 53 1.37 0.66 8.91
N PRO A 54 0.13 0.17 9.07
CA PRO A 54 -0.96 0.43 8.13
C PRO A 54 -1.18 1.92 7.91
N GLU A 55 -1.07 2.72 8.99
CA GLU A 55 -1.24 4.16 8.94
C GLU A 55 -0.10 4.83 8.17
N THR A 56 1.14 4.35 8.33
CA THR A 56 2.29 4.85 7.58
C THR A 56 2.08 4.58 6.09
N LEU A 57 1.68 3.35 5.75
CA LEU A 57 1.42 2.93 4.37
C LEU A 57 0.31 3.79 3.75
N ARG A 58 -0.82 3.93 4.45
CA ARG A 58 -1.92 4.80 4.07
C ARG A 58 -1.41 6.22 3.79
N GLY A 59 -0.59 6.76 4.70
CA GLY A 59 0.03 8.07 4.58
C GLY A 59 0.88 8.19 3.31
N ALA A 60 1.70 7.17 3.02
CA ALA A 60 2.55 7.15 1.84
C ALA A 60 1.73 7.16 0.56
N ILE A 61 0.68 6.32 0.49
CA ILE A 61 -0.23 6.27 -0.65
C ILE A 61 -0.90 7.63 -0.86
N GLU A 62 -1.36 8.25 0.24
CA GLU A 62 -1.96 9.57 0.21
C GLU A 62 -0.97 10.62 -0.31
N ASP A 63 0.30 10.55 0.14
CA ASP A 63 1.36 11.44 -0.31
C ASP A 63 1.60 11.31 -1.82
N MET A 64 1.62 10.06 -2.34
CA MET A 64 1.74 9.82 -3.77
C MET A 64 0.57 10.45 -4.52
N GLY A 65 -0.66 10.29 -4.01
CA GLY A 65 -1.84 11.01 -4.49
C GLY A 65 -3.01 10.08 -4.78
N PHE A 66 -3.39 9.24 -3.82
CA PHE A 66 -4.59 8.41 -3.89
C PHE A 66 -5.24 8.40 -2.52
N ASP A 67 -6.56 8.61 -2.45
CA ASP A 67 -7.28 8.63 -1.18
C ASP A 67 -7.38 7.21 -0.64
N ALA A 68 -6.55 6.91 0.38
CA ALA A 68 -6.37 5.59 0.95
C ALA A 68 -7.10 5.49 2.29
N THR A 69 -7.73 4.33 2.53
CA THR A 69 -8.43 4.01 3.77
C THR A 69 -8.19 2.54 4.11
N LEU A 70 -8.09 2.21 5.40
CA LEU A 70 -7.78 0.86 5.85
C LEU A 70 -8.99 -0.05 5.62
N SER A 71 -8.77 -1.19 4.95
CA SER A 71 -9.77 -2.25 4.82
C SER A 71 -9.72 -3.12 6.08
N ASP A 72 -8.50 -3.57 6.41
CA ASP A 72 -8.20 -4.41 7.55
C ASP A 72 -6.72 -4.23 7.89
N LEU A 1 9.41 -9.76 13.47
CA LEU A 1 7.94 -9.64 13.56
C LEU A 1 7.35 -9.25 12.21
N THR A 2 6.17 -9.80 11.89
CA THR A 2 5.47 -9.58 10.63
C THR A 2 3.97 -9.44 10.88
N GLN A 3 3.33 -8.54 10.11
CA GLN A 3 1.88 -8.37 10.04
C GLN A 3 1.50 -8.09 8.59
N GLU A 4 0.21 -8.24 8.27
CA GLU A 4 -0.35 -7.94 6.96
C GLU A 4 -1.53 -7.00 7.13
N THR A 5 -1.77 -6.16 6.11
CA THR A 5 -2.86 -5.20 6.08
C THR A 5 -3.40 -5.06 4.66
N VAL A 6 -4.70 -4.75 4.55
CA VAL A 6 -5.37 -4.39 3.31
C VAL A 6 -5.76 -2.93 3.43
N ILE A 7 -5.37 -2.13 2.43
CA ILE A 7 -5.71 -0.72 2.33
C ILE A 7 -6.45 -0.54 1.01
N ASN A 8 -7.68 -0.05 1.03
CA ASN A 8 -8.44 0.24 -0.19
C ASN A 8 -7.97 1.58 -0.73
N ILE A 9 -7.66 1.62 -2.03
CA ILE A 9 -7.04 2.74 -2.71
C ILE A 9 -7.90 3.07 -3.92
N ASP A 10 -8.81 4.05 -3.79
CA ASP A 10 -9.63 4.51 -4.90
C ASP A 10 -9.04 5.79 -5.48
N GLY A 11 -9.32 6.03 -6.77
CA GLY A 11 -8.73 7.09 -7.57
C GLY A 11 -7.61 6.58 -8.47
N MET A 12 -7.39 5.25 -8.54
CA MET A 12 -6.41 4.67 -9.45
C MET A 12 -7.03 4.61 -10.85
N THR A 13 -6.39 5.27 -11.81
CA THR A 13 -6.89 5.44 -13.16
C THR A 13 -6.55 4.23 -14.04
N CYS A 14 -5.33 3.68 -13.89
CA CYS A 14 -4.85 2.60 -14.73
C CYS A 14 -3.71 1.84 -14.04
N ASN A 15 -3.18 0.82 -14.70
CA ASN A 15 -2.12 -0.06 -14.19
C ASN A 15 -0.85 0.68 -13.81
N SER A 16 -0.57 1.84 -14.42
CA SER A 16 0.57 2.68 -14.05
C SER A 16 0.55 3.01 -12.55
N CYS A 17 -0.63 3.29 -12.00
CA CYS A 17 -0.81 3.57 -10.57
C CYS A 17 -0.43 2.33 -9.74
N VAL A 18 -0.96 1.17 -10.13
CA VAL A 18 -0.72 -0.11 -9.47
C VAL A 18 0.80 -0.36 -9.39
N GLN A 19 1.48 -0.25 -10.53
CA GLN A 19 2.91 -0.51 -10.64
C GLN A 19 3.72 0.49 -9.83
N SER A 20 3.41 1.80 -9.93
CA SER A 20 4.14 2.83 -9.21
C SER A 20 4.02 2.62 -7.70
N ILE A 21 2.80 2.38 -7.21
CA ILE A 21 2.54 2.11 -5.80
C ILE A 21 3.37 0.90 -5.36
N GLU A 22 3.24 -0.23 -6.08
CA GLU A 22 3.96 -1.46 -5.78
C GLU A 22 5.46 -1.18 -5.61
N GLY A 23 6.07 -0.61 -6.65
CA GLY A 23 7.50 -0.32 -6.69
C GLY A 23 7.94 0.58 -5.53
N VAL A 24 7.27 1.73 -5.35
CA VAL A 24 7.66 2.73 -4.36
C VAL A 24 7.52 2.17 -2.93
N ILE A 25 6.36 1.60 -2.59
CA ILE A 25 6.09 1.10 -1.25
C ILE A 25 7.07 -0.03 -0.87
N SER A 26 7.51 -0.86 -1.83
CA SER A 26 8.52 -1.89 -1.58
C SER A 26 9.82 -1.34 -0.95
N LYS A 27 10.10 -0.03 -1.08
CA LYS A 27 11.33 0.57 -0.59
C LYS A 27 11.21 1.04 0.87
N LYS A 28 10.00 1.06 1.44
CA LYS A 28 9.78 1.49 2.82
C LYS A 28 10.31 0.39 3.76
N PRO A 29 11.18 0.72 4.73
CA PRO A 29 11.67 -0.22 5.73
C PRO A 29 10.55 -1.04 6.37
N GLY A 30 10.72 -2.37 6.38
CA GLY A 30 9.76 -3.29 6.96
C GLY A 30 8.96 -4.04 5.91
N VAL A 31 8.66 -3.41 4.76
CA VAL A 31 7.83 -4.00 3.72
C VAL A 31 8.52 -5.22 3.11
N LYS A 32 7.74 -6.29 2.90
CA LYS A 32 8.18 -7.54 2.31
C LYS A 32 7.38 -7.78 1.02
N SER A 33 6.37 -8.66 1.04
CA SER A 33 5.51 -8.91 -0.10
C SER A 33 4.44 -7.82 -0.21
N ILE A 34 3.98 -7.56 -1.44
CA ILE A 34 2.99 -6.54 -1.73
C ILE A 34 2.18 -6.97 -2.96
N ARG A 35 0.87 -6.75 -2.92
CA ARG A 35 -0.10 -7.21 -3.89
C ARG A 35 -1.10 -6.07 -4.15
N VAL A 36 -0.93 -5.34 -5.25
CA VAL A 36 -1.75 -4.19 -5.61
C VAL A 36 -2.62 -4.55 -6.83
N SER A 37 -3.85 -4.02 -6.88
CA SER A 37 -4.82 -4.35 -7.93
C SER A 37 -5.69 -3.14 -8.27
N LEU A 38 -5.82 -2.87 -9.57
CA LEU A 38 -6.74 -1.89 -10.13
C LEU A 38 -8.18 -2.40 -10.00
N ALA A 39 -8.39 -3.66 -10.41
CA ALA A 39 -9.69 -4.31 -10.41
C ALA A 39 -10.35 -4.25 -9.03
N ASN A 40 -9.59 -4.56 -7.97
CA ASN A 40 -10.07 -4.51 -6.59
C ASN A 40 -9.86 -3.12 -5.98
N SER A 41 -9.10 -2.24 -6.66
CA SER A 41 -8.83 -0.88 -6.21
C SER A 41 -8.27 -0.87 -4.80
N ASN A 42 -7.14 -1.56 -4.60
CA ASN A 42 -6.55 -1.75 -3.28
C ASN A 42 -5.07 -2.10 -3.36
N GLY A 43 -4.41 -2.05 -2.20
CA GLY A 43 -3.04 -2.41 -1.97
C GLY A 43 -2.97 -3.22 -0.68
N THR A 44 -2.61 -4.50 -0.80
CA THR A 44 -2.37 -5.41 0.31
C THR A 44 -0.87 -5.48 0.52
N VAL A 45 -0.41 -5.30 1.78
CA VAL A 45 1.00 -5.17 2.10
C VAL A 45 1.34 -6.03 3.30
N GLU A 46 2.47 -6.75 3.22
CA GLU A 46 3.10 -7.47 4.32
C GLU A 46 4.26 -6.61 4.81
N TYR A 47 4.36 -6.39 6.12
CA TYR A 47 5.30 -5.43 6.70
C TYR A 47 5.73 -5.84 8.11
N ASP A 48 6.84 -5.26 8.58
CA ASP A 48 7.30 -5.35 9.95
C ASP A 48 6.74 -4.18 10.77
N PRO A 49 5.90 -4.45 11.79
CA PRO A 49 5.39 -3.43 12.72
C PRO A 49 6.45 -2.51 13.31
N LEU A 50 7.64 -3.07 13.58
CA LEU A 50 8.74 -2.35 14.21
C LEU A 50 9.26 -1.21 13.32
N LEU A 51 9.15 -1.35 11.99
CA LEU A 51 9.73 -0.44 11.02
C LEU A 51 8.66 0.39 10.29
N THR A 52 7.44 -0.11 10.14
CA THR A 52 6.34 0.62 9.53
C THR A 52 5.00 0.11 10.08
N SER A 53 3.88 0.71 9.64
CA SER A 53 2.54 0.43 10.13
C SER A 53 1.52 0.66 9.03
N PRO A 54 0.27 0.17 9.16
CA PRO A 54 -0.81 0.45 8.21
C PRO A 54 -1.02 1.94 8.00
N GLU A 55 -0.90 2.73 9.08
CA GLU A 55 -1.07 4.18 9.05
C GLU A 55 0.04 4.83 8.23
N THR A 56 1.29 4.41 8.43
CA THR A 56 2.44 4.91 7.68
C THR A 56 2.28 4.59 6.19
N LEU A 57 1.92 3.34 5.87
CA LEU A 57 1.72 2.87 4.51
C LEU A 57 0.61 3.67 3.83
N ARG A 58 -0.55 3.81 4.49
CA ARG A 58 -1.64 4.66 4.04
C ARG A 58 -1.12 6.08 3.75
N GLY A 59 -0.31 6.62 4.67
CA GLY A 59 0.34 7.90 4.53
C GLY A 59 1.14 8.01 3.22
N ALA A 60 1.91 6.97 2.88
CA ALA A 60 2.70 6.95 1.64
C ALA A 60 1.79 7.02 0.41
N ILE A 61 0.73 6.20 0.37
CA ILE A 61 -0.22 6.21 -0.73
C ILE A 61 -0.88 7.60 -0.86
N GLU A 62 -1.30 8.17 0.27
CA GLU A 62 -1.93 9.47 0.34
C GLU A 62 -0.98 10.56 -0.19
N ASP A 63 0.31 10.47 0.16
CA ASP A 63 1.34 11.37 -0.33
C ASP A 63 1.50 11.26 -1.85
N MET A 64 1.52 10.04 -2.39
CA MET A 64 1.57 9.80 -3.83
C MET A 64 0.36 10.45 -4.53
N GLY A 65 -0.83 10.33 -3.92
CA GLY A 65 -2.03 11.06 -4.33
C GLY A 65 -3.16 10.12 -4.73
N PHE A 66 -3.63 9.30 -3.79
CA PHE A 66 -4.82 8.48 -3.94
C PHE A 66 -5.59 8.47 -2.61
N ASP A 67 -6.90 8.24 -2.67
CA ASP A 67 -7.74 8.16 -1.49
C ASP A 67 -7.54 6.78 -0.85
N ALA A 68 -6.64 6.71 0.13
CA ALA A 68 -6.24 5.50 0.81
C ALA A 68 -6.96 5.39 2.15
N THR A 69 -7.64 4.26 2.39
CA THR A 69 -8.42 4.00 3.59
C THR A 69 -8.14 2.57 4.08
N LEU A 70 -7.85 2.42 5.38
CA LEU A 70 -7.59 1.12 5.98
C LEU A 70 -8.83 0.23 5.87
N SER A 71 -8.67 -0.95 5.27
CA SER A 71 -9.74 -1.93 5.11
C SER A 71 -9.63 -2.98 6.22
N ASP A 72 -8.46 -3.58 6.37
CA ASP A 72 -8.19 -4.63 7.35
C ASP A 72 -6.78 -4.45 7.90
N LEU A 1 8.48 -11.35 13.40
CA LEU A 1 7.47 -10.36 13.83
C LEU A 1 7.01 -9.53 12.63
N THR A 2 5.91 -9.96 12.00
CA THR A 2 5.34 -9.31 10.83
C THR A 2 3.81 -9.31 10.93
N GLN A 3 3.17 -8.43 10.15
CA GLN A 3 1.73 -8.29 10.02
C GLN A 3 1.39 -7.99 8.56
N GLU A 4 0.09 -8.11 8.22
CA GLU A 4 -0.44 -7.81 6.90
C GLU A 4 -1.64 -6.87 7.03
N THR A 5 -1.90 -6.09 5.97
CA THR A 5 -2.99 -5.13 5.91
C THR A 5 -3.51 -5.01 4.49
N VAL A 6 -4.84 -4.83 4.35
CA VAL A 6 -5.52 -4.55 3.09
C VAL A 6 -5.92 -3.08 3.13
N ILE A 7 -5.23 -2.26 2.34
CA ILE A 7 -5.47 -0.83 2.23
C ILE A 7 -6.29 -0.62 0.97
N ASN A 8 -7.52 -0.14 1.09
CA ASN A 8 -8.38 0.20 -0.04
C ASN A 8 -7.89 1.53 -0.62
N ILE A 9 -7.50 1.53 -1.90
CA ILE A 9 -6.90 2.67 -2.58
C ILE A 9 -7.87 3.13 -3.66
N ASP A 10 -8.46 4.31 -3.47
CA ASP A 10 -9.31 4.97 -4.46
C ASP A 10 -8.48 6.04 -5.17
N GLY A 11 -8.80 6.27 -6.45
CA GLY A 11 -8.10 7.22 -7.31
C GLY A 11 -7.09 6.55 -8.25
N MET A 12 -7.03 5.21 -8.28
CA MET A 12 -6.20 4.49 -9.23
C MET A 12 -6.93 4.45 -10.57
N THR A 13 -6.41 5.18 -11.56
CA THR A 13 -7.05 5.37 -12.86
C THR A 13 -6.72 4.20 -13.80
N CYS A 14 -5.48 3.70 -13.77
CA CYS A 14 -5.05 2.65 -14.68
C CYS A 14 -3.86 1.88 -14.08
N ASN A 15 -3.36 0.89 -14.84
CA ASN A 15 -2.27 0.00 -14.45
C ASN A 15 -1.00 0.75 -14.04
N SER A 16 -0.73 1.91 -14.64
CA SER A 16 0.40 2.75 -14.29
C SER A 16 0.43 3.07 -12.78
N CYS A 17 -0.74 3.32 -12.19
CA CYS A 17 -0.86 3.58 -10.76
C CYS A 17 -0.50 2.33 -9.96
N VAL A 18 -1.07 1.18 -10.33
CA VAL A 18 -0.81 -0.11 -9.69
C VAL A 18 0.70 -0.36 -9.64
N GLN A 19 1.33 -0.31 -10.81
CA GLN A 19 2.77 -0.48 -10.99
C GLN A 19 3.55 0.49 -10.10
N SER A 20 3.23 1.79 -10.19
CA SER A 20 3.92 2.84 -9.46
C SER A 20 3.89 2.58 -7.95
N ILE A 21 2.68 2.42 -7.38
CA ILE A 21 2.49 2.19 -5.96
C ILE A 21 3.27 0.95 -5.52
N GLU A 22 3.03 -0.19 -6.19
CA GLU A 22 3.66 -1.45 -5.84
C GLU A 22 5.19 -1.31 -5.82
N GLY A 23 5.75 -0.79 -6.92
CA GLY A 23 7.18 -0.59 -7.10
C GLY A 23 7.78 0.31 -6.02
N VAL A 24 7.19 1.48 -5.78
CA VAL A 24 7.71 2.47 -4.84
C VAL A 24 7.62 1.94 -3.41
N ILE A 25 6.40 1.60 -2.96
CA ILE A 25 6.12 1.22 -1.58
C ILE A 25 6.93 -0.02 -1.16
N SER A 26 7.18 -0.97 -2.08
CA SER A 26 7.99 -2.16 -1.78
C SER A 26 9.38 -1.83 -1.20
N LYS A 27 9.93 -0.66 -1.54
CA LYS A 27 11.28 -0.27 -1.14
C LYS A 27 11.29 0.46 0.21
N LYS A 28 10.15 1.00 0.65
CA LYS A 28 10.07 1.74 1.90
C LYS A 28 10.27 0.79 3.09
N PRO A 29 10.99 1.23 4.14
CA PRO A 29 11.43 0.36 5.22
C PRO A 29 10.25 -0.25 5.97
N GLY A 30 10.36 -1.54 6.26
CA GLY A 30 9.33 -2.33 6.91
C GLY A 30 8.58 -3.21 5.91
N VAL A 31 8.30 -2.70 4.70
CA VAL A 31 7.54 -3.44 3.70
C VAL A 31 8.35 -4.61 3.18
N LYS A 32 7.72 -5.80 3.14
CA LYS A 32 8.26 -7.01 2.56
C LYS A 32 7.62 -7.19 1.18
N SER A 33 6.63 -8.08 1.05
CA SER A 33 5.87 -8.29 -0.17
C SER A 33 4.69 -7.33 -0.23
N ILE A 34 4.27 -6.97 -1.45
CA ILE A 34 3.12 -6.11 -1.69
C ILE A 34 2.48 -6.49 -3.03
N ARG A 35 1.15 -6.53 -3.06
CA ARG A 35 0.35 -6.78 -4.26
C ARG A 35 -0.73 -5.71 -4.36
N VAL A 36 -0.63 -4.85 -5.39
CA VAL A 36 -1.62 -3.82 -5.68
C VAL A 36 -2.49 -4.30 -6.85
N SER A 37 -3.77 -3.90 -6.87
CA SER A 37 -4.74 -4.36 -7.86
C SER A 37 -5.75 -3.25 -8.15
N LEU A 38 -5.91 -2.92 -9.45
CA LEU A 38 -6.92 -2.00 -9.96
C LEU A 38 -8.31 -2.64 -9.84
N ALA A 39 -8.43 -3.91 -10.24
CA ALA A 39 -9.66 -4.69 -10.21
C ALA A 39 -10.30 -4.66 -8.81
N ASN A 40 -9.47 -4.82 -7.77
CA ASN A 40 -9.92 -4.79 -6.39
C ASN A 40 -9.88 -3.37 -5.83
N SER A 41 -9.11 -2.47 -6.46
CA SER A 41 -8.88 -1.10 -6.02
C SER A 41 -8.29 -1.09 -4.61
N ASN A 42 -7.20 -1.84 -4.41
CA ASN A 42 -6.55 -1.99 -3.11
C ASN A 42 -5.07 -2.31 -3.24
N GLY A 43 -4.40 -2.31 -2.09
CA GLY A 43 -3.00 -2.66 -1.89
C GLY A 43 -2.91 -3.58 -0.67
N THR A 44 -2.52 -4.84 -0.90
CA THR A 44 -2.37 -5.84 0.13
C THR A 44 -0.88 -5.90 0.47
N VAL A 45 -0.52 -5.33 1.62
CA VAL A 45 0.85 -5.08 2.02
C VAL A 45 1.22 -5.99 3.20
N GLU A 46 2.39 -6.64 3.13
CA GLU A 46 3.02 -7.35 4.23
C GLU A 46 4.14 -6.47 4.75
N TYR A 47 4.24 -6.31 6.07
CA TYR A 47 5.17 -5.36 6.69
C TYR A 47 5.62 -5.82 8.08
N ASP A 48 6.61 -5.11 8.62
CA ASP A 48 7.13 -5.27 9.98
C ASP A 48 6.59 -4.13 10.87
N PRO A 49 5.73 -4.43 11.85
CA PRO A 49 5.24 -3.49 12.86
C PRO A 49 6.30 -2.57 13.46
N LEU A 50 7.50 -3.10 13.70
CA LEU A 50 8.60 -2.36 14.31
C LEU A 50 9.03 -1.16 13.45
N LEU A 51 8.97 -1.31 12.12
CA LEU A 51 9.48 -0.34 11.16
C LEU A 51 8.37 0.51 10.54
N THR A 52 7.16 -0.04 10.37
CA THR A 52 6.03 0.67 9.78
C THR A 52 4.71 0.09 10.32
N SER A 53 3.58 0.70 9.94
CA SER A 53 2.25 0.36 10.44
C SER A 53 1.21 0.66 9.35
N PRO A 54 -0.03 0.15 9.47
CA PRO A 54 -1.09 0.38 8.50
C PRO A 54 -1.30 1.87 8.17
N GLU A 55 -1.34 2.72 9.20
CA GLU A 55 -1.54 4.15 9.04
C GLU A 55 -0.35 4.82 8.38
N THR A 56 0.88 4.36 8.65
CA THR A 56 2.08 4.87 8.00
C THR A 56 2.05 4.54 6.50
N LEU A 57 1.69 3.30 6.16
CA LEU A 57 1.61 2.82 4.78
C LEU A 57 0.51 3.57 4.02
N ARG A 58 -0.66 3.74 4.65
CA ARG A 58 -1.73 4.58 4.14
C ARG A 58 -1.18 5.99 3.86
N GLY A 59 -0.48 6.57 4.84
CA GLY A 59 0.18 7.86 4.74
C GLY A 59 1.11 7.95 3.53
N ALA A 60 1.92 6.90 3.30
CA ALA A 60 2.85 6.83 2.18
C ALA A 60 2.11 6.85 0.85
N ILE A 61 1.01 6.10 0.73
CA ILE A 61 0.19 6.05 -0.47
C ILE A 61 -0.50 7.41 -0.70
N GLU A 62 -0.96 8.07 0.38
CA GLU A 62 -1.52 9.41 0.33
C GLU A 62 -0.46 10.42 -0.12
N ASP A 63 0.80 10.26 0.31
CA ASP A 63 1.91 11.11 -0.09
C ASP A 63 2.17 10.97 -1.60
N MET A 64 2.10 9.76 -2.14
CA MET A 64 2.16 9.54 -3.59
C MET A 64 1.01 10.28 -4.28
N GLY A 65 -0.23 10.09 -3.78
CA GLY A 65 -1.39 10.86 -4.19
C GLY A 65 -2.56 9.97 -4.55
N PHE A 66 -3.05 9.17 -3.59
CA PHE A 66 -4.26 8.37 -3.74
C PHE A 66 -5.05 8.40 -2.44
N ASP A 67 -6.38 8.28 -2.55
CA ASP A 67 -7.29 8.29 -1.40
C ASP A 67 -7.29 6.90 -0.77
N ALA A 68 -6.35 6.68 0.16
CA ALA A 68 -6.13 5.39 0.80
C ALA A 68 -6.78 5.35 2.18
N THR A 69 -7.38 4.20 2.52
CA THR A 69 -7.96 3.92 3.83
C THR A 69 -7.86 2.42 4.12
N LEU A 70 -7.95 2.02 5.39
CA LEU A 70 -7.83 0.63 5.81
C LEU A 70 -9.16 -0.10 5.63
N SER A 71 -9.12 -1.43 5.61
CA SER A 71 -10.32 -2.27 5.60
C SER A 71 -10.88 -2.37 7.03
N ASP A 72 -11.42 -1.24 7.52
CA ASP A 72 -12.00 -1.12 8.85
C ASP A 72 -13.16 -0.12 8.78
N LEU A 1 8.12 -10.82 14.41
CA LEU A 1 7.16 -11.34 13.42
C LEU A 1 6.61 -10.21 12.55
N THR A 2 6.10 -10.57 11.37
CA THR A 2 5.53 -9.65 10.39
C THR A 2 4.00 -9.65 10.49
N GLN A 3 3.37 -8.65 9.85
CA GLN A 3 1.93 -8.50 9.75
C GLN A 3 1.55 -8.17 8.31
N GLU A 4 0.27 -8.35 7.98
CA GLU A 4 -0.32 -8.02 6.69
C GLU A 4 -1.51 -7.09 6.91
N THR A 5 -1.74 -6.16 5.99
CA THR A 5 -2.87 -5.24 6.01
C THR A 5 -3.37 -5.01 4.59
N VAL A 6 -4.69 -4.84 4.46
CA VAL A 6 -5.34 -4.45 3.22
C VAL A 6 -5.78 -3.00 3.38
N ILE A 7 -5.45 -2.16 2.39
CA ILE A 7 -5.77 -0.75 2.37
C ILE A 7 -6.52 -0.47 1.07
N ASN A 8 -7.71 0.12 1.15
CA ASN A 8 -8.47 0.54 -0.02
C ASN A 8 -7.75 1.72 -0.65
N ILE A 9 -7.50 1.65 -1.97
CA ILE A 9 -6.84 2.69 -2.73
C ILE A 9 -7.81 3.11 -3.83
N ASP A 10 -8.45 4.27 -3.66
CA ASP A 10 -9.35 4.87 -4.63
C ASP A 10 -8.61 5.96 -5.41
N GLY A 11 -9.02 6.17 -6.66
CA GLY A 11 -8.41 7.11 -7.60
C GLY A 11 -7.31 6.45 -8.44
N MET A 12 -7.40 5.13 -8.65
CA MET A 12 -6.47 4.37 -9.48
C MET A 12 -6.95 4.45 -10.93
N THR A 13 -6.20 5.15 -11.77
CA THR A 13 -6.61 5.49 -13.13
C THR A 13 -6.31 4.35 -14.11
N CYS A 14 -5.12 3.76 -14.02
CA CYS A 14 -4.66 2.73 -14.95
C CYS A 14 -3.54 1.91 -14.31
N ASN A 15 -3.01 0.92 -15.06
CA ASN A 15 -1.97 0.00 -14.60
C ASN A 15 -0.70 0.71 -14.12
N SER A 16 -0.40 1.90 -14.66
CA SER A 16 0.73 2.71 -14.23
C SER A 16 0.72 2.93 -12.72
N CYS A 17 -0.47 3.18 -12.14
CA CYS A 17 -0.62 3.37 -10.70
C CYS A 17 -0.28 2.07 -9.95
N VAL A 18 -0.81 0.94 -10.41
CA VAL A 18 -0.55 -0.37 -9.83
C VAL A 18 0.97 -0.59 -9.73
N GLN A 19 1.65 -0.46 -10.87
CA GLN A 19 3.09 -0.63 -11.00
C GLN A 19 3.84 0.32 -10.05
N SER A 20 3.52 1.62 -10.10
CA SER A 20 4.18 2.65 -9.31
C SER A 20 4.06 2.37 -7.82
N ILE A 21 2.83 2.23 -7.32
CA ILE A 21 2.56 1.99 -5.91
C ILE A 21 3.30 0.73 -5.46
N GLU A 22 3.12 -0.37 -6.19
CA GLU A 22 3.71 -1.66 -5.82
C GLU A 22 5.23 -1.55 -5.68
N GLY A 23 5.89 -1.03 -6.72
CA GLY A 23 7.35 -0.87 -6.74
C GLY A 23 7.84 0.05 -5.62
N VAL A 24 7.29 1.26 -5.53
CA VAL A 24 7.73 2.29 -4.59
C VAL A 24 7.53 1.82 -3.14
N ILE A 25 6.30 1.44 -2.78
CA ILE A 25 5.96 1.07 -1.41
C ILE A 25 6.76 -0.15 -0.96
N SER A 26 7.01 -1.13 -1.85
CA SER A 26 7.84 -2.29 -1.56
C SER A 26 9.21 -1.90 -0.99
N LYS A 27 9.77 -0.78 -1.46
CA LYS A 27 11.12 -0.35 -1.14
C LYS A 27 11.16 0.52 0.12
N LYS A 28 10.01 0.99 0.62
CA LYS A 28 9.96 1.75 1.87
C LYS A 28 10.25 0.82 3.05
N PRO A 29 10.96 1.30 4.08
CA PRO A 29 11.46 0.48 5.17
C PRO A 29 10.31 -0.17 5.94
N GLY A 30 10.48 -1.45 6.28
CA GLY A 30 9.47 -2.25 6.95
C GLY A 30 8.69 -3.11 5.95
N VAL A 31 8.34 -2.54 4.78
CA VAL A 31 7.59 -3.27 3.77
C VAL A 31 8.48 -4.33 3.15
N LYS A 32 7.91 -5.51 2.86
CA LYS A 32 8.56 -6.59 2.16
C LYS A 32 7.86 -6.75 0.81
N SER A 33 6.87 -7.65 0.73
CA SER A 33 6.04 -7.84 -0.45
C SER A 33 4.80 -6.95 -0.37
N ILE A 34 4.22 -6.61 -1.52
CA ILE A 34 2.98 -5.87 -1.63
C ILE A 34 2.27 -6.30 -2.92
N ARG A 35 0.96 -6.50 -2.85
CA ARG A 35 0.09 -6.92 -3.95
C ARG A 35 -0.94 -5.82 -4.21
N VAL A 36 -0.70 -4.97 -5.22
CA VAL A 36 -1.59 -3.89 -5.60
C VAL A 36 -2.52 -4.37 -6.71
N SER A 37 -3.78 -3.88 -6.71
CA SER A 37 -4.79 -4.24 -7.69
C SER A 37 -5.72 -3.06 -7.94
N LEU A 38 -5.80 -2.63 -9.20
CA LEU A 38 -6.78 -1.64 -9.66
C LEU A 38 -8.18 -2.26 -9.66
N ALA A 39 -8.30 -3.50 -10.13
CA ALA A 39 -9.55 -4.25 -10.19
C ALA A 39 -10.24 -4.29 -8.82
N ASN A 40 -9.47 -4.59 -7.77
CA ASN A 40 -9.97 -4.63 -6.39
C ASN A 40 -9.85 -3.27 -5.70
N SER A 41 -9.23 -2.28 -6.35
CA SER A 41 -9.02 -0.92 -5.86
C SER A 41 -8.38 -0.94 -4.47
N ASN A 42 -7.24 -1.64 -4.33
CA ASN A 42 -6.60 -1.81 -3.03
C ASN A 42 -5.12 -2.18 -3.14
N GLY A 43 -4.47 -2.22 -1.97
CA GLY A 43 -3.09 -2.64 -1.78
C GLY A 43 -3.01 -3.55 -0.57
N THR A 44 -2.58 -4.81 -0.79
CA THR A 44 -2.39 -5.82 0.23
C THR A 44 -0.90 -5.85 0.57
N VAL A 45 -0.53 -5.17 1.66
CA VAL A 45 0.85 -4.91 2.03
C VAL A 45 1.31 -5.88 3.13
N GLU A 46 2.49 -6.49 2.94
CA GLU A 46 3.15 -7.32 3.95
C GLU A 46 4.31 -6.50 4.52
N TYR A 47 4.38 -6.35 5.85
CA TYR A 47 5.30 -5.43 6.49
C TYR A 47 5.74 -5.88 7.88
N ASP A 48 6.75 -5.20 8.43
CA ASP A 48 7.27 -5.41 9.77
C ASP A 48 6.75 -4.29 10.71
N PRO A 49 5.95 -4.63 11.73
CA PRO A 49 5.40 -3.71 12.72
C PRO A 49 6.39 -2.69 13.30
N LEU A 50 7.62 -3.15 13.59
CA LEU A 50 8.62 -2.32 14.27
C LEU A 50 9.08 -1.15 13.40
N LEU A 51 9.06 -1.32 12.06
CA LEU A 51 9.55 -0.34 11.12
C LEU A 51 8.39 0.48 10.52
N THR A 52 7.22 -0.13 10.31
CA THR A 52 6.07 0.56 9.74
C THR A 52 4.76 -0.07 10.26
N SER A 53 3.63 0.57 9.97
CA SER A 53 2.30 0.22 10.48
C SER A 53 1.24 0.61 9.45
N PRO A 54 0.01 0.06 9.54
CA PRO A 54 -1.06 0.31 8.58
C PRO A 54 -1.30 1.80 8.31
N GLU A 55 -1.40 2.60 9.39
CA GLU A 55 -1.60 4.05 9.29
C GLU A 55 -0.46 4.73 8.53
N THR A 56 0.79 4.30 8.75
CA THR A 56 1.96 4.85 8.07
C THR A 56 1.89 4.53 6.57
N LEU A 57 1.56 3.28 6.25
CA LEU A 57 1.47 2.79 4.87
C LEU A 57 0.35 3.52 4.11
N ARG A 58 -0.81 3.69 4.76
CA ARG A 58 -1.91 4.48 4.24
C ARG A 58 -1.43 5.90 3.92
N GLY A 59 -0.71 6.52 4.88
CA GLY A 59 -0.09 7.82 4.73
C GLY A 59 0.87 7.88 3.54
N ALA A 60 1.67 6.82 3.34
CA ALA A 60 2.65 6.74 2.25
C ALA A 60 1.94 6.72 0.89
N ILE A 61 0.91 5.88 0.75
CA ILE A 61 0.11 5.79 -0.47
C ILE A 61 -0.59 7.13 -0.73
N GLU A 62 -1.13 7.75 0.33
CA GLU A 62 -1.73 9.07 0.26
C GLU A 62 -0.72 10.11 -0.26
N ASP A 63 0.52 10.06 0.24
CA ASP A 63 1.59 10.95 -0.17
C ASP A 63 1.90 10.81 -1.67
N MET A 64 1.88 9.57 -2.20
CA MET A 64 2.03 9.34 -3.63
C MET A 64 0.91 10.07 -4.41
N GLY A 65 -0.34 9.96 -3.93
CA GLY A 65 -1.46 10.75 -4.44
C GLY A 65 -2.66 9.88 -4.78
N PHE A 66 -3.21 9.18 -3.77
CA PHE A 66 -4.42 8.39 -3.91
C PHE A 66 -5.28 8.54 -2.65
N ASP A 67 -6.58 8.30 -2.76
CA ASP A 67 -7.49 8.29 -1.63
C ASP A 67 -7.33 6.95 -0.92
N ALA A 68 -6.41 6.90 0.05
CA ALA A 68 -6.02 5.70 0.77
C ALA A 68 -6.73 5.64 2.11
N THR A 69 -7.45 4.54 2.40
CA THR A 69 -8.17 4.33 3.65
C THR A 69 -8.11 2.84 3.99
N LEU A 70 -7.84 2.52 5.27
CA LEU A 70 -7.67 1.14 5.73
C LEU A 70 -8.94 0.31 5.51
N SER A 71 -8.76 -0.96 5.12
CA SER A 71 -9.84 -1.94 5.09
C SER A 71 -10.00 -2.54 6.48
N ASP A 72 -8.87 -2.84 7.14
CA ASP A 72 -8.82 -3.37 8.49
C ASP A 72 -9.27 -2.29 9.49
N LEU A 1 8.32 -9.45 14.25
CA LEU A 1 7.11 -10.14 13.73
C LEU A 1 6.69 -9.61 12.36
N THR A 2 5.70 -10.28 11.75
CA THR A 2 5.14 -9.93 10.45
C THR A 2 3.62 -9.83 10.56
N GLN A 3 3.04 -8.85 9.86
CA GLN A 3 1.61 -8.67 9.69
C GLN A 3 1.34 -8.34 8.22
N GLU A 4 0.07 -8.33 7.82
CA GLU A 4 -0.36 -7.99 6.47
C GLU A 4 -1.62 -7.14 6.55
N THR A 5 -1.58 -5.94 5.95
CA THR A 5 -2.66 -4.98 5.95
C THR A 5 -3.21 -4.83 4.54
N VAL A 6 -4.54 -4.82 4.41
CA VAL A 6 -5.24 -4.48 3.18
C VAL A 6 -5.69 -3.03 3.35
N ILE A 7 -5.30 -2.18 2.40
CA ILE A 7 -5.65 -0.77 2.35
C ILE A 7 -6.39 -0.56 1.04
N ASN A 8 -7.65 -0.10 1.10
CA ASN A 8 -8.41 0.22 -0.10
C ASN A 8 -7.88 1.54 -0.66
N ILE A 9 -7.49 1.53 -1.94
CA ILE A 9 -6.88 2.65 -2.64
C ILE A 9 -7.82 3.04 -3.79
N ASP A 10 -8.49 4.18 -3.64
CA ASP A 10 -9.40 4.71 -4.65
C ASP A 10 -8.67 5.81 -5.42
N GLY A 11 -8.82 5.79 -6.75
CA GLY A 11 -8.17 6.71 -7.68
C GLY A 11 -7.19 6.02 -8.63
N MET A 12 -7.04 4.69 -8.55
CA MET A 12 -6.13 3.94 -9.40
C MET A 12 -6.82 3.78 -10.76
N THR A 13 -6.42 4.63 -11.70
CA THR A 13 -7.07 4.81 -12.98
C THR A 13 -6.59 3.77 -14.00
N CYS A 14 -5.31 3.40 -13.96
CA CYS A 14 -4.75 2.40 -14.87
C CYS A 14 -3.55 1.71 -14.23
N ASN A 15 -2.96 0.75 -14.96
CA ASN A 15 -1.85 -0.09 -14.51
C ASN A 15 -0.64 0.72 -14.02
N SER A 16 -0.42 1.91 -14.58
CA SER A 16 0.65 2.81 -14.16
C SER A 16 0.56 3.11 -12.67
N CYS A 17 -0.65 3.39 -12.17
CA CYS A 17 -0.88 3.65 -10.75
C CYS A 17 -0.50 2.42 -9.92
N VAL A 18 -1.06 1.26 -10.29
CA VAL A 18 -0.81 -0.02 -9.63
C VAL A 18 0.69 -0.24 -9.47
N GLN A 19 1.43 -0.22 -10.59
CA GLN A 19 2.85 -0.49 -10.64
C GLN A 19 3.65 0.52 -9.83
N SER A 20 3.37 1.82 -10.00
CA SER A 20 4.10 2.89 -9.33
C SER A 20 3.97 2.75 -7.81
N ILE A 21 2.74 2.61 -7.30
CA ILE A 21 2.47 2.40 -5.88
C ILE A 21 3.24 1.18 -5.40
N GLU A 22 3.04 0.03 -6.06
CA GLU A 22 3.64 -1.24 -5.69
C GLU A 22 5.16 -1.11 -5.53
N GLY A 23 5.84 -0.60 -6.57
CA GLY A 23 7.28 -0.43 -6.60
C GLY A 23 7.78 0.51 -5.52
N VAL A 24 7.20 1.71 -5.43
CA VAL A 24 7.66 2.76 -4.52
C VAL A 24 7.48 2.32 -3.05
N ILE A 25 6.30 1.82 -2.70
CA ILE A 25 5.98 1.41 -1.34
C ILE A 25 6.85 0.21 -0.91
N SER A 26 7.19 -0.70 -1.85
CA SER A 26 8.05 -1.85 -1.56
C SER A 26 9.39 -1.46 -0.92
N LYS A 27 9.86 -0.23 -1.13
CA LYS A 27 11.19 0.22 -0.71
C LYS A 27 11.17 0.78 0.72
N LYS A 28 9.99 0.96 1.34
CA LYS A 28 9.90 1.48 2.69
C LYS A 28 10.31 0.38 3.67
N PRO A 29 11.24 0.65 4.61
CA PRO A 29 11.65 -0.30 5.64
C PRO A 29 10.46 -0.95 6.33
N GLY A 30 10.52 -2.29 6.50
CA GLY A 30 9.44 -3.07 7.07
C GLY A 30 8.67 -3.82 5.99
N VAL A 31 8.37 -3.16 4.86
CA VAL A 31 7.62 -3.77 3.77
C VAL A 31 8.43 -4.89 3.14
N LYS A 32 7.80 -6.07 2.98
CA LYS A 32 8.38 -7.22 2.31
C LYS A 32 7.74 -7.36 0.93
N SER A 33 6.68 -8.16 0.82
CA SER A 33 5.90 -8.29 -0.40
C SER A 33 4.76 -7.27 -0.38
N ILE A 34 4.28 -6.90 -1.57
CA ILE A 34 3.17 -5.97 -1.74
C ILE A 34 2.44 -6.31 -3.02
N ARG A 35 1.10 -6.33 -2.95
CA ARG A 35 0.22 -6.84 -3.99
C ARG A 35 -0.87 -5.80 -4.25
N VAL A 36 -0.66 -4.92 -5.23
CA VAL A 36 -1.61 -3.85 -5.60
C VAL A 36 -2.49 -4.34 -6.75
N SER A 37 -3.78 -3.99 -6.72
CA SER A 37 -4.77 -4.45 -7.69
C SER A 37 -5.79 -3.34 -7.97
N LEU A 38 -5.97 -3.00 -9.25
CA LEU A 38 -7.00 -2.09 -9.74
C LEU A 38 -8.37 -2.77 -9.65
N ALA A 39 -8.45 -4.04 -10.06
CA ALA A 39 -9.67 -4.84 -10.02
C ALA A 39 -10.31 -4.81 -8.62
N ASN A 40 -9.48 -4.94 -7.57
CA ASN A 40 -9.93 -4.89 -6.19
C ASN A 40 -9.90 -3.44 -5.66
N SER A 41 -9.13 -2.56 -6.30
CA SER A 41 -8.89 -1.18 -5.88
C SER A 41 -8.31 -1.15 -4.47
N ASN A 42 -7.20 -1.88 -4.28
CA ASN A 42 -6.54 -2.00 -2.98
C ASN A 42 -5.06 -2.32 -3.11
N GLY A 43 -4.36 -2.27 -1.97
CA GLY A 43 -2.98 -2.62 -1.79
C GLY A 43 -2.89 -3.55 -0.57
N THR A 44 -2.50 -4.81 -0.81
CA THR A 44 -2.31 -5.82 0.23
C THR A 44 -0.81 -5.88 0.52
N VAL A 45 -0.40 -5.16 1.56
CA VAL A 45 1.00 -4.93 1.91
C VAL A 45 1.37 -5.85 3.06
N GLU A 46 2.40 -6.69 2.86
CA GLU A 46 3.01 -7.49 3.91
C GLU A 46 4.14 -6.67 4.52
N TYR A 47 4.15 -6.52 5.85
CA TYR A 47 5.04 -5.58 6.53
C TYR A 47 5.42 -6.05 7.93
N ASP A 48 6.45 -5.43 8.50
CA ASP A 48 6.86 -5.60 9.89
C ASP A 48 6.35 -4.40 10.71
N PRO A 49 5.41 -4.60 11.66
CA PRO A 49 4.91 -3.59 12.58
C PRO A 49 5.99 -2.73 13.24
N LEU A 50 7.12 -3.35 13.60
CA LEU A 50 8.21 -2.68 14.31
C LEU A 50 8.85 -1.57 13.47
N LEU A 51 8.82 -1.69 12.14
CA LEU A 51 9.46 -0.77 11.21
C LEU A 51 8.45 0.22 10.65
N THR A 52 7.24 -0.25 10.28
CA THR A 52 6.20 0.58 9.67
C THR A 52 4.84 0.13 10.17
N SER A 53 3.84 1.03 10.11
CA SER A 53 2.46 0.79 10.53
C SER A 53 1.52 0.93 9.33
N PRO A 54 0.28 0.42 9.41
CA PRO A 54 -0.75 0.65 8.40
C PRO A 54 -0.93 2.14 8.10
N GLU A 55 -0.91 2.99 9.12
CA GLU A 55 -1.04 4.44 9.00
C GLU A 55 0.14 5.04 8.21
N THR A 56 1.37 4.58 8.45
CA THR A 56 2.54 5.03 7.71
C THR A 56 2.37 4.72 6.22
N LEU A 57 1.98 3.48 5.91
CA LEU A 57 1.79 3.01 4.55
C LEU A 57 0.67 3.79 3.85
N ARG A 58 -0.46 3.98 4.54
CA ARG A 58 -1.58 4.78 4.07
C ARG A 58 -1.09 6.19 3.72
N GLY A 59 -0.36 6.83 4.65
CA GLY A 59 0.22 8.15 4.47
C GLY A 59 1.12 8.23 3.24
N ALA A 60 1.94 7.20 3.00
CA ALA A 60 2.80 7.14 1.82
C ALA A 60 1.97 7.07 0.53
N ILE A 61 0.85 6.33 0.54
CA ILE A 61 -0.05 6.25 -0.61
C ILE A 61 -0.77 7.60 -0.83
N GLU A 62 -1.14 8.29 0.26
CA GLU A 62 -1.68 9.65 0.16
C GLU A 62 -0.65 10.58 -0.48
N ASP A 63 0.63 10.43 -0.12
CA ASP A 63 1.72 11.20 -0.72
C ASP A 63 1.87 10.91 -2.22
N MET A 64 1.75 9.63 -2.62
CA MET A 64 1.70 9.25 -4.03
C MET A 64 0.53 9.95 -4.74
N GLY A 65 -0.63 10.03 -4.08
CA GLY A 65 -1.76 10.83 -4.52
C GLY A 65 -2.98 9.97 -4.82
N PHE A 66 -3.40 9.16 -3.84
CA PHE A 66 -4.61 8.35 -3.93
C PHE A 66 -5.35 8.36 -2.60
N ASP A 67 -6.67 8.20 -2.64
CA ASP A 67 -7.51 8.13 -1.45
C ASP A 67 -7.36 6.75 -0.84
N ALA A 68 -6.45 6.63 0.13
CA ALA A 68 -6.10 5.40 0.81
C ALA A 68 -6.82 5.34 2.16
N THR A 69 -7.43 4.20 2.49
CA THR A 69 -8.11 3.97 3.76
C THR A 69 -7.94 2.50 4.17
N LEU A 70 -7.74 2.26 5.47
CA LEU A 70 -7.47 0.94 6.00
C LEU A 70 -8.72 0.07 5.91
N SER A 71 -8.55 -1.17 5.46
CA SER A 71 -9.57 -2.21 5.51
C SER A 71 -9.38 -3.01 6.81
N ASP A 72 -8.12 -3.29 7.16
CA ASP A 72 -7.73 -3.90 8.42
C ASP A 72 -6.35 -3.36 8.83
N LEU A 1 8.49 -11.19 13.50
CA LEU A 1 7.40 -10.28 13.88
C LEU A 1 6.92 -9.50 12.66
N THR A 2 5.85 -9.99 12.02
CA THR A 2 5.27 -9.40 10.81
C THR A 2 3.74 -9.44 10.89
N GLN A 3 3.09 -8.51 10.16
CA GLN A 3 1.65 -8.40 10.03
C GLN A 3 1.32 -8.09 8.57
N GLU A 4 0.05 -8.27 8.19
CA GLU A 4 -0.48 -7.94 6.88
C GLU A 4 -1.62 -6.94 7.04
N THR A 5 -1.74 -6.01 6.08
CA THR A 5 -2.81 -5.01 6.05
C THR A 5 -3.28 -4.84 4.60
N VAL A 6 -4.61 -4.64 4.44
CA VAL A 6 -5.23 -4.31 3.18
C VAL A 6 -5.65 -2.84 3.25
N ILE A 7 -5.05 -2.02 2.39
CA ILE A 7 -5.40 -0.62 2.23
C ILE A 7 -6.30 -0.52 1.00
N ASN A 8 -7.50 0.04 1.16
CA ASN A 8 -8.43 0.31 0.06
C ASN A 8 -7.99 1.62 -0.59
N ILE A 9 -7.49 1.55 -1.84
CA ILE A 9 -6.91 2.67 -2.55
C ILE A 9 -7.88 3.09 -3.65
N ASP A 10 -8.55 4.23 -3.45
CA ASP A 10 -9.49 4.80 -4.41
C ASP A 10 -8.77 5.92 -5.17
N GLY A 11 -8.83 5.87 -6.50
CA GLY A 11 -8.20 6.83 -7.40
C GLY A 11 -7.29 6.17 -8.44
N MET A 12 -7.09 4.84 -8.38
CA MET A 12 -6.25 4.14 -9.33
C MET A 12 -7.05 3.96 -10.62
N THR A 13 -6.69 4.76 -11.63
CA THR A 13 -7.39 4.84 -12.89
C THR A 13 -6.93 3.73 -13.83
N CYS A 14 -5.64 3.37 -13.76
CA CYS A 14 -5.03 2.39 -14.66
C CYS A 14 -3.76 1.83 -14.03
N ASN A 15 -3.25 0.74 -14.61
CA ASN A 15 -2.17 -0.08 -14.07
C ASN A 15 -0.87 0.69 -13.85
N SER A 16 -0.67 1.82 -14.53
CA SER A 16 0.46 2.71 -14.27
C SER A 16 0.52 3.08 -12.78
N CYS A 17 -0.63 3.37 -12.18
CA CYS A 17 -0.74 3.72 -10.77
C CYS A 17 -0.39 2.51 -9.90
N VAL A 18 -0.96 1.34 -10.20
CA VAL A 18 -0.67 0.10 -9.50
C VAL A 18 0.84 -0.14 -9.43
N GLN A 19 1.50 -0.10 -10.59
CA GLN A 19 2.93 -0.31 -10.75
C GLN A 19 3.73 0.70 -9.90
N SER A 20 3.40 2.00 -10.03
CA SER A 20 4.09 3.06 -9.30
C SER A 20 3.99 2.85 -7.80
N ILE A 21 2.76 2.72 -7.28
CA ILE A 21 2.46 2.53 -5.87
C ILE A 21 3.24 1.33 -5.34
N GLU A 22 3.08 0.17 -5.98
CA GLU A 22 3.72 -1.07 -5.58
C GLU A 22 5.23 -0.90 -5.51
N GLY A 23 5.83 -0.41 -6.61
CA GLY A 23 7.27 -0.21 -6.74
C GLY A 23 7.82 0.64 -5.60
N VAL A 24 7.22 1.81 -5.34
CA VAL A 24 7.64 2.71 -4.27
C VAL A 24 7.57 2.00 -2.91
N ILE A 25 6.41 1.43 -2.58
CA ILE A 25 6.17 0.83 -1.26
C ILE A 25 7.12 -0.35 -1.01
N SER A 26 7.42 -1.15 -2.04
CA SER A 26 8.36 -2.27 -1.94
C SER A 26 9.71 -1.87 -1.34
N LYS A 27 10.14 -0.61 -1.55
CA LYS A 27 11.44 -0.12 -1.11
C LYS A 27 11.38 0.46 0.31
N LYS A 28 10.18 0.65 0.89
CA LYS A 28 10.05 1.25 2.22
C LYS A 28 10.45 0.21 3.29
N PRO A 29 11.14 0.64 4.35
CA PRO A 29 11.65 -0.26 5.37
C PRO A 29 10.50 -0.93 6.11
N GLY A 30 10.63 -2.23 6.37
CA GLY A 30 9.60 -3.04 7.00
C GLY A 30 8.83 -3.87 5.98
N VAL A 31 8.57 -3.32 4.78
CA VAL A 31 7.77 -3.97 3.76
C VAL A 31 8.50 -5.21 3.21
N LYS A 32 7.73 -6.28 2.96
CA LYS A 32 8.22 -7.52 2.37
C LYS A 32 7.45 -7.78 1.06
N SER A 33 6.48 -8.68 1.07
CA SER A 33 5.66 -8.97 -0.11
C SER A 33 4.51 -7.98 -0.20
N ILE A 34 4.10 -7.63 -1.42
CA ILE A 34 3.04 -6.66 -1.67
C ILE A 34 2.32 -7.00 -2.98
N ARG A 35 0.99 -6.84 -2.97
CA ARG A 35 0.12 -7.10 -4.11
C ARG A 35 -0.88 -5.94 -4.25
N VAL A 36 -0.63 -5.03 -5.19
CA VAL A 36 -1.53 -3.93 -5.51
C VAL A 36 -2.37 -4.34 -6.74
N SER A 37 -3.67 -4.02 -6.73
CA SER A 37 -4.62 -4.45 -7.74
C SER A 37 -5.52 -3.29 -8.16
N LEU A 38 -5.61 -3.07 -9.48
CA LEU A 38 -6.56 -2.14 -10.09
C LEU A 38 -7.99 -2.66 -9.88
N ALA A 39 -8.21 -3.93 -10.27
CA ALA A 39 -9.51 -4.60 -10.22
C ALA A 39 -10.14 -4.51 -8.83
N ASN A 40 -9.38 -4.85 -7.79
CA ASN A 40 -9.85 -4.82 -6.41
C ASN A 40 -9.64 -3.44 -5.77
N SER A 41 -8.94 -2.51 -6.45
CA SER A 41 -8.70 -1.14 -6.01
C SER A 41 -8.14 -1.11 -4.59
N ASN A 42 -7.04 -1.84 -4.36
CA ASN A 42 -6.46 -2.01 -3.05
C ASN A 42 -4.98 -2.39 -3.12
N GLY A 43 -4.33 -2.39 -1.96
CA GLY A 43 -2.94 -2.76 -1.74
C GLY A 43 -2.85 -3.68 -0.53
N THR A 44 -2.48 -4.94 -0.77
CA THR A 44 -2.32 -5.96 0.27
C THR A 44 -0.83 -6.05 0.56
N VAL A 45 -0.41 -5.47 1.69
CA VAL A 45 0.99 -5.28 2.04
C VAL A 45 1.34 -6.10 3.27
N GLU A 46 2.40 -6.92 3.20
CA GLU A 46 3.00 -7.58 4.35
C GLU A 46 4.17 -6.71 4.80
N TYR A 47 4.26 -6.46 6.11
CA TYR A 47 5.19 -5.50 6.68
C TYR A 47 5.60 -5.92 8.10
N ASP A 48 6.65 -5.28 8.63
CA ASP A 48 7.09 -5.41 10.01
C ASP A 48 6.58 -4.22 10.82
N PRO A 49 5.66 -4.44 11.79
CA PRO A 49 5.19 -3.43 12.75
C PRO A 49 6.29 -2.55 13.34
N LEU A 50 7.46 -3.12 13.63
CA LEU A 50 8.58 -2.41 14.25
C LEU A 50 9.10 -1.28 13.36
N LEU A 51 9.04 -1.45 12.03
CA LEU A 51 9.61 -0.52 11.06
C LEU A 51 8.54 0.40 10.48
N THR A 52 7.36 -0.14 10.14
CA THR A 52 6.27 0.63 9.54
C THR A 52 4.92 0.12 10.07
N SER A 53 3.82 0.78 9.67
CA SER A 53 2.49 0.53 10.18
C SER A 53 1.43 0.83 9.10
N PRO A 54 0.19 0.34 9.23
CA PRO A 54 -0.88 0.58 8.28
C PRO A 54 -1.11 2.07 8.00
N GLU A 55 -1.10 2.90 9.06
CA GLU A 55 -1.27 4.34 8.95
C GLU A 55 -0.12 5.00 8.17
N THR A 56 1.11 4.48 8.31
CA THR A 56 2.28 4.99 7.60
C THR A 56 2.18 4.65 6.11
N LEU A 57 1.85 3.38 5.81
CA LEU A 57 1.68 2.90 4.45
C LEU A 57 0.56 3.68 3.74
N ARG A 58 -0.58 3.84 4.42
CA ARG A 58 -1.68 4.68 3.98
C ARG A 58 -1.18 6.10 3.71
N GLY A 59 -0.44 6.68 4.65
CA GLY A 59 0.15 8.01 4.55
C GLY A 59 1.00 8.18 3.28
N ALA A 60 1.84 7.18 2.97
CA ALA A 60 2.66 7.19 1.76
C ALA A 60 1.79 7.23 0.50
N ILE A 61 0.71 6.45 0.47
CA ILE A 61 -0.21 6.41 -0.66
C ILE A 61 -0.94 7.75 -0.81
N GLU A 62 -1.37 8.36 0.29
CA GLU A 62 -1.96 9.69 0.31
C GLU A 62 -0.97 10.72 -0.24
N ASP A 63 0.31 10.62 0.15
CA ASP A 63 1.37 11.50 -0.34
C ASP A 63 1.53 11.35 -1.87
N MET A 64 1.55 10.12 -2.38
CA MET A 64 1.59 9.87 -3.82
C MET A 64 0.37 10.46 -4.53
N GLY A 65 -0.80 10.41 -3.88
CA GLY A 65 -1.99 11.12 -4.33
C GLY A 65 -3.13 10.17 -4.70
N PHE A 66 -3.56 9.35 -3.73
CA PHE A 66 -4.74 8.50 -3.85
C PHE A 66 -5.49 8.51 -2.53
N ASP A 67 -6.82 8.41 -2.58
CA ASP A 67 -7.66 8.35 -1.39
C ASP A 67 -7.56 6.96 -0.79
N ALA A 68 -6.61 6.79 0.13
CA ALA A 68 -6.31 5.53 0.78
C ALA A 68 -6.97 5.50 2.17
N THR A 69 -7.64 4.38 2.47
CA THR A 69 -8.34 4.15 3.73
C THR A 69 -8.12 2.68 4.12
N LEU A 70 -8.16 2.37 5.42
CA LEU A 70 -7.98 1.00 5.89
C LEU A 70 -9.19 0.16 5.46
N SER A 71 -8.96 -1.12 5.14
CA SER A 71 -10.05 -2.08 4.93
C SER A 71 -10.92 -2.18 6.19
N ASP A 72 -10.28 -2.29 7.36
CA ASP A 72 -10.91 -2.32 8.66
C ASP A 72 -9.90 -1.86 9.73
N LEU A 1 8.91 -9.78 12.51
CA LEU A 1 7.45 -9.86 12.72
C LEU A 1 6.71 -9.65 11.39
N THR A 2 5.64 -10.42 11.18
CA THR A 2 4.90 -10.48 9.92
C THR A 2 3.42 -10.18 10.18
N GLN A 3 2.98 -8.96 9.85
CA GLN A 3 1.58 -8.55 9.82
C GLN A 3 1.19 -8.18 8.39
N GLU A 4 -0.11 -8.10 8.12
CA GLU A 4 -0.65 -7.76 6.81
C GLU A 4 -1.75 -6.70 6.96
N THR A 5 -1.86 -5.83 5.96
CA THR A 5 -2.89 -4.79 5.88
C THR A 5 -3.40 -4.69 4.45
N VAL A 6 -4.72 -4.47 4.31
CA VAL A 6 -5.39 -4.24 3.04
C VAL A 6 -5.88 -2.80 3.05
N ILE A 7 -5.17 -1.92 2.34
CA ILE A 7 -5.46 -0.49 2.26
C ILE A 7 -6.20 -0.24 0.96
N ASN A 8 -7.48 0.14 1.05
CA ASN A 8 -8.30 0.48 -0.12
C ASN A 8 -7.74 1.74 -0.77
N ILE A 9 -7.40 1.65 -2.06
CA ILE A 9 -6.89 2.75 -2.86
C ILE A 9 -7.97 3.11 -3.87
N ASP A 10 -8.38 4.38 -3.91
CA ASP A 10 -9.35 4.88 -4.87
C ASP A 10 -8.85 6.17 -5.52
N GLY A 11 -9.28 6.41 -6.77
CA GLY A 11 -8.92 7.57 -7.56
C GLY A 11 -7.68 7.31 -8.43
N MET A 12 -7.54 6.09 -8.96
CA MET A 12 -6.48 5.74 -9.90
C MET A 12 -6.97 6.02 -11.32
N THR A 13 -6.06 6.46 -12.19
CA THR A 13 -6.35 6.72 -13.59
C THR A 13 -6.23 5.43 -14.39
N CYS A 14 -5.18 4.65 -14.13
CA CYS A 14 -4.88 3.42 -14.87
C CYS A 14 -3.88 2.56 -14.09
N ASN A 15 -3.44 1.45 -14.70
CA ASN A 15 -2.55 0.46 -14.10
C ASN A 15 -1.17 1.02 -13.71
N SER A 16 -0.69 2.08 -14.39
CA SER A 16 0.60 2.68 -14.09
C SER A 16 0.65 3.19 -12.65
N CYS A 17 -0.48 3.66 -12.11
CA CYS A 17 -0.60 4.10 -10.73
C CYS A 17 -0.30 2.92 -9.81
N VAL A 18 -1.03 1.82 -9.98
CA VAL A 18 -0.88 0.59 -9.20
C VAL A 18 0.57 0.09 -9.24
N GLN A 19 1.18 0.05 -10.43
CA GLN A 19 2.58 -0.32 -10.61
C GLN A 19 3.48 0.59 -9.78
N SER A 20 3.34 1.91 -9.93
CA SER A 20 4.17 2.90 -9.25
C SER A 20 4.06 2.75 -7.73
N ILE A 21 2.84 2.72 -7.20
CA ILE A 21 2.54 2.54 -5.78
C ILE A 21 3.27 1.30 -5.26
N GLU A 22 3.07 0.16 -5.92
CA GLU A 22 3.70 -1.10 -5.54
C GLU A 22 5.23 -0.95 -5.48
N GLY A 23 5.84 -0.44 -6.55
CA GLY A 23 7.27 -0.23 -6.66
C GLY A 23 7.83 0.60 -5.51
N VAL A 24 7.22 1.77 -5.25
CA VAL A 24 7.63 2.67 -4.19
C VAL A 24 7.55 1.96 -2.82
N ILE A 25 6.40 1.36 -2.50
CA ILE A 25 6.17 0.72 -1.22
C ILE A 25 7.13 -0.45 -0.98
N SER A 26 7.46 -1.23 -2.02
CA SER A 26 8.41 -2.33 -1.93
C SER A 26 9.75 -1.93 -1.32
N LYS A 27 10.16 -0.66 -1.49
CA LYS A 27 11.47 -0.17 -1.04
C LYS A 27 11.42 0.37 0.39
N LYS A 28 10.24 0.49 1.00
CA LYS A 28 10.11 1.00 2.37
C LYS A 28 10.59 -0.05 3.38
N PRO A 29 11.33 0.34 4.41
CA PRO A 29 11.83 -0.59 5.42
C PRO A 29 10.66 -1.16 6.22
N GLY A 30 10.64 -2.48 6.37
CA GLY A 30 9.55 -3.20 7.01
C GLY A 30 8.75 -4.01 6.00
N VAL A 31 8.52 -3.46 4.79
CA VAL A 31 7.72 -4.12 3.77
C VAL A 31 8.44 -5.38 3.29
N LYS A 32 7.69 -6.46 3.14
CA LYS A 32 8.17 -7.77 2.71
C LYS A 32 7.58 -8.05 1.32
N SER A 33 6.51 -8.85 1.24
CA SER A 33 5.78 -9.08 0.00
C SER A 33 4.65 -8.04 -0.12
N ILE A 34 4.22 -7.77 -1.36
CA ILE A 34 3.16 -6.82 -1.64
C ILE A 34 2.42 -7.21 -2.93
N ARG A 35 1.11 -6.94 -2.95
CA ARG A 35 0.27 -7.04 -4.14
C ARG A 35 -0.70 -5.86 -4.13
N VAL A 36 -0.48 -4.88 -5.01
CA VAL A 36 -1.40 -3.80 -5.28
C VAL A 36 -2.20 -4.17 -6.53
N SER A 37 -3.53 -4.07 -6.45
CA SER A 37 -4.45 -4.51 -7.49
C SER A 37 -5.36 -3.37 -7.92
N LEU A 38 -5.46 -3.16 -9.24
CA LEU A 38 -6.40 -2.23 -9.85
C LEU A 38 -7.81 -2.81 -9.75
N ALA A 39 -7.96 -4.09 -10.13
CA ALA A 39 -9.23 -4.81 -10.14
C ALA A 39 -9.90 -4.77 -8.77
N ASN A 40 -9.15 -5.05 -7.70
CA ASN A 40 -9.65 -5.04 -6.33
C ASN A 40 -9.52 -3.64 -5.70
N SER A 41 -8.85 -2.70 -6.37
CA SER A 41 -8.71 -1.31 -5.96
C SER A 41 -8.17 -1.21 -4.53
N ASN A 42 -7.03 -1.87 -4.28
CA ASN A 42 -6.45 -1.94 -2.95
C ASN A 42 -4.96 -2.28 -3.00
N GLY A 43 -4.31 -2.16 -1.83
CA GLY A 43 -2.91 -2.45 -1.59
C GLY A 43 -2.82 -3.46 -0.46
N THR A 44 -2.47 -4.71 -0.78
CA THR A 44 -2.33 -5.80 0.17
C THR A 44 -0.84 -5.93 0.46
N VAL A 45 -0.42 -5.30 1.56
CA VAL A 45 0.98 -5.15 1.94
C VAL A 45 1.25 -6.04 3.16
N GLU A 46 2.29 -6.89 3.08
CA GLU A 46 2.82 -7.62 4.23
C GLU A 46 4.04 -6.85 4.72
N TYR A 47 4.10 -6.58 6.04
CA TYR A 47 5.06 -5.67 6.62
C TYR A 47 5.44 -6.06 8.05
N ASP A 48 6.46 -5.38 8.58
CA ASP A 48 6.91 -5.49 9.96
C ASP A 48 6.49 -4.23 10.74
N PRO A 49 5.59 -4.36 11.73
CA PRO A 49 5.16 -3.28 12.64
C PRO A 49 6.29 -2.40 13.19
N LEU A 50 7.45 -3.00 13.47
CA LEU A 50 8.57 -2.30 14.09
C LEU A 50 9.14 -1.21 13.16
N LEU A 51 9.08 -1.42 11.85
CA LEU A 51 9.73 -0.56 10.85
C LEU A 51 8.72 0.28 10.06
N THR A 52 7.50 -0.20 9.87
CA THR A 52 6.42 0.56 9.25
C THR A 52 5.07 0.14 9.83
N SER A 53 3.98 0.81 9.45
CA SER A 53 2.65 0.58 10.00
C SER A 53 1.58 0.82 8.92
N PRO A 54 0.34 0.33 9.12
CA PRO A 54 -0.78 0.61 8.24
C PRO A 54 -0.96 2.11 7.99
N GLU A 55 -0.81 2.92 9.04
CA GLU A 55 -0.98 4.37 8.98
C GLU A 55 0.15 5.01 8.15
N THR A 56 1.39 4.54 8.30
CA THR A 56 2.52 5.02 7.50
C THR A 56 2.26 4.75 6.01
N LEU A 57 1.89 3.51 5.69
CA LEU A 57 1.62 3.06 4.32
C LEU A 57 0.46 3.86 3.71
N ARG A 58 -0.64 4.00 4.46
CA ARG A 58 -1.79 4.81 4.09
C ARG A 58 -1.35 6.24 3.77
N GLY A 59 -0.59 6.85 4.69
CA GLY A 59 -0.05 8.20 4.55
C GLY A 59 0.76 8.36 3.26
N ALA A 60 1.62 7.38 2.96
CA ALA A 60 2.44 7.38 1.76
C ALA A 60 1.58 7.36 0.50
N ILE A 61 0.59 6.47 0.44
CA ILE A 61 -0.35 6.38 -0.68
C ILE A 61 -1.11 7.70 -0.85
N GLU A 62 -1.51 8.32 0.27
CA GLU A 62 -2.20 9.60 0.27
C GLU A 62 -1.29 10.70 -0.27
N ASP A 63 0.00 10.69 0.10
CA ASP A 63 1.00 11.63 -0.38
C ASP A 63 1.23 11.46 -1.89
N MET A 64 1.30 10.21 -2.37
CA MET A 64 1.38 9.91 -3.80
C MET A 64 0.18 10.52 -4.52
N GLY A 65 -1.02 10.44 -3.93
CA GLY A 65 -2.20 11.16 -4.38
C GLY A 65 -3.35 10.21 -4.72
N PHE A 66 -3.71 9.33 -3.78
CA PHE A 66 -4.85 8.43 -3.91
C PHE A 66 -5.57 8.32 -2.57
N ASP A 67 -6.90 8.19 -2.61
CA ASP A 67 -7.72 8.08 -1.41
C ASP A 67 -7.43 6.74 -0.72
N ALA A 68 -6.62 6.80 0.35
CA ALA A 68 -6.12 5.64 1.07
C ALA A 68 -6.89 5.47 2.38
N THR A 69 -7.56 4.32 2.57
CA THR A 69 -8.33 4.00 3.76
C THR A 69 -8.16 2.53 4.13
N LEU A 70 -7.97 2.23 5.42
CA LEU A 70 -7.72 0.88 5.89
C LEU A 70 -9.01 0.04 5.85
N SER A 71 -8.90 -1.23 5.41
CA SER A 71 -9.97 -2.20 5.55
C SER A 71 -9.97 -2.71 6.99
N ASP A 72 -8.77 -2.98 7.51
CA ASP A 72 -8.50 -3.48 8.85
C ASP A 72 -8.89 -2.43 9.90
#